data_3ZFJ
#
_entry.id   3ZFJ
#
_cell.length_a   1.000
_cell.length_b   1.000
_cell.length_c   1.000
_cell.angle_alpha   90.00
_cell.angle_beta   90.00
_cell.angle_gamma   90.00
#
_symmetry.space_group_name_H-M   'P 1'
#
loop_
_entity.id
_entity.type
_entity.pdbx_description
1 polymer 'PNEUMOCOCCAL HISTIDINE TRIAD PROTEIN D'
2 non-polymer 'ZINC ION'
#
_entity_poly.entity_id   1
_entity_poly.type   'polypeptide(L)'
_entity_poly.pdbx_seq_one_letter_code
;GGQVKKESNRVSYIDGDQAGQKAENLTPDEVSKREGINAEQIVIKITDQGYVTSHGDHYHYYNGKVPYDAIISEELLMKD
PNYQLKDSDIVNEIKGGYVIKVDGKYYVYLKDAAHADNIRTKEEIKRQKQERSHNHNS
;
_entity_poly.pdbx_strand_id   A
#
loop_
_chem_comp.id
_chem_comp.type
_chem_comp.name
_chem_comp.formula
ZN non-polymer 'ZINC ION' 'Zn 2'
#
# COMPACT_ATOMS: atom_id res chain seq x y z
N SER A 12 -13.71 18.78 -1.97
CA SER A 12 -12.75 19.41 -2.91
C SER A 12 -11.33 19.01 -2.55
N TYR A 13 -10.80 18.01 -3.27
CA TYR A 13 -9.44 17.53 -3.05
C TYR A 13 -9.23 17.11 -1.60
N ILE A 14 -10.06 16.18 -1.15
CA ILE A 14 -10.01 15.71 0.23
C ILE A 14 -10.72 14.37 0.39
N ASP A 15 -11.96 14.28 -0.08
CA ASP A 15 -12.75 13.07 0.05
C ASP A 15 -12.19 11.96 -0.83
N GLY A 16 -11.76 10.88 -0.20
CA GLY A 16 -11.14 9.79 -0.93
C GLY A 16 -9.78 10.16 -1.46
N ASP A 17 -9.26 11.29 -0.98
CA ASP A 17 -7.96 11.77 -1.41
C ASP A 17 -7.02 11.87 -0.22
N GLN A 18 -7.11 12.96 0.53
CA GLN A 18 -6.25 13.15 1.69
C GLN A 18 -6.94 12.68 2.96
N ALA A 19 -8.27 12.68 2.92
CA ALA A 19 -9.06 12.30 4.07
C ALA A 19 -9.70 10.93 3.87
N GLY A 20 -10.63 10.59 4.73
CA GLY A 20 -11.27 9.29 4.68
C GLY A 20 -11.44 8.70 6.06
N GLN A 21 -12.28 7.68 6.18
CA GLN A 21 -12.47 7.03 7.46
C GLN A 21 -11.36 6.03 7.71
N LYS A 22 -11.07 5.79 8.99
CA LYS A 22 -9.96 4.94 9.43
C LYS A 22 -8.62 5.63 9.24
N ALA A 23 -7.72 5.35 10.16
CA ALA A 23 -6.34 5.83 10.09
C ALA A 23 -5.58 5.32 11.31
N GLU A 24 -5.18 4.06 11.23
CA GLU A 24 -4.42 3.43 12.30
C GLU A 24 -3.12 4.17 12.56
N ASN A 25 -2.70 4.21 13.81
CA ASN A 25 -1.46 4.88 14.20
C ASN A 25 -0.32 3.88 14.26
N LEU A 26 -0.66 2.65 14.60
CA LEU A 26 0.31 1.56 14.68
C LEU A 26 0.60 0.98 13.31
N THR A 27 1.43 -0.06 13.28
CA THR A 27 1.85 -0.66 12.02
C THR A 27 0.73 -1.50 11.41
N PRO A 28 0.75 -1.68 10.07
CA PRO A 28 -0.24 -2.49 9.36
C PRO A 28 -0.35 -3.91 9.90
N ASP A 29 0.74 -4.43 10.46
CA ASP A 29 0.72 -5.74 11.09
C ASP A 29 -0.07 -5.68 12.38
N GLU A 30 0.23 -4.67 13.18
CA GLU A 30 -0.49 -4.41 14.40
C GLU A 30 -1.96 -4.13 14.11
N VAL A 31 -2.23 -3.55 12.94
CA VAL A 31 -3.60 -3.29 12.49
C VAL A 31 -4.40 -4.58 12.36
N SER A 32 -3.90 -5.46 11.52
CA SER A 32 -4.60 -6.63 11.11
C SER A 32 -4.82 -7.62 12.25
N LYS A 33 -3.73 -8.11 12.79
CA LYS A 33 -3.75 -9.08 13.88
C LYS A 33 -4.58 -8.56 15.07
N ARG A 34 -4.68 -7.24 15.20
CA ARG A 34 -5.56 -6.63 16.17
C ARG A 34 -7.02 -6.95 15.88
N GLU A 35 -7.44 -6.63 14.66
CA GLU A 35 -8.85 -6.70 14.30
C GLU A 35 -9.31 -8.11 13.98
N GLY A 36 -8.40 -8.92 13.46
CA GLY A 36 -8.75 -10.30 13.19
C GLY A 36 -8.13 -10.84 11.92
N ILE A 37 -8.34 -10.15 10.82
CA ILE A 37 -7.81 -10.62 9.53
C ILE A 37 -6.31 -10.45 9.48
N ASN A 38 -5.62 -11.42 8.89
CA ASN A 38 -4.17 -11.38 8.77
C ASN A 38 -3.79 -11.43 7.29
N ALA A 39 -4.75 -11.08 6.44
CA ALA A 39 -4.55 -11.11 5.00
C ALA A 39 -3.52 -10.09 4.53
N GLU A 40 -3.12 -10.20 3.27
CA GLU A 40 -2.14 -9.30 2.67
C GLU A 40 -2.70 -7.90 2.53
N GLN A 41 -1.93 -6.91 2.94
CA GLN A 41 -2.34 -5.53 2.85
C GLN A 41 -1.97 -4.95 1.50
N ILE A 42 -2.97 -4.75 0.66
CA ILE A 42 -2.77 -4.23 -0.69
C ILE A 42 -3.04 -2.74 -0.73
N VAL A 43 -1.99 -1.94 -0.67
CA VAL A 43 -2.13 -0.48 -0.70
C VAL A 43 -2.69 -0.06 -2.07
N ILE A 44 -3.92 0.44 -2.06
CA ILE A 44 -4.58 0.86 -3.29
C ILE A 44 -4.53 2.37 -3.46
N LYS A 45 -4.34 3.08 -2.35
CA LYS A 45 -4.19 4.51 -2.40
C LYS A 45 -3.09 4.96 -1.46
N ILE A 46 -2.24 5.84 -1.96
CA ILE A 46 -1.10 6.33 -1.20
C ILE A 46 -1.19 7.85 -1.03
N THR A 47 -0.90 8.35 0.16
CA THR A 47 -0.79 9.78 0.38
C THR A 47 0.33 10.07 1.38
N ASP A 48 0.61 11.35 1.62
CA ASP A 48 1.59 11.72 2.63
C ASP A 48 0.99 11.58 4.02
N GLN A 49 -0.34 11.52 4.05
CA GLN A 49 -1.09 11.42 5.30
C GLN A 49 -1.45 9.98 5.59
N GLY A 50 -0.73 9.07 4.96
CA GLY A 50 -0.97 7.66 5.16
C GLY A 50 -1.44 7.00 3.89
N TYR A 51 -1.87 5.76 3.96
CA TYR A 51 -2.36 5.08 2.78
C TYR A 51 -3.58 4.25 3.11
N VAL A 52 -4.28 3.81 2.07
CA VAL A 52 -5.45 3.00 2.23
C VAL A 52 -5.25 1.68 1.51
N THR A 53 -5.43 0.58 2.23
CA THR A 53 -5.18 -0.73 1.69
C THR A 53 -6.47 -1.50 1.50
N SER A 54 -6.51 -2.34 0.47
CA SER A 54 -7.61 -3.26 0.29
C SER A 54 -7.16 -4.63 0.78
N HIS A 55 -7.37 -4.91 2.04
CA HIS A 55 -6.86 -6.13 2.63
C HIS A 55 -7.97 -6.92 3.30
N GLY A 56 -7.79 -8.23 3.34
CA GLY A 56 -8.81 -9.10 3.89
C GLY A 56 -10.06 -9.11 3.05
N ASP A 57 -10.99 -8.24 3.39
CA ASP A 57 -12.24 -8.10 2.65
C ASP A 57 -12.55 -6.64 2.38
N HIS A 58 -11.83 -5.75 3.05
CA HIS A 58 -12.23 -4.36 3.11
C HIS A 58 -11.08 -3.41 2.83
N TYR A 59 -11.40 -2.13 2.92
CA TYR A 59 -10.40 -1.09 2.79
C TYR A 59 -10.00 -0.63 4.17
N HIS A 60 -8.71 -0.61 4.44
CA HIS A 60 -8.24 -0.17 5.73
C HIS A 60 -7.28 0.99 5.56
N TYR A 61 -7.53 2.04 6.31
CA TYR A 61 -6.81 3.29 6.16
C TYR A 61 -5.93 3.52 7.39
N TYR A 62 -4.71 3.96 7.18
CA TYR A 62 -3.83 4.32 8.29
C TYR A 62 -2.73 5.28 7.84
N ASN A 63 -1.98 5.78 8.82
CA ASN A 63 -0.91 6.73 8.56
C ASN A 63 0.42 6.12 9.00
N GLY A 64 1.48 6.47 8.30
CA GLY A 64 2.78 5.90 8.57
C GLY A 64 3.50 5.58 7.29
N LYS A 65 4.35 4.55 7.33
CA LYS A 65 5.06 4.08 6.16
C LYS A 65 4.65 2.66 5.78
N VAL A 66 4.67 2.38 4.48
CA VAL A 66 4.42 1.04 3.96
C VAL A 66 5.53 0.11 4.43
N PRO A 67 5.19 -1.06 5.00
CA PRO A 67 6.19 -2.02 5.43
C PRO A 67 6.89 -2.67 4.26
N TYR A 68 8.04 -3.26 4.51
CA TYR A 68 8.88 -3.76 3.44
C TYR A 68 8.12 -4.80 2.59
N ASP A 69 7.33 -5.65 3.24
CA ASP A 69 6.70 -6.76 2.54
C ASP A 69 5.22 -6.50 2.24
N ALA A 70 4.81 -5.25 2.26
CA ALA A 70 3.42 -4.90 1.93
C ALA A 70 3.14 -5.09 0.45
N ILE A 71 1.87 -5.23 0.12
CA ILE A 71 1.44 -5.45 -1.24
C ILE A 71 0.85 -4.17 -1.84
N ILE A 72 1.10 -3.94 -3.12
CA ILE A 72 0.61 -2.76 -3.80
C ILE A 72 -0.38 -3.12 -4.91
N SER A 73 -1.30 -2.21 -5.16
CA SER A 73 -2.20 -2.31 -6.30
C SER A 73 -1.45 -1.99 -7.59
N GLU A 74 -1.77 -2.76 -8.62
CA GLU A 74 -1.18 -2.58 -9.95
C GLU A 74 -1.46 -1.19 -10.50
N GLU A 75 -2.51 -0.57 -9.98
CA GLU A 75 -2.86 0.79 -10.36
C GLU A 75 -1.82 1.80 -9.87
N LEU A 76 -1.12 1.46 -8.79
CA LEU A 76 -0.20 2.40 -8.16
C LEU A 76 1.23 2.22 -8.62
N LEU A 77 1.58 1.02 -9.06
CA LEU A 77 2.96 0.73 -9.42
C LEU A 77 3.40 1.61 -10.60
N MET A 78 4.69 1.86 -10.68
CA MET A 78 5.27 2.73 -11.68
C MET A 78 5.92 1.94 -12.80
N LYS A 79 5.28 1.90 -13.95
CA LYS A 79 5.96 1.50 -15.16
C LYS A 79 5.99 2.69 -16.10
N ASP A 80 7.13 3.34 -16.16
CA ASP A 80 7.30 4.48 -17.04
C ASP A 80 8.47 4.23 -17.97
N PRO A 81 8.32 4.55 -19.26
CA PRO A 81 9.38 4.31 -20.24
C PRO A 81 10.52 5.30 -20.12
N ASN A 82 10.27 6.42 -19.45
CA ASN A 82 11.30 7.44 -19.28
C ASN A 82 11.78 7.50 -17.83
N TYR A 83 10.97 7.00 -16.90
CA TYR A 83 11.28 7.18 -15.48
C TYR A 83 12.10 6.03 -14.93
N GLN A 84 13.19 6.39 -14.28
CA GLN A 84 13.95 5.48 -13.48
C GLN A 84 13.91 5.94 -12.03
N LEU A 85 14.03 4.99 -11.13
CA LEU A 85 13.89 5.24 -9.71
C LEU A 85 14.85 6.31 -9.23
N LYS A 86 14.30 7.42 -8.78
CA LYS A 86 15.11 8.54 -8.31
C LYS A 86 14.98 8.68 -6.80
N ASP A 87 16.13 8.84 -6.16
CA ASP A 87 16.18 8.94 -4.70
C ASP A 87 15.52 10.23 -4.23
N SER A 88 15.29 11.13 -5.18
CA SER A 88 14.63 12.41 -4.90
C SER A 88 13.13 12.20 -4.70
N ASP A 89 12.61 11.11 -5.23
CA ASP A 89 11.18 10.84 -5.15
C ASP A 89 10.90 9.71 -4.16
N ILE A 90 11.92 8.91 -3.89
CA ILE A 90 11.80 7.80 -2.95
C ILE A 90 11.46 8.29 -1.55
N VAL A 91 10.31 7.86 -1.05
CA VAL A 91 9.92 8.13 0.31
C VAL A 91 10.23 6.92 1.18
N ASN A 92 9.98 5.74 0.62
CA ASN A 92 10.24 4.48 1.32
C ASN A 92 10.49 3.34 0.32
N GLU A 93 11.03 2.24 0.82
CA GLU A 93 11.34 1.09 -0.02
C GLU A 93 10.60 -0.15 0.46
N ILE A 94 10.08 -0.91 -0.48
CA ILE A 94 9.45 -2.18 -0.17
C ILE A 94 10.17 -3.27 -0.97
N LYS A 95 9.70 -4.49 -0.86
CA LYS A 95 10.38 -5.62 -1.48
C LYS A 95 10.22 -5.58 -2.99
N GLY A 96 11.31 -5.35 -3.68
CA GLY A 96 11.28 -5.31 -5.12
C GLY A 96 10.81 -3.98 -5.65
N GLY A 97 9.88 -3.35 -4.95
CA GLY A 97 9.38 -2.06 -5.38
C GLY A 97 9.74 -0.93 -4.43
N TYR A 98 9.52 0.29 -4.88
CA TYR A 98 9.72 1.46 -4.05
C TYR A 98 8.47 2.30 -4.02
N VAL A 99 7.93 2.52 -2.83
CA VAL A 99 6.83 3.44 -2.69
C VAL A 99 7.38 4.86 -2.78
N ILE A 100 7.05 5.52 -3.87
CA ILE A 100 7.72 6.76 -4.24
C ILE A 100 6.74 7.87 -4.53
N LYS A 101 7.17 9.09 -4.34
CA LYS A 101 6.35 10.24 -4.65
C LYS A 101 7.03 11.05 -5.75
N VAL A 102 6.52 10.94 -6.95
CA VAL A 102 7.08 11.63 -8.10
C VAL A 102 6.02 12.50 -8.75
N ASP A 103 6.42 13.71 -9.14
CA ASP A 103 5.54 14.63 -9.87
C ASP A 103 4.32 15.02 -9.03
N GLY A 104 4.48 14.92 -7.72
CA GLY A 104 3.39 15.27 -6.81
C GLY A 104 2.41 14.15 -6.65
N LYS A 105 2.78 12.97 -7.12
CA LYS A 105 1.94 11.79 -7.02
C LYS A 105 2.70 10.63 -6.44
N TYR A 106 1.99 9.62 -6.00
CA TYR A 106 2.61 8.48 -5.36
C TYR A 106 2.50 7.24 -6.21
N TYR A 107 3.60 6.53 -6.31
CA TYR A 107 3.69 5.32 -7.11
C TYR A 107 4.48 4.27 -6.39
N VAL A 108 4.58 3.10 -7.00
CA VAL A 108 5.44 2.05 -6.49
C VAL A 108 6.32 1.53 -7.61
N TYR A 109 7.60 1.82 -7.52
CA TYR A 109 8.54 1.46 -8.55
C TYR A 109 8.90 0.01 -8.46
N LEU A 110 8.34 -0.77 -9.36
CA LEU A 110 8.60 -2.17 -9.38
C LEU A 110 9.80 -2.50 -10.23
N LYS A 111 10.79 -3.08 -9.61
CA LYS A 111 11.99 -3.52 -10.31
C LYS A 111 11.69 -4.76 -11.13
N ASP A 112 10.65 -5.48 -10.72
CA ASP A 112 10.23 -6.68 -11.42
C ASP A 112 8.72 -6.64 -11.61
N ALA A 113 8.31 -6.04 -12.71
CA ALA A 113 6.89 -5.90 -13.03
C ALA A 113 6.33 -7.19 -13.61
N ALA A 114 7.20 -8.15 -13.88
CA ALA A 114 6.80 -9.35 -14.59
C ALA A 114 6.29 -10.44 -13.65
N HIS A 115 6.99 -10.67 -12.55
CA HIS A 115 6.66 -11.78 -11.66
C HIS A 115 5.90 -11.29 -10.43
N ALA A 116 5.52 -10.02 -10.48
CA ALA A 116 4.77 -9.37 -9.41
C ALA A 116 5.56 -9.28 -8.12
N ASP A 117 6.23 -8.17 -7.97
CA ASP A 117 6.93 -7.84 -6.74
C ASP A 117 5.98 -7.12 -5.83
N ASN A 118 4.97 -7.87 -5.40
CA ASN A 118 3.96 -7.44 -4.45
C ASN A 118 2.83 -6.72 -5.15
N ILE A 119 2.40 -7.22 -6.29
CA ILE A 119 1.35 -6.53 -7.03
C ILE A 119 0.16 -7.42 -7.32
N ARG A 120 -0.98 -7.00 -6.81
CA ARG A 120 -2.25 -7.56 -7.17
C ARG A 120 -2.92 -6.66 -8.19
N THR A 121 -3.36 -7.23 -9.29
CA THR A 121 -4.14 -6.49 -10.27
C THR A 121 -5.46 -6.07 -9.66
N LYS A 122 -6.14 -5.14 -10.28
CA LYS A 122 -7.45 -4.73 -9.82
C LYS A 122 -8.37 -5.94 -9.79
N GLU A 123 -8.18 -6.83 -10.76
CA GLU A 123 -8.89 -8.09 -10.80
C GLU A 123 -8.48 -8.99 -9.64
N GLU A 124 -7.17 -9.12 -9.42
CA GLU A 124 -6.66 -9.99 -8.38
C GLU A 124 -7.00 -9.47 -7.01
N ILE A 125 -6.98 -8.16 -6.84
CA ILE A 125 -7.29 -7.54 -5.57
C ILE A 125 -8.66 -8.01 -5.08
N LYS A 126 -9.62 -8.04 -5.99
CA LYS A 126 -10.96 -8.50 -5.67
C LYS A 126 -10.98 -10.00 -5.40
N ARG A 127 -10.03 -10.72 -5.98
CA ARG A 127 -9.90 -12.15 -5.73
C ARG A 127 -9.20 -12.40 -4.40
N GLN A 128 -8.25 -11.53 -4.09
CA GLN A 128 -7.49 -11.59 -2.86
C GLN A 128 -8.34 -11.16 -1.67
N LYS A 129 -9.43 -10.46 -1.95
CA LYS A 129 -10.33 -9.99 -0.90
C LYS A 129 -11.44 -11.01 -0.64
N GLN A 130 -11.43 -12.10 -1.38
CA GLN A 130 -12.41 -13.16 -1.21
C GLN A 130 -12.01 -14.08 -0.06
N GLU A 131 -11.14 -14.95 -0.28
ZN ZN B . -8.51 -4.23 8.07
N SER A 12 -21.84 8.05 7.68
CA SER A 12 -22.60 8.36 8.91
C SER A 12 -21.78 9.28 9.81
N TYR A 13 -22.47 10.12 10.59
CA TYR A 13 -21.80 11.02 11.51
C TYR A 13 -22.15 10.65 12.93
N ILE A 14 -21.17 10.71 13.82
CA ILE A 14 -21.34 10.29 15.19
C ILE A 14 -20.75 11.32 16.13
N ASP A 15 -21.58 11.79 17.03
CA ASP A 15 -21.15 12.61 18.15
C ASP A 15 -19.98 11.92 18.86
N GLY A 16 -18.85 12.59 18.94
CA GLY A 16 -17.67 11.90 19.42
C GLY A 16 -16.99 11.20 18.27
N ASP A 17 -16.70 11.96 17.22
CA ASP A 17 -16.19 11.43 15.95
C ASP A 17 -15.05 10.41 16.13
N GLN A 18 -14.29 10.54 17.21
CA GLN A 18 -13.19 9.62 17.47
C GLN A 18 -13.69 8.27 18.00
N ALA A 19 -14.97 8.00 17.78
CA ALA A 19 -15.53 6.68 18.06
C ALA A 19 -14.98 5.67 17.06
N GLY A 20 -13.98 4.93 17.48
CA GLY A 20 -13.29 4.03 16.59
C GLY A 20 -12.12 4.72 15.91
N GLN A 21 -11.04 3.99 15.72
CA GLN A 21 -9.84 4.58 15.16
C GLN A 21 -9.68 4.23 13.70
N LYS A 22 -8.81 4.97 13.03
CA LYS A 22 -8.42 4.69 11.65
C LYS A 22 -7.03 5.25 11.43
N ALA A 23 -6.47 4.97 10.26
CA ALA A 23 -5.08 5.28 9.99
C ALA A 23 -4.22 4.53 10.99
N GLU A 24 -4.33 3.20 10.93
CA GLU A 24 -3.75 2.29 11.91
C GLU A 24 -2.33 2.68 12.33
N ASN A 25 -2.14 2.82 13.64
CA ASN A 25 -0.84 3.16 14.19
C ASN A 25 -0.06 1.90 14.56
N LEU A 26 -0.78 0.79 14.70
CA LEU A 26 -0.18 -0.49 15.05
C LEU A 26 0.60 -1.05 13.87
N THR A 27 1.40 -2.09 14.13
CA THR A 27 2.19 -2.72 13.07
C THR A 27 1.27 -3.56 12.18
N PRO A 28 1.62 -3.73 10.89
CA PRO A 28 0.72 -4.37 9.91
C PRO A 28 0.17 -5.71 10.38
N ASP A 29 1.02 -6.47 11.06
CA ASP A 29 0.66 -7.79 11.54
C ASP A 29 -0.38 -7.67 12.63
N GLU A 30 -0.10 -6.79 13.58
CA GLU A 30 -0.99 -6.54 14.69
C GLU A 30 -2.33 -5.99 14.20
N VAL A 31 -2.27 -5.18 13.16
CA VAL A 31 -3.48 -4.61 12.55
C VAL A 31 -4.42 -5.73 12.17
N SER A 32 -3.95 -6.56 11.27
CA SER A 32 -4.69 -7.65 10.73
C SER A 32 -5.11 -8.64 11.82
N LYS A 33 -4.12 -9.18 12.51
CA LYS A 33 -4.33 -10.15 13.57
C LYS A 33 -5.41 -9.73 14.56
N ARG A 34 -5.37 -8.47 14.99
CA ARG A 34 -6.34 -7.96 15.95
C ARG A 34 -7.75 -7.89 15.36
N GLU A 35 -7.85 -7.44 14.12
CA GLU A 35 -9.16 -7.23 13.50
C GLU A 35 -9.76 -8.54 13.00
N GLY A 36 -8.92 -9.54 12.79
CA GLY A 36 -9.39 -10.84 12.40
C GLY A 36 -8.76 -11.36 11.13
N ILE A 37 -8.87 -10.59 10.05
CA ILE A 37 -8.35 -11.01 8.76
C ILE A 37 -6.84 -10.93 8.74
N ASN A 38 -6.20 -11.93 8.14
CA ASN A 38 -4.75 -11.97 8.07
C ASN A 38 -4.28 -11.78 6.64
N ALA A 39 -5.22 -11.40 5.76
CA ALA A 39 -4.93 -11.26 4.34
C ALA A 39 -3.86 -10.20 4.06
N GLU A 40 -3.31 -10.24 2.85
CA GLU A 40 -2.28 -9.30 2.44
C GLU A 40 -2.85 -7.90 2.34
N GLN A 41 -2.17 -6.94 2.96
CA GLN A 41 -2.59 -5.55 2.89
C GLN A 41 -2.15 -4.93 1.57
N ILE A 42 -3.08 -4.82 0.65
CA ILE A 42 -2.80 -4.31 -0.68
C ILE A 42 -3.05 -2.81 -0.74
N VAL A 43 -1.98 -2.03 -0.69
CA VAL A 43 -2.10 -0.57 -0.74
C VAL A 43 -2.69 -0.12 -2.08
N ILE A 44 -3.92 0.36 -2.05
CA ILE A 44 -4.62 0.81 -3.26
C ILE A 44 -4.62 2.32 -3.35
N LYS A 45 -4.32 2.97 -2.24
CA LYS A 45 -4.20 4.40 -2.20
C LYS A 45 -3.03 4.80 -1.34
N ILE A 46 -2.31 5.82 -1.76
CA ILE A 46 -1.16 6.31 -1.01
C ILE A 46 -1.27 7.82 -0.85
N THR A 47 -0.79 8.31 0.28
CA THR A 47 -0.76 9.72 0.54
C THR A 47 0.56 10.10 1.21
N ASP A 48 0.76 11.36 1.48
CA ASP A 48 2.01 11.80 2.08
C ASP A 48 2.11 11.34 3.53
N GLN A 49 0.97 11.15 4.18
CA GLN A 49 0.94 10.77 5.59
C GLN A 49 0.82 9.26 5.78
N GLY A 50 0.25 8.58 4.80
CA GLY A 50 0.04 7.14 4.92
C GLY A 50 -0.58 6.55 3.68
N TYR A 51 -1.37 5.51 3.85
CA TYR A 51 -1.99 4.83 2.71
C TYR A 51 -3.30 4.17 3.11
N VAL A 52 -3.94 3.56 2.13
CA VAL A 52 -5.13 2.76 2.38
C VAL A 52 -4.99 1.43 1.67
N THR A 53 -5.14 0.35 2.41
CA THR A 53 -4.96 -0.98 1.88
C THR A 53 -6.29 -1.69 1.66
N SER A 54 -6.44 -2.35 0.53
CA SER A 54 -7.60 -3.19 0.28
C SER A 54 -7.26 -4.62 0.65
N HIS A 55 -7.53 -4.98 1.89
CA HIS A 55 -7.13 -6.29 2.36
C HIS A 55 -8.32 -7.04 2.96
N GLY A 56 -8.23 -8.36 2.94
CA GLY A 56 -9.30 -9.18 3.46
C GLY A 56 -10.56 -9.08 2.63
N ASP A 57 -11.44 -8.18 3.01
CA ASP A 57 -12.70 -7.98 2.31
C ASP A 57 -12.96 -6.50 2.06
N HIS A 58 -12.14 -5.65 2.63
CA HIS A 58 -12.46 -4.23 2.70
C HIS A 58 -11.27 -3.35 2.43
N TYR A 59 -11.52 -2.05 2.45
CA TYR A 59 -10.47 -1.07 2.37
C TYR A 59 -10.16 -0.58 3.77
N HIS A 60 -8.91 -0.61 4.16
CA HIS A 60 -8.53 -0.25 5.50
C HIS A 60 -7.56 0.93 5.48
N TYR A 61 -7.88 1.95 6.26
CA TYR A 61 -7.09 3.17 6.28
C TYR A 61 -5.93 3.06 7.26
N TYR A 62 -4.74 3.43 6.81
CA TYR A 62 -3.53 3.20 7.58
C TYR A 62 -2.65 4.45 7.50
N ASN A 63 -1.76 4.60 8.46
CA ASN A 63 -0.93 5.80 8.56
C ASN A 63 0.55 5.43 8.73
N GLY A 64 1.42 6.31 8.29
CA GLY A 64 2.84 6.08 8.42
C GLY A 64 3.47 5.61 7.14
N LYS A 65 4.65 5.02 7.24
CA LYS A 65 5.35 4.49 6.08
C LYS A 65 4.83 3.10 5.74
N VAL A 66 5.11 2.68 4.52
CA VAL A 66 4.74 1.35 4.06
C VAL A 66 5.77 0.34 4.54
N PRO A 67 5.34 -0.78 5.13
CA PRO A 67 6.27 -1.81 5.56
C PRO A 67 6.89 -2.49 4.36
N TYR A 68 8.11 -2.97 4.57
CA TYR A 68 8.96 -3.46 3.50
C TYR A 68 8.28 -4.59 2.74
N ASP A 69 7.45 -5.37 3.42
CA ASP A 69 6.81 -6.53 2.80
C ASP A 69 5.33 -6.29 2.51
N ALA A 70 4.90 -5.03 2.50
CA ALA A 70 3.53 -4.70 2.14
C ALA A 70 3.26 -4.99 0.68
N ILE A 71 1.99 -5.22 0.36
CA ILE A 71 1.57 -5.52 -1.00
C ILE A 71 0.96 -4.28 -1.64
N ILE A 72 1.25 -4.04 -2.90
CA ILE A 72 0.76 -2.86 -3.58
C ILE A 72 -0.23 -3.21 -4.70
N SER A 73 -0.99 -2.22 -5.11
CA SER A 73 -1.91 -2.36 -6.21
C SER A 73 -1.24 -1.98 -7.54
N GLU A 74 -1.76 -2.55 -8.59
CA GLU A 74 -1.30 -2.37 -9.95
C GLU A 74 -1.56 -0.95 -10.47
N GLU A 75 -2.62 -0.31 -9.98
CA GLU A 75 -2.92 1.06 -10.36
C GLU A 75 -1.87 2.03 -9.82
N LEU A 76 -1.26 1.68 -8.70
CA LEU A 76 -0.31 2.57 -8.05
C LEU A 76 1.12 2.30 -8.51
N LEU A 77 1.40 1.08 -8.95
CA LEU A 77 2.74 0.73 -9.32
C LEU A 77 3.21 1.57 -10.52
N MET A 78 4.51 1.82 -10.54
CA MET A 78 5.13 2.63 -11.56
C MET A 78 5.97 1.78 -12.50
N LYS A 79 5.51 1.66 -13.73
CA LYS A 79 6.37 1.23 -14.81
C LYS A 79 6.32 2.29 -15.89
N ASP A 80 7.36 3.10 -15.94
CA ASP A 80 7.40 4.24 -16.85
C ASP A 80 8.62 4.13 -17.75
N PRO A 81 8.45 4.23 -19.06
CA PRO A 81 9.56 4.17 -20.01
C PRO A 81 10.40 5.44 -20.02
N ASN A 82 9.85 6.49 -19.42
CA ASN A 82 10.52 7.77 -19.38
C ASN A 82 11.07 8.05 -17.98
N TYR A 83 10.54 7.32 -17.00
CA TYR A 83 10.98 7.50 -15.62
C TYR A 83 11.88 6.36 -15.17
N GLN A 84 12.92 6.73 -14.46
CA GLN A 84 13.79 5.80 -13.81
C GLN A 84 13.88 6.17 -12.34
N LEU A 85 13.94 5.17 -11.48
CA LEU A 85 13.84 5.36 -10.03
C LEU A 85 14.80 6.42 -9.53
N LYS A 86 14.24 7.56 -9.12
CA LYS A 86 15.04 8.68 -8.65
C LYS A 86 15.11 8.66 -7.14
N ASP A 87 16.30 8.91 -6.64
CA ASP A 87 16.56 8.87 -5.19
C ASP A 87 15.83 9.98 -4.48
N SER A 88 15.47 10.99 -5.23
CA SER A 88 14.88 12.18 -4.68
C SER A 88 13.36 12.05 -4.56
N ASP A 89 12.79 11.04 -5.22
CA ASP A 89 11.36 10.81 -5.17
C ASP A 89 11.03 9.65 -4.24
N ILE A 90 12.08 8.96 -3.80
CA ILE A 90 11.93 7.82 -2.91
C ILE A 90 11.52 8.28 -1.52
N VAL A 91 10.35 7.84 -1.09
CA VAL A 91 9.92 8.04 0.27
C VAL A 91 10.23 6.79 1.08
N ASN A 92 10.21 5.66 0.41
CA ASN A 92 10.46 4.36 1.03
C ASN A 92 10.94 3.33 0.01
N GLU A 93 11.52 2.27 0.53
CA GLU A 93 11.87 1.10 -0.24
C GLU A 93 11.16 -0.12 0.30
N ILE A 94 10.30 -0.70 -0.51
CA ILE A 94 9.64 -1.92 -0.15
C ILE A 94 10.24 -3.07 -0.94
N LYS A 95 9.69 -4.25 -0.80
CA LYS A 95 10.28 -5.42 -1.40
C LYS A 95 10.02 -5.45 -2.89
N GLY A 96 11.10 -5.32 -3.65
CA GLY A 96 10.99 -5.36 -5.09
C GLY A 96 10.63 -4.01 -5.69
N GLY A 97 9.79 -3.28 -4.97
CA GLY A 97 9.38 -1.97 -5.43
C GLY A 97 9.81 -0.85 -4.51
N TYR A 98 9.58 0.37 -4.94
CA TYR A 98 9.79 1.55 -4.10
C TYR A 98 8.52 2.36 -4.08
N VAL A 99 7.93 2.57 -2.93
CA VAL A 99 6.78 3.46 -2.88
C VAL A 99 7.30 4.90 -2.93
N ILE A 100 7.01 5.54 -4.03
CA ILE A 100 7.69 6.77 -4.40
C ILE A 100 6.72 7.90 -4.62
N LYS A 101 7.16 9.10 -4.30
CA LYS A 101 6.38 10.29 -4.57
C LYS A 101 7.07 11.09 -5.65
N VAL A 102 6.55 11.02 -6.86
CA VAL A 102 7.15 11.69 -7.99
C VAL A 102 6.13 12.63 -8.61
N ASP A 103 6.56 13.86 -8.90
CA ASP A 103 5.72 14.84 -9.56
C ASP A 103 4.47 15.13 -8.71
N GLY A 104 4.63 14.99 -7.40
CA GLY A 104 3.55 15.28 -6.48
C GLY A 104 2.66 14.08 -6.21
N LYS A 105 2.78 13.07 -7.05
CA LYS A 105 1.91 11.91 -6.96
C LYS A 105 2.66 10.71 -6.42
N TYR A 106 1.92 9.72 -5.99
CA TYR A 106 2.50 8.55 -5.37
C TYR A 106 2.39 7.34 -6.28
N TYR A 107 3.49 6.62 -6.38
CA TYR A 107 3.56 5.42 -7.18
C TYR A 107 4.35 4.37 -6.41
N VAL A 108 4.45 3.20 -6.99
CA VAL A 108 5.31 2.17 -6.45
C VAL A 108 6.17 1.61 -7.56
N TYR A 109 7.46 1.91 -7.49
CA TYR A 109 8.38 1.55 -8.54
C TYR A 109 8.72 0.10 -8.45
N LEU A 110 8.12 -0.66 -9.33
CA LEU A 110 8.34 -2.08 -9.31
C LEU A 110 9.46 -2.46 -10.25
N LYS A 111 10.45 -3.11 -9.69
CA LYS A 111 11.60 -3.56 -10.44
C LYS A 111 11.27 -4.83 -11.23
N ASP A 112 10.15 -5.46 -10.87
CA ASP A 112 9.66 -6.64 -11.58
C ASP A 112 8.15 -6.54 -11.77
N ALA A 113 7.74 -5.60 -12.62
CA ALA A 113 6.33 -5.39 -12.90
C ALA A 113 5.78 -6.50 -13.78
N ALA A 114 6.67 -7.25 -14.40
CA ALA A 114 6.27 -8.28 -15.35
C ALA A 114 5.69 -9.52 -14.67
N HIS A 115 6.22 -9.87 -13.50
CA HIS A 115 5.86 -11.14 -12.87
C HIS A 115 5.22 -10.93 -11.50
N ALA A 116 4.80 -9.68 -11.24
CA ALA A 116 4.25 -9.29 -9.95
C ALA A 116 5.27 -9.40 -8.84
N ASP A 117 5.63 -8.27 -8.30
CA ASP A 117 6.54 -8.19 -7.19
C ASP A 117 5.81 -7.58 -6.02
N ASN A 118 4.79 -8.31 -5.54
CA ASN A 118 3.90 -7.91 -4.43
C ASN A 118 2.78 -7.04 -4.96
N ILE A 119 2.43 -7.24 -6.22
CA ILE A 119 1.30 -6.55 -6.80
C ILE A 119 0.12 -7.49 -6.97
N ARG A 120 -1.01 -7.09 -6.40
CA ARG A 120 -2.27 -7.76 -6.65
C ARG A 120 -3.08 -6.86 -7.55
N THR A 121 -3.46 -7.34 -8.72
CA THR A 121 -4.18 -6.52 -9.68
C THR A 121 -5.59 -6.23 -9.22
N LYS A 122 -6.23 -5.22 -9.78
CA LYS A 122 -7.62 -4.93 -9.46
C LYS A 122 -8.45 -6.18 -9.69
N GLU A 123 -8.01 -6.96 -10.66
CA GLU A 123 -8.61 -8.25 -10.91
C GLU A 123 -8.29 -9.23 -9.79
N GLU A 124 -7.02 -9.35 -9.44
CA GLU A 124 -6.59 -10.29 -8.40
C GLU A 124 -7.11 -9.88 -7.05
N ILE A 125 -7.13 -8.58 -6.77
CA ILE A 125 -7.58 -8.07 -5.50
C ILE A 125 -8.99 -8.57 -5.19
N LYS A 126 -9.84 -8.59 -6.21
CA LYS A 126 -11.22 -9.05 -6.05
C LYS A 126 -11.25 -10.57 -5.85
N ARG A 127 -10.21 -11.24 -6.31
CA ARG A 127 -10.03 -12.66 -6.05
C ARG A 127 -9.51 -12.87 -4.63
N GLN A 128 -8.52 -12.05 -4.28
CA GLN A 128 -7.85 -12.12 -3.01
C GLN A 128 -8.78 -11.72 -1.87
N LYS A 129 -9.80 -10.93 -2.20
CA LYS A 129 -10.74 -10.43 -1.20
C LYS A 129 -11.87 -11.43 -0.94
N GLN A 130 -11.84 -12.56 -1.65
CA GLN A 130 -12.81 -13.60 -1.42
C GLN A 130 -12.42 -14.43 -0.20
N GLU A 131 -11.55 -15.32 -0.32
ZN ZN B . -8.83 -4.38 7.73
N SER A 12 -24.52 -4.06 19.24
CA SER A 12 -23.89 -3.48 18.03
C SER A 12 -22.57 -4.19 17.74
N TYR A 13 -22.04 -3.98 16.54
CA TYR A 13 -20.79 -4.60 16.14
C TYR A 13 -19.90 -3.59 15.42
N ILE A 14 -19.49 -2.56 16.15
CA ILE A 14 -18.69 -1.49 15.58
C ILE A 14 -17.36 -2.03 15.05
N ASP A 15 -16.58 -2.64 15.93
CA ASP A 15 -15.30 -3.19 15.53
C ASP A 15 -14.88 -4.33 16.44
N GLY A 16 -14.95 -4.06 17.72
CA GLY A 16 -14.65 -5.08 18.72
C GLY A 16 -13.26 -4.92 19.32
N ASP A 17 -12.35 -4.31 18.59
CA ASP A 17 -10.99 -4.11 19.09
C ASP A 17 -10.64 -2.62 19.12
N GLN A 18 -10.70 -1.98 17.96
CA GLN A 18 -10.38 -0.57 17.84
C GLN A 18 -11.60 0.29 18.18
N ALA A 19 -12.59 0.24 17.29
CA ALA A 19 -13.88 0.89 17.50
C ALA A 19 -13.74 2.41 17.64
N GLY A 20 -13.68 3.10 16.51
CA GLY A 20 -13.61 4.54 16.55
C GLY A 20 -12.86 5.14 15.37
N GLN A 21 -11.54 5.15 15.45
CA GLN A 21 -10.72 5.86 14.48
C GLN A 21 -10.08 4.92 13.47
N LYS A 22 -9.50 5.51 12.44
CA LYS A 22 -8.74 4.79 11.43
C LYS A 22 -7.38 5.44 11.26
N ALA A 23 -6.64 5.00 10.26
CA ALA A 23 -5.28 5.46 10.01
C ALA A 23 -4.37 4.93 11.11
N GLU A 24 -4.24 3.62 11.11
CA GLU A 24 -3.51 2.87 12.13
C GLU A 24 -2.14 3.47 12.44
N ASN A 25 -1.87 3.65 13.72
CA ASN A 25 -0.58 4.15 14.18
C ASN A 25 0.41 3.01 14.30
N LEU A 26 -0.10 1.85 14.72
CA LEU A 26 0.72 0.65 14.87
C LEU A 26 1.02 0.02 13.52
N THR A 27 1.72 -1.09 13.55
CA THR A 27 2.15 -1.75 12.33
C THR A 27 1.01 -2.58 11.75
N PRO A 28 1.02 -2.84 10.43
CA PRO A 28 0.00 -3.64 9.76
C PRO A 28 -0.09 -5.06 10.34
N ASP A 29 1.00 -5.51 10.94
CA ASP A 29 1.03 -6.81 11.61
C ASP A 29 0.19 -6.75 12.87
N GLU A 30 0.40 -5.68 13.63
CA GLU A 30 -0.40 -5.38 14.80
C GLU A 30 -1.87 -5.19 14.42
N VAL A 31 -2.09 -4.54 13.29
CA VAL A 31 -3.44 -4.25 12.80
C VAL A 31 -4.25 -5.52 12.59
N SER A 32 -3.78 -6.35 11.69
CA SER A 32 -4.49 -7.50 11.23
C SER A 32 -4.86 -8.46 12.36
N LYS A 33 -3.85 -8.97 13.03
CA LYS A 33 -4.04 -9.94 14.10
C LYS A 33 -5.04 -9.45 15.14
N ARG A 34 -5.07 -8.14 15.38
CA ARG A 34 -6.01 -7.57 16.32
C ARG A 34 -7.42 -7.50 15.74
N GLU A 35 -7.52 -7.12 14.47
CA GLU A 35 -8.82 -6.92 13.85
C GLU A 35 -9.48 -8.26 13.48
N GLY A 36 -8.67 -9.27 13.26
CA GLY A 36 -9.19 -10.58 12.94
C GLY A 36 -8.59 -11.16 11.68
N ILE A 37 -8.78 -10.46 10.57
CA ILE A 37 -8.22 -10.89 9.30
C ILE A 37 -6.71 -10.70 9.29
N ASN A 38 -6.00 -11.73 8.85
CA ASN A 38 -4.55 -11.67 8.78
C ASN A 38 -4.10 -11.61 7.32
N ALA A 39 -5.03 -11.21 6.46
CA ALA A 39 -4.75 -11.10 5.03
C ALA A 39 -3.71 -10.03 4.75
N GLU A 40 -3.01 -10.18 3.63
CA GLU A 40 -1.97 -9.26 3.23
C GLU A 40 -2.54 -7.89 2.89
N GLN A 41 -1.87 -6.86 3.36
CA GLN A 41 -2.32 -5.50 3.12
C GLN A 41 -1.94 -5.05 1.72
N ILE A 42 -2.95 -4.96 0.87
CA ILE A 42 -2.75 -4.51 -0.49
C ILE A 42 -3.10 -3.03 -0.62
N VAL A 43 -2.08 -2.19 -0.58
CA VAL A 43 -2.26 -0.75 -0.65
C VAL A 43 -2.80 -0.36 -2.02
N ILE A 44 -4.01 0.16 -2.05
CA ILE A 44 -4.65 0.58 -3.29
C ILE A 44 -4.48 2.08 -3.53
N LYS A 45 -4.24 2.79 -2.45
CA LYS A 45 -4.00 4.22 -2.51
C LYS A 45 -2.91 4.64 -1.55
N ILE A 46 -2.08 5.57 -1.98
CA ILE A 46 -0.99 6.07 -1.15
C ILE A 46 -1.13 7.57 -0.95
N THR A 47 -0.74 8.04 0.23
CA THR A 47 -0.77 9.46 0.54
C THR A 47 0.49 9.85 1.30
N ASP A 48 0.60 11.11 1.67
CA ASP A 48 1.78 11.56 2.40
C ASP A 48 1.69 11.15 3.87
N GLN A 49 0.47 11.07 4.38
CA GLN A 49 0.26 10.73 5.78
C GLN A 49 0.25 9.22 5.98
N GLY A 50 -0.11 8.48 4.93
CA GLY A 50 -0.16 7.04 5.02
C GLY A 50 -0.67 6.41 3.75
N TYR A 51 -1.55 5.43 3.87
CA TYR A 51 -2.12 4.77 2.71
C TYR A 51 -3.45 4.13 3.06
N VAL A 52 -4.08 3.59 2.05
CA VAL A 52 -5.30 2.82 2.25
C VAL A 52 -5.18 1.50 1.52
N THR A 53 -5.42 0.40 2.23
CA THR A 53 -5.28 -0.92 1.66
C THR A 53 -6.63 -1.55 1.35
N SER A 54 -6.63 -2.47 0.42
CA SER A 54 -7.77 -3.36 0.23
C SER A 54 -7.33 -4.75 0.66
N HIS A 55 -7.52 -5.05 1.93
CA HIS A 55 -7.02 -6.29 2.47
C HIS A 55 -8.15 -7.07 3.13
N GLY A 56 -8.00 -8.38 3.19
CA GLY A 56 -9.02 -9.22 3.78
C GLY A 56 -10.29 -9.20 2.96
N ASP A 57 -11.20 -8.31 3.31
CA ASP A 57 -12.48 -8.19 2.62
C ASP A 57 -12.80 -6.72 2.33
N HIS A 58 -12.00 -5.82 2.88
CA HIS A 58 -12.38 -4.40 2.92
C HIS A 58 -11.21 -3.48 2.65
N TYR A 59 -11.50 -2.20 2.67
CA TYR A 59 -10.50 -1.18 2.57
C TYR A 59 -10.16 -0.69 3.98
N HIS A 60 -8.89 -0.67 4.29
CA HIS A 60 -8.46 -0.31 5.63
C HIS A 60 -7.45 0.84 5.53
N TYR A 61 -7.71 1.89 6.28
CA TYR A 61 -6.91 3.11 6.22
C TYR A 61 -5.78 3.05 7.26
N TYR A 62 -4.55 3.29 6.82
CA TYR A 62 -3.40 3.27 7.71
C TYR A 62 -2.64 4.59 7.66
N ASN A 63 -1.81 4.82 8.66
CA ASN A 63 -0.99 6.02 8.71
C ASN A 63 0.48 5.63 8.83
N GLY A 64 1.36 6.47 8.30
CA GLY A 64 2.77 6.18 8.36
C GLY A 64 3.32 5.68 7.03
N LYS A 65 4.46 5.02 7.09
CA LYS A 65 5.12 4.52 5.90
C LYS A 65 4.68 3.10 5.57
N VAL A 66 4.81 2.75 4.29
CA VAL A 66 4.47 1.42 3.82
C VAL A 66 5.54 0.43 4.26
N PRO A 67 5.15 -0.67 4.90
CA PRO A 67 6.11 -1.67 5.38
C PRO A 67 6.75 -2.44 4.23
N TYR A 68 7.88 -3.05 4.51
CA TYR A 68 8.66 -3.76 3.49
C TYR A 68 7.79 -4.78 2.76
N ASP A 69 7.02 -5.54 3.51
CA ASP A 69 6.29 -6.68 2.94
C ASP A 69 4.86 -6.32 2.57
N ALA A 70 4.55 -5.03 2.51
CA ALA A 70 3.21 -4.61 2.10
C ALA A 70 3.02 -4.84 0.60
N ILE A 71 1.82 -5.22 0.24
CA ILE A 71 1.46 -5.52 -1.14
C ILE A 71 0.82 -4.27 -1.75
N ILE A 72 1.08 -4.01 -3.02
CA ILE A 72 0.57 -2.83 -3.68
C ILE A 72 -0.39 -3.18 -4.81
N SER A 73 -1.38 -2.33 -5.01
CA SER A 73 -2.29 -2.44 -6.14
C SER A 73 -1.58 -2.01 -7.43
N GLU A 74 -1.90 -2.71 -8.51
CA GLU A 74 -1.27 -2.49 -9.81
C GLU A 74 -1.51 -1.07 -10.31
N GLU A 75 -2.58 -0.45 -9.81
CA GLU A 75 -2.92 0.91 -10.18
C GLU A 75 -1.90 1.92 -9.65
N LEU A 76 -1.18 1.51 -8.62
CA LEU A 76 -0.20 2.39 -8.01
C LEU A 76 1.18 2.19 -8.62
N LEU A 77 1.28 1.26 -9.55
CA LEU A 77 2.53 1.02 -10.24
C LEU A 77 2.97 2.26 -10.99
N MET A 78 4.26 2.44 -11.04
CA MET A 78 4.84 3.59 -11.70
C MET A 78 4.62 3.54 -13.20
N LYS A 79 4.54 4.73 -13.76
CA LYS A 79 4.43 4.95 -15.18
C LYS A 79 5.73 4.51 -15.85
N ASP A 80 5.67 4.38 -17.17
CA ASP A 80 6.62 3.66 -18.00
C ASP A 80 8.03 3.50 -17.44
N PRO A 81 8.63 2.32 -17.71
CA PRO A 81 9.97 1.95 -17.25
C PRO A 81 11.04 2.84 -17.86
N ASN A 82 10.61 3.73 -18.73
CA ASN A 82 11.48 4.78 -19.26
C ASN A 82 11.86 5.72 -18.12
N TYR A 83 11.06 5.69 -17.07
CA TYR A 83 11.38 6.38 -15.83
C TYR A 83 12.42 5.60 -15.06
N GLN A 84 13.33 6.30 -14.43
CA GLN A 84 14.33 5.68 -13.61
C GLN A 84 14.20 6.15 -12.16
N LEU A 85 14.25 5.18 -11.24
CA LEU A 85 14.00 5.41 -9.83
C LEU A 85 14.84 6.57 -9.30
N LYS A 86 14.15 7.66 -8.99
CA LYS A 86 14.79 8.85 -8.46
C LYS A 86 14.84 8.81 -6.95
N ASP A 87 16.05 8.86 -6.43
CA ASP A 87 16.28 8.83 -4.98
C ASP A 87 15.65 10.04 -4.32
N SER A 88 15.49 11.10 -5.08
CA SER A 88 14.89 12.33 -4.58
C SER A 88 13.36 12.19 -4.52
N ASP A 89 12.82 11.18 -5.20
CA ASP A 89 11.38 10.97 -5.22
C ASP A 89 10.99 9.83 -4.29
N ILE A 90 11.96 8.96 -3.99
CA ILE A 90 11.73 7.84 -3.09
C ILE A 90 11.35 8.33 -1.69
N VAL A 91 10.24 7.83 -1.20
CA VAL A 91 9.85 8.10 0.17
C VAL A 91 10.18 6.89 1.03
N ASN A 92 9.99 5.70 0.47
CA ASN A 92 10.26 4.45 1.17
C ASN A 92 10.47 3.32 0.17
N GLU A 93 11.01 2.20 0.65
CA GLU A 93 11.27 1.04 -0.19
C GLU A 93 10.53 -0.18 0.32
N ILE A 94 9.90 -0.90 -0.59
CA ILE A 94 9.22 -2.14 -0.26
C ILE A 94 9.87 -3.27 -1.04
N LYS A 95 9.34 -4.48 -0.94
CA LYS A 95 9.94 -5.62 -1.59
C LYS A 95 9.81 -5.53 -3.10
N GLY A 96 10.95 -5.39 -3.76
CA GLY A 96 10.99 -5.34 -5.21
C GLY A 96 10.61 -3.99 -5.78
N GLY A 97 9.71 -3.30 -5.09
CA GLY A 97 9.28 -2.00 -5.53
C GLY A 97 9.67 -0.90 -4.58
N TYR A 98 9.64 0.33 -5.07
CA TYR A 98 9.84 1.48 -4.23
C TYR A 98 8.59 2.31 -4.19
N VAL A 99 8.04 2.51 -2.99
CA VAL A 99 6.92 3.39 -2.86
C VAL A 99 7.45 4.82 -2.89
N ILE A 100 7.15 5.50 -3.97
CA ILE A 100 7.82 6.74 -4.30
C ILE A 100 6.82 7.84 -4.60
N LYS A 101 7.23 9.06 -4.34
CA LYS A 101 6.42 10.20 -4.68
C LYS A 101 7.14 11.06 -5.70
N VAL A 102 6.71 10.96 -6.94
CA VAL A 102 7.34 11.68 -8.01
C VAL A 102 6.32 12.65 -8.62
N ASP A 103 6.75 13.88 -8.86
CA ASP A 103 5.90 14.88 -9.49
C ASP A 103 4.64 15.14 -8.63
N GLY A 104 4.80 14.96 -7.32
CA GLY A 104 3.70 15.20 -6.40
C GLY A 104 2.74 14.03 -6.31
N LYS A 105 3.06 12.95 -7.00
CA LYS A 105 2.18 11.78 -7.03
C LYS A 105 2.91 10.55 -6.54
N TYR A 106 2.16 9.62 -6.00
CA TYR A 106 2.72 8.42 -5.43
C TYR A 106 2.62 7.25 -6.36
N TYR A 107 3.72 6.55 -6.51
CA TYR A 107 3.79 5.37 -7.34
C TYR A 107 4.59 4.31 -6.63
N VAL A 108 4.57 3.12 -7.18
CA VAL A 108 5.43 2.06 -6.72
C VAL A 108 6.31 1.59 -7.87
N TYR A 109 7.59 1.87 -7.72
CA TYR A 109 8.59 1.52 -8.71
C TYR A 109 8.94 0.07 -8.57
N LEU A 110 8.43 -0.74 -9.46
CA LEU A 110 8.67 -2.14 -9.41
C LEU A 110 9.83 -2.53 -10.30
N LYS A 111 10.81 -3.18 -9.71
CA LYS A 111 11.97 -3.65 -10.46
C LYS A 111 11.59 -4.91 -11.26
N ASP A 112 10.54 -5.59 -10.82
CA ASP A 112 10.05 -6.77 -11.52
C ASP A 112 8.56 -6.63 -11.79
N ALA A 113 8.23 -5.86 -12.81
CA ALA A 113 6.84 -5.57 -13.15
C ALA A 113 6.20 -6.73 -13.91
N ALA A 114 7.02 -7.71 -14.26
CA ALA A 114 6.54 -8.79 -15.10
C ALA A 114 6.04 -9.98 -14.28
N HIS A 115 6.75 -10.32 -13.21
CA HIS A 115 6.40 -11.50 -12.43
C HIS A 115 5.60 -11.14 -11.18
N ALA A 116 5.26 -9.86 -11.07
CA ALA A 116 4.58 -9.32 -9.89
C ALA A 116 5.46 -9.41 -8.66
N ASP A 117 6.02 -8.29 -8.27
CA ASP A 117 6.85 -8.20 -7.09
C ASP A 117 6.05 -7.53 -5.99
N ASN A 118 4.97 -8.22 -5.60
CA ASN A 118 4.02 -7.77 -4.55
C ASN A 118 2.98 -6.83 -5.13
N ILE A 119 2.80 -6.89 -6.43
CA ILE A 119 1.74 -6.12 -7.06
C ILE A 119 0.52 -6.98 -7.30
N ARG A 120 -0.57 -6.58 -6.68
CA ARG A 120 -1.83 -7.23 -6.81
C ARG A 120 -2.68 -6.46 -7.80
N THR A 121 -3.13 -7.11 -8.85
CA THR A 121 -3.95 -6.44 -9.85
C THR A 121 -5.31 -6.13 -9.26
N LYS A 122 -5.96 -5.08 -9.71
CA LYS A 122 -7.28 -4.73 -9.20
C LYS A 122 -8.25 -5.89 -9.42
N GLU A 123 -7.98 -6.63 -10.47
CA GLU A 123 -8.74 -7.84 -10.74
C GLU A 123 -8.47 -8.90 -9.68
N GLU A 124 -7.20 -9.10 -9.37
CA GLU A 124 -6.81 -10.12 -8.40
C GLU A 124 -6.99 -9.62 -6.97
N ILE A 125 -7.11 -8.32 -6.78
CA ILE A 125 -7.45 -7.76 -5.48
C ILE A 125 -8.80 -8.31 -5.03
N LYS A 126 -9.74 -8.36 -5.97
CA LYS A 126 -11.06 -8.92 -5.69
C LYS A 126 -10.95 -10.43 -5.43
N ARG A 127 -9.96 -11.07 -6.05
CA ARG A 127 -9.68 -12.47 -5.76
C ARG A 127 -9.10 -12.61 -4.36
N GLN A 128 -8.11 -11.77 -4.07
CA GLN A 128 -7.41 -11.78 -2.81
C GLN A 128 -8.32 -11.41 -1.64
N LYS A 129 -9.42 -10.74 -1.94
CA LYS A 129 -10.34 -10.29 -0.91
C LYS A 129 -11.44 -11.31 -0.65
N GLN A 130 -11.41 -12.41 -1.38
CA GLN A 130 -12.35 -13.50 -1.16
C GLN A 130 -11.83 -14.43 -0.07
N GLU A 131 -11.12 -15.40 -0.40
ZN ZN B . -8.73 -4.45 7.92
N SER A 12 -15.17 -0.91 19.70
CA SER A 12 -14.95 -1.14 18.25
C SER A 12 -15.94 -0.34 17.44
N TYR A 13 -15.44 0.60 16.65
CA TYR A 13 -16.28 1.49 15.88
C TYR A 13 -16.76 0.81 14.60
N ILE A 14 -17.52 -0.25 14.75
CA ILE A 14 -18.05 -0.98 13.61
C ILE A 14 -19.57 -0.74 13.48
N ASP A 15 -20.39 -1.78 13.68
CA ASP A 15 -21.87 -1.65 13.68
C ASP A 15 -22.45 -1.29 12.31
N GLY A 16 -21.61 -0.74 11.45
CA GLY A 16 -22.06 -0.40 10.12
C GLY A 16 -22.01 1.10 9.85
N ASP A 17 -22.02 1.90 10.91
CA ASP A 17 -21.95 3.34 10.77
C ASP A 17 -20.60 3.75 10.19
N GLN A 18 -19.54 3.46 10.92
CA GLN A 18 -18.20 3.65 10.42
C GLN A 18 -17.61 2.31 10.02
N ALA A 19 -17.80 1.31 10.87
CA ALA A 19 -17.32 -0.05 10.59
C ALA A 19 -15.82 -0.05 10.28
N GLY A 20 -15.05 0.40 11.25
CA GLY A 20 -13.62 0.48 11.08
C GLY A 20 -13.16 1.91 10.87
N GLN A 21 -11.93 2.20 11.29
CA GLN A 21 -11.36 3.53 11.11
C GLN A 21 -10.53 3.54 9.84
N LYS A 22 -10.25 4.73 9.31
CA LYS A 22 -9.48 4.82 8.09
C LYS A 22 -8.42 5.92 8.15
N ALA A 23 -7.46 5.67 9.02
CA ALA A 23 -6.20 6.41 9.10
C ALA A 23 -5.52 6.02 10.40
N GLU A 24 -5.24 4.74 10.53
CA GLU A 24 -4.68 4.18 11.75
C GLU A 24 -3.29 4.76 12.00
N ASN A 25 -3.03 5.11 13.25
CA ASN A 25 -1.72 5.58 13.64
C ASN A 25 -0.84 4.37 13.91
N LEU A 26 -1.50 3.27 14.23
CA LEU A 26 -0.86 1.99 14.43
C LEU A 26 -0.16 1.54 13.15
N THR A 27 0.87 0.73 13.28
CA THR A 27 1.58 0.25 12.10
C THR A 27 0.82 -0.90 11.46
N PRO A 28 0.91 -1.04 10.12
CA PRO A 28 0.12 -2.00 9.33
C PRO A 28 0.03 -3.38 9.96
N ASP A 29 1.13 -3.87 10.50
CA ASP A 29 1.19 -5.22 11.05
C ASP A 29 0.31 -5.30 12.28
N GLU A 30 0.44 -4.30 13.14
CA GLU A 30 -0.40 -4.17 14.30
C GLU A 30 -1.86 -4.09 13.90
N VAL A 31 -2.10 -3.28 12.87
CA VAL A 31 -3.45 -3.01 12.37
C VAL A 31 -4.23 -4.30 12.17
N SER A 32 -3.71 -5.14 11.30
CA SER A 32 -4.40 -6.33 10.88
C SER A 32 -4.56 -7.32 12.04
N LYS A 33 -3.48 -7.51 12.79
CA LYS A 33 -3.50 -8.45 13.89
C LYS A 33 -4.50 -8.03 14.97
N ARG A 34 -4.58 -6.73 15.27
CA ARG A 34 -5.57 -6.20 16.17
C ARG A 34 -6.99 -6.52 15.73
N GLU A 35 -7.28 -6.27 14.45
CA GLU A 35 -8.65 -6.39 13.94
C GLU A 35 -9.05 -7.84 13.67
N GLY A 36 -8.08 -8.68 13.32
CA GLY A 36 -8.37 -10.09 13.14
C GLY A 36 -7.95 -10.62 11.79
N ILE A 37 -8.23 -9.88 10.73
CA ILE A 37 -7.90 -10.34 9.39
C ILE A 37 -6.40 -10.24 9.12
N ASN A 38 -5.74 -11.38 9.06
CA ASN A 38 -4.32 -11.44 8.81
C ASN A 38 -4.05 -11.46 7.30
N ALA A 39 -5.06 -11.08 6.52
CA ALA A 39 -4.97 -11.06 5.06
C ALA A 39 -3.89 -10.08 4.59
N GLU A 40 -3.47 -10.23 3.34
CA GLU A 40 -2.41 -9.38 2.79
C GLU A 40 -2.91 -7.97 2.59
N GLN A 41 -2.09 -7.02 3.00
CA GLN A 41 -2.46 -5.62 2.94
C GLN A 41 -2.02 -5.00 1.63
N ILE A 42 -2.96 -4.85 0.72
CA ILE A 42 -2.68 -4.34 -0.61
C ILE A 42 -2.95 -2.84 -0.68
N VAL A 43 -1.90 -2.04 -0.71
CA VAL A 43 -2.03 -0.59 -0.80
C VAL A 43 -2.62 -0.20 -2.16
N ILE A 44 -3.88 0.25 -2.14
CA ILE A 44 -4.57 0.64 -3.36
C ILE A 44 -4.53 2.15 -3.55
N LYS A 45 -4.36 2.87 -2.45
CA LYS A 45 -4.24 4.31 -2.51
C LYS A 45 -3.05 4.76 -1.69
N ILE A 46 -2.35 5.77 -2.19
CA ILE A 46 -1.22 6.33 -1.48
C ILE A 46 -1.39 7.85 -1.38
N THR A 47 -1.17 8.40 -0.20
CA THR A 47 -1.22 9.85 -0.04
C THR A 47 -0.08 10.30 0.87
N ASP A 48 0.04 11.60 1.04
CA ASP A 48 1.07 12.17 1.89
C ASP A 48 0.65 12.06 3.35
N GLN A 49 -0.64 11.77 3.53
CA GLN A 49 -1.22 11.61 4.87
C GLN A 49 -1.43 10.14 5.20
N GLY A 50 -0.71 9.28 4.49
CA GLY A 50 -0.80 7.85 4.72
C GLY A 50 -1.26 7.12 3.48
N TYR A 51 -1.58 5.84 3.60
CA TYR A 51 -2.05 5.10 2.45
C TYR A 51 -3.26 4.25 2.80
N VAL A 52 -3.96 3.79 1.78
CA VAL A 52 -5.17 3.01 1.98
C VAL A 52 -4.97 1.63 1.35
N THR A 53 -5.13 0.60 2.16
CA THR A 53 -4.95 -0.76 1.70
C THR A 53 -6.29 -1.47 1.60
N SER A 54 -6.51 -2.18 0.51
CA SER A 54 -7.70 -3.00 0.39
C SER A 54 -7.36 -4.41 0.82
N HIS A 55 -7.55 -4.69 2.10
CA HIS A 55 -7.12 -5.96 2.64
C HIS A 55 -8.29 -6.72 3.25
N GLY A 56 -8.23 -8.03 3.17
CA GLY A 56 -9.27 -8.86 3.74
C GLY A 56 -10.57 -8.79 2.97
N ASP A 57 -11.41 -7.85 3.35
CA ASP A 57 -12.71 -7.68 2.74
C ASP A 57 -12.99 -6.21 2.42
N HIS A 58 -12.19 -5.34 2.99
CA HIS A 58 -12.52 -3.91 3.00
C HIS A 58 -11.33 -3.04 2.66
N TYR A 59 -11.56 -1.73 2.73
CA TYR A 59 -10.50 -0.76 2.56
C TYR A 59 -10.07 -0.28 3.93
N HIS A 60 -8.78 -0.28 4.18
CA HIS A 60 -8.26 0.15 5.46
C HIS A 60 -7.14 1.15 5.25
N TYR A 61 -7.32 2.31 5.83
CA TYR A 61 -6.46 3.46 5.62
C TYR A 61 -5.62 3.70 6.88
N TYR A 62 -4.34 4.04 6.70
CA TYR A 62 -3.49 4.40 7.83
C TYR A 62 -2.30 5.26 7.41
N ASN A 63 -1.79 6.03 8.36
CA ASN A 63 -0.65 6.89 8.11
C ASN A 63 0.61 6.21 8.61
N GLY A 64 1.73 6.47 7.96
CA GLY A 64 2.98 5.83 8.29
C GLY A 64 3.79 5.52 7.07
N LYS A 65 4.51 4.41 7.11
CA LYS A 65 5.32 3.96 5.99
C LYS A 65 5.02 2.52 5.64
N VAL A 66 4.87 2.24 4.34
CA VAL A 66 4.62 0.90 3.85
C VAL A 66 5.78 -0.01 4.28
N PRO A 67 5.47 -1.16 4.89
CA PRO A 67 6.51 -2.09 5.30
C PRO A 67 7.15 -2.78 4.11
N TYR A 68 8.33 -3.31 4.31
CA TYR A 68 9.09 -3.93 3.24
C TYR A 68 8.26 -5.00 2.53
N ASP A 69 7.64 -5.87 3.31
CA ASP A 69 6.95 -7.03 2.75
C ASP A 69 5.46 -6.79 2.54
N ALA A 70 5.04 -5.52 2.50
CA ALA A 70 3.65 -5.19 2.21
C ALA A 70 3.33 -5.50 0.75
N ILE A 71 2.05 -5.42 0.41
CA ILE A 71 1.59 -5.66 -0.94
C ILE A 71 1.00 -4.38 -1.54
N ILE A 72 1.24 -4.16 -2.83
CA ILE A 72 0.72 -2.99 -3.52
C ILE A 72 -0.25 -3.38 -4.62
N SER A 73 -1.19 -2.49 -4.90
CA SER A 73 -2.11 -2.64 -6.02
C SER A 73 -1.40 -2.29 -7.32
N GLU A 74 -1.69 -3.07 -8.35
CA GLU A 74 -1.12 -2.88 -9.67
C GLU A 74 -1.53 -1.53 -10.26
N GLU A 75 -2.57 -0.93 -9.68
CA GLU A 75 -3.09 0.35 -10.13
C GLU A 75 -2.08 1.46 -9.91
N LEU A 76 -1.22 1.27 -8.91
CA LEU A 76 -0.32 2.32 -8.48
C LEU A 76 1.07 2.16 -9.05
N LEU A 77 1.27 1.11 -9.85
CA LEU A 77 2.57 0.87 -10.43
C LEU A 77 3.02 2.00 -11.33
N MET A 78 4.24 2.42 -11.13
CA MET A 78 4.83 3.47 -11.92
C MET A 78 5.31 2.94 -13.25
N LYS A 79 4.71 3.40 -14.33
CA LYS A 79 5.23 3.12 -15.65
C LYS A 79 5.22 4.41 -16.46
N ASP A 80 6.38 5.01 -16.57
CA ASP A 80 6.56 6.20 -17.38
C ASP A 80 7.67 5.96 -18.39
N PRO A 81 7.50 6.43 -19.64
CA PRO A 81 8.51 6.24 -20.69
C PRO A 81 9.79 7.00 -20.39
N ASN A 82 9.70 8.00 -19.53
CA ASN A 82 10.85 8.82 -19.17
C ASN A 82 11.27 8.56 -17.72
N TYR A 83 10.52 7.69 -17.04
CA TYR A 83 10.68 7.47 -15.60
C TYR A 83 12.05 6.92 -15.22
N GLN A 84 12.58 7.47 -14.16
CA GLN A 84 13.68 6.89 -13.45
C GLN A 84 13.46 6.99 -11.95
N LEU A 85 13.81 5.92 -11.24
CA LEU A 85 13.61 5.86 -9.81
C LEU A 85 14.43 6.93 -9.11
N LYS A 86 13.75 7.97 -8.68
CA LYS A 86 14.41 9.14 -8.10
C LYS A 86 14.72 8.90 -6.64
N ASP A 87 15.99 8.89 -6.32
CA ASP A 87 16.44 8.71 -4.94
C ASP A 87 15.83 9.77 -4.04
N SER A 88 15.56 10.93 -4.61
CA SER A 88 14.97 12.04 -3.87
C SER A 88 13.45 11.87 -3.76
N ASP A 89 12.83 11.18 -4.72
CA ASP A 89 11.37 11.05 -4.74
C ASP A 89 10.93 9.82 -3.98
N ILE A 90 11.90 9.00 -3.62
CA ILE A 90 11.64 7.81 -2.83
C ILE A 90 11.28 8.19 -1.40
N VAL A 91 10.03 7.93 -1.03
CA VAL A 91 9.61 8.13 0.33
C VAL A 91 9.92 6.88 1.14
N ASN A 92 9.70 5.72 0.50
CA ASN A 92 9.95 4.44 1.15
C ASN A 92 10.26 3.36 0.11
N GLU A 93 10.87 2.30 0.57
CA GLU A 93 11.24 1.18 -0.28
C GLU A 93 10.56 -0.08 0.20
N ILE A 94 10.02 -0.85 -0.74
CA ILE A 94 9.33 -2.08 -0.42
C ILE A 94 9.97 -3.23 -1.18
N LYS A 95 9.41 -4.42 -1.06
CA LYS A 95 10.05 -5.59 -1.63
C LYS A 95 9.94 -5.60 -3.13
N GLY A 96 11.08 -5.46 -3.77
CA GLY A 96 11.15 -5.41 -5.21
C GLY A 96 10.73 -4.07 -5.77
N GLY A 97 9.89 -3.36 -5.04
CA GLY A 97 9.40 -2.10 -5.50
C GLY A 97 9.81 -0.92 -4.64
N TYR A 98 9.37 0.26 -5.04
CA TYR A 98 9.57 1.47 -4.27
C TYR A 98 8.29 2.27 -4.26
N VAL A 99 7.76 2.54 -3.07
CA VAL A 99 6.64 3.45 -2.98
C VAL A 99 7.18 4.88 -2.99
N ILE A 100 6.90 5.57 -4.08
CA ILE A 100 7.59 6.81 -4.38
C ILE A 100 6.63 7.95 -4.62
N LYS A 101 7.08 9.14 -4.27
CA LYS A 101 6.32 10.34 -4.51
C LYS A 101 7.04 11.22 -5.51
N VAL A 102 6.58 11.21 -6.74
CA VAL A 102 7.21 11.97 -7.79
C VAL A 102 6.21 12.96 -8.35
N ASP A 103 6.67 14.19 -8.56
CA ASP A 103 5.84 15.24 -9.16
C ASP A 103 4.56 15.46 -8.34
N GLY A 104 4.68 15.27 -7.03
CA GLY A 104 3.56 15.49 -6.13
C GLY A 104 2.68 14.25 -5.99
N LYS A 105 2.85 13.31 -6.89
CA LYS A 105 2.01 12.12 -6.92
C LYS A 105 2.74 10.92 -6.37
N TYR A 106 2.00 9.87 -6.11
CA TYR A 106 2.57 8.66 -5.54
C TYR A 106 2.44 7.50 -6.50
N TYR A 107 3.49 6.71 -6.57
CA TYR A 107 3.53 5.54 -7.42
C TYR A 107 4.30 4.45 -6.73
N VAL A 108 4.28 3.27 -7.32
CA VAL A 108 5.09 2.18 -6.85
C VAL A 108 5.95 1.65 -7.99
N TYR A 109 7.24 1.72 -7.78
CA TYR A 109 8.23 1.24 -8.71
C TYR A 109 8.33 -0.25 -8.58
N LEU A 110 8.45 -0.94 -9.69
CA LEU A 110 8.67 -2.35 -9.63
C LEU A 110 9.92 -2.75 -10.40
N LYS A 111 10.82 -3.43 -9.70
CA LYS A 111 12.02 -3.95 -10.33
C LYS A 111 11.71 -5.29 -10.99
N ASP A 112 10.62 -5.93 -10.55
CA ASP A 112 10.20 -7.20 -11.12
C ASP A 112 8.74 -7.10 -11.52
N ALA A 113 8.51 -6.47 -12.66
CA ALA A 113 7.15 -6.24 -13.15
C ALA A 113 6.59 -7.50 -13.80
N ALA A 114 7.43 -8.50 -13.96
CA ALA A 114 7.05 -9.69 -14.71
C ALA A 114 6.55 -10.81 -13.82
N HIS A 115 7.26 -11.08 -12.72
CA HIS A 115 6.97 -12.27 -11.91
C HIS A 115 6.22 -11.90 -10.64
N ALA A 116 5.74 -10.65 -10.59
CA ALA A 116 5.05 -10.10 -9.42
C ALA A 116 5.97 -10.00 -8.22
N ASP A 117 6.20 -8.79 -7.79
CA ASP A 117 7.00 -8.52 -6.63
C ASP A 117 6.17 -7.74 -5.63
N ASN A 118 5.12 -8.39 -5.13
CA ASN A 118 4.19 -7.81 -4.13
C ASN A 118 3.13 -6.95 -4.79
N ILE A 119 2.97 -7.13 -6.10
CA ILE A 119 1.93 -6.44 -6.82
C ILE A 119 0.80 -7.39 -7.16
N ARG A 120 -0.39 -7.06 -6.71
CA ARG A 120 -1.57 -7.85 -7.02
C ARG A 120 -2.42 -7.12 -8.03
N THR A 121 -2.91 -7.85 -9.01
CA THR A 121 -3.74 -7.26 -10.06
C THR A 121 -5.04 -6.75 -9.47
N LYS A 122 -5.61 -5.72 -10.08
CA LYS A 122 -6.88 -5.17 -9.62
C LYS A 122 -7.90 -6.28 -9.52
N GLU A 123 -7.88 -7.13 -10.54
CA GLU A 123 -8.80 -8.24 -10.62
C GLU A 123 -8.60 -9.24 -9.49
N GLU A 124 -7.36 -9.44 -9.07
CA GLU A 124 -7.08 -10.35 -7.97
C GLU A 124 -7.42 -9.72 -6.65
N ILE A 125 -7.19 -8.43 -6.55
CA ILE A 125 -7.47 -7.71 -5.31
C ILE A 125 -8.93 -7.90 -4.90
N LYS A 126 -9.83 -7.79 -5.86
CA LYS A 126 -11.24 -8.07 -5.59
C LYS A 126 -11.48 -9.58 -5.46
N ARG A 127 -10.64 -10.37 -6.11
CA ARG A 127 -10.72 -11.82 -6.05
C ARG A 127 -10.35 -12.35 -4.66
N GLN A 128 -9.22 -11.90 -4.12
CA GLN A 128 -8.75 -12.40 -2.84
C GLN A 128 -9.48 -11.75 -1.67
N LYS A 129 -10.27 -10.72 -1.94
CA LYS A 129 -11.03 -10.05 -0.90
C LYS A 129 -12.37 -10.74 -0.69
N GLN A 130 -12.64 -11.74 -1.51
CA GLN A 130 -13.86 -12.52 -1.39
C GLN A 130 -13.75 -13.50 -0.22
N GLU A 131 -13.11 -14.55 -0.41
ZN ZN B . -8.81 -3.84 7.96
N SER A 12 -14.13 -5.18 21.27
CA SER A 12 -14.90 -4.50 20.21
C SER A 12 -13.97 -4.04 19.09
N TYR A 13 -14.53 -3.77 17.93
CA TYR A 13 -13.76 -3.34 16.77
C TYR A 13 -14.21 -1.94 16.33
N ILE A 14 -13.95 -0.97 17.18
CA ILE A 14 -14.38 0.40 16.92
C ILE A 14 -13.46 1.08 15.92
N ASP A 15 -12.17 0.78 16.01
CA ASP A 15 -11.19 1.39 15.11
C ASP A 15 -10.88 0.47 13.95
N GLY A 16 -11.18 0.94 12.75
CA GLY A 16 -10.81 0.22 11.55
C GLY A 16 -11.92 -0.64 10.98
N ASP A 17 -12.87 -1.05 11.81
CA ASP A 17 -13.93 -1.94 11.35
C ASP A 17 -15.24 -1.19 11.15
N GLN A 18 -15.88 -0.83 12.25
CA GLN A 18 -17.20 -0.21 12.18
C GLN A 18 -17.11 1.31 12.14
N ALA A 19 -16.54 1.90 13.18
CA ALA A 19 -16.52 3.36 13.31
C ALA A 19 -15.38 4.00 12.52
N GLY A 20 -15.21 3.57 11.28
CA GLY A 20 -14.29 4.22 10.38
C GLY A 20 -12.85 3.85 10.62
N GLN A 21 -12.03 4.13 9.61
CA GLN A 21 -10.59 3.93 9.69
C GLN A 21 -9.90 5.28 9.64
N LYS A 22 -8.96 5.50 10.55
CA LYS A 22 -8.28 6.79 10.65
C LYS A 22 -6.78 6.64 10.56
N ALA A 23 -6.39 5.84 9.58
CA ALA A 23 -4.99 5.61 9.24
C ALA A 23 -4.24 4.91 10.36
N GLU A 24 -4.17 3.59 10.26
CA GLU A 24 -3.50 2.75 11.26
C GLU A 24 -2.05 3.21 11.49
N ASN A 25 -1.78 3.66 12.70
CA ASN A 25 -0.42 4.04 13.09
C ASN A 25 0.29 2.85 13.71
N LEU A 26 -0.49 1.83 14.07
CA LEU A 26 0.03 0.61 14.61
C LEU A 26 0.79 -0.18 13.53
N THR A 27 1.62 -1.12 13.96
CA THR A 27 2.36 -1.95 13.03
C THR A 27 1.42 -2.86 12.26
N PRO A 28 1.75 -3.16 10.98
CA PRO A 28 0.87 -3.90 10.06
C PRO A 28 0.47 -5.27 10.58
N ASP A 29 1.24 -5.78 11.54
CA ASP A 29 0.92 -7.05 12.16
C ASP A 29 -0.12 -6.85 13.25
N GLU A 30 0.17 -5.91 14.15
CA GLU A 30 -0.72 -5.58 15.24
C GLU A 30 -2.08 -5.17 14.70
N VAL A 31 -2.07 -4.37 13.64
CA VAL A 31 -3.29 -3.89 13.01
C VAL A 31 -4.24 -5.03 12.72
N SER A 32 -3.79 -5.93 11.87
CA SER A 32 -4.64 -6.95 11.33
C SER A 32 -4.91 -8.05 12.36
N LYS A 33 -3.93 -8.36 13.18
CA LYS A 33 -4.07 -9.40 14.19
C LYS A 33 -5.12 -9.00 15.25
N ARG A 34 -5.22 -7.71 15.52
CA ARG A 34 -6.18 -7.22 16.49
C ARG A 34 -7.59 -7.17 15.91
N GLU A 35 -7.67 -6.90 14.61
CA GLU A 35 -8.97 -6.79 13.94
C GLU A 35 -9.51 -8.15 13.50
N GLY A 36 -8.61 -9.10 13.30
CA GLY A 36 -9.04 -10.45 13.00
C GLY A 36 -8.43 -11.00 11.73
N ILE A 37 -8.58 -10.27 10.63
CA ILE A 37 -8.05 -10.74 9.35
C ILE A 37 -6.54 -10.66 9.32
N ASN A 38 -5.90 -11.71 8.87
CA ASN A 38 -4.44 -11.78 8.83
C ASN A 38 -3.96 -11.65 7.39
N ALA A 39 -4.88 -11.24 6.52
CA ALA A 39 -4.59 -11.12 5.10
C ALA A 39 -3.59 -10.00 4.82
N GLU A 40 -2.95 -10.08 3.66
CA GLU A 40 -1.94 -9.11 3.26
C GLU A 40 -2.56 -7.74 3.03
N GLN A 41 -1.85 -6.71 3.44
CA GLN A 41 -2.35 -5.35 3.31
C GLN A 41 -1.99 -4.78 1.95
N ILE A 42 -2.97 -4.77 1.06
CA ILE A 42 -2.76 -4.31 -0.31
C ILE A 42 -3.09 -2.82 -0.44
N VAL A 43 -2.05 -2.00 -0.41
CA VAL A 43 -2.23 -0.56 -0.53
C VAL A 43 -2.77 -0.19 -1.91
N ILE A 44 -4.00 0.33 -1.94
CA ILE A 44 -4.65 0.68 -3.20
C ILE A 44 -4.57 2.18 -3.47
N LYS A 45 -4.44 2.95 -2.40
CA LYS A 45 -4.32 4.39 -2.52
C LYS A 45 -3.13 4.88 -1.70
N ILE A 46 -2.40 5.85 -2.22
CA ILE A 46 -1.26 6.40 -1.50
C ILE A 46 -1.39 7.92 -1.36
N THR A 47 -1.36 8.40 -0.13
CA THR A 47 -1.21 9.82 0.14
C THR A 47 -0.23 10.02 1.29
N ASP A 48 0.43 11.17 1.30
CA ASP A 48 1.48 11.44 2.30
C ASP A 48 0.90 11.57 3.70
N GLN A 49 -0.42 11.65 3.79
CA GLN A 49 -1.10 11.70 5.07
C GLN A 49 -1.51 10.30 5.52
N GLY A 50 -1.11 9.31 4.73
CA GLY A 50 -1.41 7.93 5.03
C GLY A 50 -1.98 7.24 3.80
N TYR A 51 -1.76 5.94 3.68
CA TYR A 51 -2.22 5.24 2.49
C TYR A 51 -3.41 4.37 2.81
N VAL A 52 -4.20 4.05 1.80
CA VAL A 52 -5.38 3.24 2.01
C VAL A 52 -5.13 1.84 1.50
N THR A 53 -5.36 0.85 2.35
CA THR A 53 -5.08 -0.53 2.01
C THR A 53 -6.38 -1.31 1.82
N SER A 54 -6.45 -2.10 0.78
CA SER A 54 -7.56 -3.01 0.60
C SER A 54 -7.09 -4.40 0.99
N HIS A 55 -7.26 -4.74 2.26
CA HIS A 55 -6.75 -5.99 2.74
C HIS A 55 -7.87 -6.82 3.34
N GLY A 56 -7.65 -8.13 3.39
CA GLY A 56 -8.67 -9.02 3.90
C GLY A 56 -9.89 -9.04 3.02
N ASP A 57 -10.87 -8.23 3.37
CA ASP A 57 -12.12 -8.16 2.62
C ASP A 57 -12.52 -6.71 2.38
N HIS A 58 -11.84 -5.78 3.04
CA HIS A 58 -12.31 -4.40 3.09
C HIS A 58 -11.22 -3.40 2.79
N TYR A 59 -11.62 -2.12 2.86
CA TYR A 59 -10.69 -1.03 2.74
C TYR A 59 -10.34 -0.55 4.13
N HIS A 60 -9.06 -0.43 4.40
CA HIS A 60 -8.59 -0.03 5.70
C HIS A 60 -7.60 1.10 5.53
N TYR A 61 -7.79 2.19 6.25
CA TYR A 61 -6.94 3.35 6.10
C TYR A 61 -5.71 3.18 6.98
N TYR A 62 -4.56 3.40 6.40
CA TYR A 62 -3.30 3.06 7.04
C TYR A 62 -2.37 4.26 7.06
N ASN A 63 -1.44 4.26 8.01
CA ASN A 63 -0.54 5.39 8.20
C ASN A 63 0.90 4.91 8.30
N GLY A 64 1.83 5.82 8.54
CA GLY A 64 3.23 5.45 8.61
C GLY A 64 3.79 5.21 7.24
N LYS A 65 4.85 4.41 7.15
CA LYS A 65 5.41 4.01 5.87
C LYS A 65 4.94 2.64 5.49
N VAL A 66 4.88 2.37 4.19
CA VAL A 66 4.51 1.05 3.71
C VAL A 66 5.60 0.06 4.09
N PRO A 67 5.24 -1.01 4.80
CA PRO A 67 6.23 -1.98 5.26
C PRO A 67 6.86 -2.74 4.12
N TYR A 68 8.06 -3.24 4.34
CA TYR A 68 8.83 -3.89 3.29
C TYR A 68 8.00 -4.96 2.58
N ASP A 69 7.31 -5.77 3.36
CA ASP A 69 6.60 -6.92 2.81
C ASP A 69 5.11 -6.64 2.58
N ALA A 70 4.74 -5.37 2.53
CA ALA A 70 3.37 -4.99 2.18
C ALA A 70 3.09 -5.29 0.72
N ILE A 71 1.82 -5.28 0.35
CA ILE A 71 1.41 -5.52 -1.02
C ILE A 71 0.77 -4.26 -1.60
N ILE A 72 1.01 -3.98 -2.87
CA ILE A 72 0.48 -2.80 -3.53
C ILE A 72 -0.48 -3.19 -4.66
N SER A 73 -1.45 -2.33 -4.93
CA SER A 73 -2.32 -2.48 -6.08
C SER A 73 -1.58 -2.09 -7.34
N GLU A 74 -1.86 -2.84 -8.41
CA GLU A 74 -1.26 -2.59 -9.72
C GLU A 74 -1.61 -1.19 -10.21
N GLU A 75 -2.70 -0.65 -9.69
CA GLU A 75 -3.16 0.69 -10.05
C GLU A 75 -2.12 1.74 -9.68
N LEU A 76 -1.29 1.41 -8.70
CA LEU A 76 -0.31 2.35 -8.20
C LEU A 76 1.05 2.13 -8.82
N LEU A 77 1.13 1.23 -9.79
CA LEU A 77 2.37 1.00 -10.51
C LEU A 77 2.81 2.25 -11.24
N MET A 78 4.11 2.46 -11.24
CA MET A 78 4.70 3.66 -11.76
C MET A 78 4.52 3.79 -13.27
N LYS A 79 4.45 5.04 -13.68
CA LYS A 79 4.38 5.44 -15.07
C LYS A 79 5.68 5.10 -15.79
N ASP A 80 5.61 5.18 -17.10
CA ASP A 80 6.59 4.68 -18.06
C ASP A 80 8.03 4.57 -17.54
N PRO A 81 8.73 3.52 -18.03
CA PRO A 81 10.11 3.21 -17.64
C PRO A 81 11.10 4.26 -18.11
N ASN A 82 10.60 5.25 -18.83
CA ASN A 82 11.38 6.43 -19.15
C ASN A 82 11.65 7.20 -17.87
N TYR A 83 10.84 6.94 -16.86
CA TYR A 83 11.12 7.41 -15.52
C TYR A 83 12.12 6.47 -14.85
N GLN A 84 13.12 7.04 -14.22
CA GLN A 84 14.09 6.27 -13.47
C GLN A 84 13.94 6.55 -11.99
N LEU A 85 14.02 5.49 -11.19
CA LEU A 85 13.78 5.56 -9.76
C LEU A 85 14.66 6.61 -9.09
N LYS A 86 14.04 7.70 -8.68
CA LYS A 86 14.75 8.84 -8.12
C LYS A 86 14.96 8.64 -6.63
N ASP A 87 16.21 8.73 -6.21
CA ASP A 87 16.57 8.61 -4.80
C ASP A 87 15.85 9.68 -3.98
N SER A 88 15.57 10.81 -4.63
CA SER A 88 14.91 11.92 -3.97
C SER A 88 13.38 11.74 -3.95
N ASP A 89 12.85 10.95 -4.89
CA ASP A 89 11.41 10.74 -4.96
C ASP A 89 11.00 9.59 -4.05
N ILE A 90 11.96 8.71 -3.78
CA ILE A 90 11.78 7.60 -2.88
C ILE A 90 11.40 8.08 -1.49
N VAL A 91 10.20 7.74 -1.05
CA VAL A 91 9.78 8.05 0.29
C VAL A 91 10.12 6.87 1.21
N ASN A 92 9.84 5.66 0.73
CA ASN A 92 10.30 4.43 1.40
C ASN A 92 10.33 3.28 0.41
N GLU A 93 11.07 2.24 0.76
CA GLU A 93 11.22 1.08 -0.13
C GLU A 93 10.40 -0.09 0.37
N ILE A 94 9.86 -0.84 -0.56
CA ILE A 94 9.14 -2.06 -0.27
C ILE A 94 9.76 -3.19 -1.07
N LYS A 95 9.17 -4.36 -1.00
CA LYS A 95 9.78 -5.54 -1.59
C LYS A 95 9.74 -5.49 -3.11
N GLY A 96 10.92 -5.38 -3.69
CA GLY A 96 11.06 -5.34 -5.14
C GLY A 96 10.75 -3.97 -5.72
N GLY A 97 9.75 -3.32 -5.14
CA GLY A 97 9.32 -2.04 -5.65
C GLY A 97 9.62 -0.92 -4.67
N TYR A 98 9.41 0.30 -5.11
CA TYR A 98 9.59 1.46 -4.27
C TYR A 98 8.33 2.30 -4.28
N VAL A 99 7.74 2.51 -3.12
CA VAL A 99 6.63 3.41 -3.03
C VAL A 99 7.19 4.82 -2.97
N ILE A 100 6.95 5.57 -4.03
CA ILE A 100 7.68 6.78 -4.28
C ILE A 100 6.74 7.93 -4.58
N LYS A 101 7.15 9.13 -4.23
CA LYS A 101 6.38 10.30 -4.57
C LYS A 101 7.13 11.10 -5.62
N VAL A 102 6.66 11.00 -6.85
CA VAL A 102 7.32 11.67 -7.96
C VAL A 102 6.37 12.65 -8.62
N ASP A 103 6.89 13.84 -8.90
CA ASP A 103 6.17 14.85 -9.65
C ASP A 103 4.87 15.26 -8.94
N GLY A 104 4.87 15.11 -7.61
CA GLY A 104 3.71 15.49 -6.82
C GLY A 104 2.71 14.37 -6.65
N LYS A 105 3.02 13.21 -7.22
CA LYS A 105 2.13 12.06 -7.17
C LYS A 105 2.84 10.87 -6.57
N TYR A 106 2.07 9.86 -6.21
CA TYR A 106 2.63 8.69 -5.58
C TYR A 106 2.52 7.48 -6.48
N TYR A 107 3.59 6.71 -6.53
CA TYR A 107 3.66 5.52 -7.36
C TYR A 107 4.40 4.43 -6.65
N VAL A 108 4.35 3.25 -7.21
CA VAL A 108 5.18 2.16 -6.75
C VAL A 108 6.04 1.67 -7.89
N TYR A 109 7.32 1.91 -7.75
CA TYR A 109 8.30 1.55 -8.76
C TYR A 109 8.63 0.10 -8.67
N LEU A 110 8.11 -0.66 -9.61
CA LEU A 110 8.39 -2.05 -9.64
C LEU A 110 9.57 -2.32 -10.54
N LYS A 111 10.52 -3.06 -10.00
CA LYS A 111 11.69 -3.46 -10.75
C LYS A 111 11.33 -4.62 -11.68
N ASP A 112 10.32 -5.39 -11.28
CA ASP A 112 9.86 -6.52 -12.08
C ASP A 112 8.35 -6.47 -12.22
N ALA A 113 7.87 -5.74 -13.22
CA ALA A 113 6.45 -5.57 -13.44
C ALA A 113 5.85 -6.79 -14.13
N ALA A 114 6.72 -7.71 -14.52
CA ALA A 114 6.30 -8.86 -15.31
C ALA A 114 5.70 -9.96 -14.45
N HIS A 115 6.35 -10.29 -13.33
CA HIS A 115 5.97 -11.48 -12.58
C HIS A 115 5.33 -11.14 -11.24
N ALA A 116 5.01 -9.86 -11.05
CA ALA A 116 4.46 -9.35 -9.80
C ALA A 116 5.47 -9.43 -8.66
N ASP A 117 5.77 -8.28 -8.13
CA ASP A 117 6.67 -8.17 -7.01
C ASP A 117 5.94 -7.46 -5.88
N ASN A 118 4.87 -8.10 -5.40
CA ASN A 118 3.96 -7.58 -4.35
C ASN A 118 2.90 -6.67 -4.97
N ILE A 119 2.64 -6.88 -6.23
CA ILE A 119 1.61 -6.12 -6.92
C ILE A 119 0.40 -7.00 -7.22
N ARG A 120 -0.76 -6.54 -6.77
CA ARG A 120 -2.02 -7.22 -7.04
C ARG A 120 -2.79 -6.45 -8.11
N THR A 121 -3.11 -7.12 -9.20
CA THR A 121 -3.94 -6.53 -10.23
C THR A 121 -5.35 -6.33 -9.73
N LYS A 122 -6.09 -5.43 -10.36
CA LYS A 122 -7.47 -5.19 -9.98
C LYS A 122 -8.29 -6.45 -10.10
N GLU A 123 -7.83 -7.38 -10.92
CA GLU A 123 -8.46 -8.67 -11.05
C GLU A 123 -8.04 -9.60 -9.92
N GLU A 124 -6.76 -9.55 -9.58
CA GLU A 124 -6.24 -10.39 -8.51
C GLU A 124 -6.68 -9.88 -7.16
N ILE A 125 -6.75 -8.56 -7.02
CA ILE A 125 -7.13 -7.94 -5.76
C ILE A 125 -8.43 -8.53 -5.23
N LYS A 126 -9.43 -8.64 -6.09
CA LYS A 126 -10.72 -9.18 -5.67
C LYS A 126 -10.60 -10.69 -5.39
N ARG A 127 -9.71 -11.35 -6.12
CA ARG A 127 -9.42 -12.77 -5.87
C ARG A 127 -8.75 -12.94 -4.52
N GLN A 128 -7.85 -12.03 -4.23
CA GLN A 128 -7.08 -12.03 -2.98
C GLN A 128 -7.97 -11.70 -1.80
N LYS A 129 -8.92 -10.80 -2.01
CA LYS A 129 -9.82 -10.38 -0.94
C LYS A 129 -10.89 -11.45 -0.67
N GLN A 130 -11.36 -12.11 -1.73
CA GLN A 130 -12.39 -13.12 -1.59
C GLN A 130 -11.79 -14.52 -1.78
N GLU A 131 -12.02 -15.13 -2.84
ZN ZN B . -8.62 -4.15 8.09
N SER A 12 -16.91 13.93 2.17
CA SER A 12 -18.25 14.52 2.01
C SER A 12 -19.31 13.43 1.94
N TYR A 13 -20.27 13.51 2.86
CA TYR A 13 -21.37 12.54 2.96
C TYR A 13 -20.86 11.19 3.46
N ILE A 14 -21.42 10.74 4.55
CA ILE A 14 -21.05 9.47 5.16
C ILE A 14 -21.55 8.29 4.32
N ASP A 15 -22.57 8.56 3.51
CA ASP A 15 -23.11 7.57 2.59
C ASP A 15 -21.97 7.01 1.75
N GLY A 16 -21.76 5.71 1.85
CA GLY A 16 -20.50 5.16 1.45
C GLY A 16 -19.71 4.81 2.69
N ASP A 17 -20.36 4.02 3.56
CA ASP A 17 -19.91 3.73 4.94
C ASP A 17 -18.39 3.59 5.12
N GLN A 18 -17.70 3.17 4.07
CA GLN A 18 -16.24 3.10 4.11
C GLN A 18 -15.62 4.50 4.08
N ALA A 19 -16.40 5.50 4.49
CA ALA A 19 -15.92 6.87 4.62
C ALA A 19 -15.36 7.09 6.02
N GLY A 20 -15.53 6.08 6.85
CA GLY A 20 -15.01 6.12 8.20
C GLY A 20 -13.52 6.23 8.22
N GLN A 21 -13.02 7.21 8.93
CA GLN A 21 -11.59 7.47 9.00
C GLN A 21 -10.86 6.37 9.73
N LYS A 22 -9.75 5.97 9.17
CA LYS A 22 -8.84 5.02 9.77
C LYS A 22 -7.42 5.48 9.50
N ALA A 23 -6.48 4.95 10.24
CA ALA A 23 -5.06 5.29 10.12
C ALA A 23 -4.30 4.61 11.23
N GLU A 24 -4.33 3.29 11.19
CA GLU A 24 -3.78 2.42 12.24
C GLU A 24 -2.37 2.86 12.63
N ASN A 25 -2.13 2.88 13.93
CA ASN A 25 -0.82 3.23 14.46
C ASN A 25 -0.03 1.96 14.74
N LEU A 26 -0.73 0.84 14.78
CA LEU A 26 -0.12 -0.46 14.93
C LEU A 26 0.44 -0.93 13.59
N THR A 27 1.41 -1.83 13.63
CA THR A 27 2.03 -2.34 12.42
C THR A 27 1.12 -3.39 11.75
N PRO A 28 1.23 -3.58 10.42
CA PRO A 28 0.32 -4.42 9.63
C PRO A 28 0.04 -5.80 10.25
N ASP A 29 1.08 -6.44 10.77
CA ASP A 29 0.95 -7.80 11.29
C ASP A 29 0.20 -7.78 12.61
N GLU A 30 0.32 -6.68 13.31
CA GLU A 30 -0.39 -6.45 14.56
C GLU A 30 -1.85 -6.14 14.27
N VAL A 31 -2.08 -5.48 13.15
CA VAL A 31 -3.41 -5.04 12.75
C VAL A 31 -4.32 -6.21 12.42
N SER A 32 -3.93 -6.95 11.40
CA SER A 32 -4.73 -7.99 10.84
C SER A 32 -5.18 -9.02 11.86
N LYS A 33 -4.21 -9.67 12.47
CA LYS A 33 -4.47 -10.73 13.46
C LYS A 33 -5.42 -10.27 14.57
N ARG A 34 -5.43 -8.97 14.86
CA ARG A 34 -6.32 -8.42 15.85
C ARG A 34 -7.73 -8.25 15.31
N GLU A 35 -7.87 -7.73 14.11
CA GLU A 35 -9.17 -7.46 13.54
C GLU A 35 -9.83 -8.74 13.02
N GLY A 36 -9.02 -9.73 12.68
CA GLY A 36 -9.55 -11.01 12.29
C GLY A 36 -9.00 -11.50 10.97
N ILE A 37 -9.08 -10.66 9.95
CA ILE A 37 -8.57 -11.02 8.64
C ILE A 37 -7.04 -10.95 8.62
N ASN A 38 -6.42 -12.03 8.20
CA ASN A 38 -4.97 -12.09 8.13
C ASN A 38 -4.51 -11.98 6.69
N ALA A 39 -5.37 -11.44 5.85
CA ALA A 39 -5.06 -11.25 4.44
C ALA A 39 -4.03 -10.13 4.24
N GLU A 40 -3.34 -10.19 3.12
CA GLU A 40 -2.25 -9.27 2.81
C GLU A 40 -2.77 -7.85 2.60
N GLN A 41 -2.13 -6.89 3.25
CA GLN A 41 -2.48 -5.48 3.08
C GLN A 41 -2.06 -4.97 1.72
N ILE A 42 -3.03 -4.82 0.82
CA ILE A 42 -2.76 -4.36 -0.53
C ILE A 42 -3.00 -2.85 -0.62
N VAL A 43 -1.92 -2.08 -0.55
CA VAL A 43 -2.02 -0.63 -0.60
C VAL A 43 -2.51 -0.17 -1.97
N ILE A 44 -3.75 0.31 -2.01
CA ILE A 44 -4.36 0.79 -3.25
C ILE A 44 -4.17 2.29 -3.39
N LYS A 45 -4.05 2.96 -2.26
CA LYS A 45 -3.86 4.40 -2.23
C LYS A 45 -2.79 4.77 -1.20
N ILE A 46 -1.99 5.76 -1.56
CA ILE A 46 -0.95 6.25 -0.67
C ILE A 46 -1.10 7.74 -0.44
N THR A 47 -0.79 8.17 0.77
CA THR A 47 -0.79 9.58 1.11
C THR A 47 0.43 9.88 1.98
N ASP A 48 0.61 11.14 2.37
CA ASP A 48 1.76 11.50 3.18
C ASP A 48 1.61 10.96 4.61
N GLN A 49 0.37 10.98 5.11
CA GLN A 49 0.08 10.56 6.48
C GLN A 49 0.05 9.04 6.60
N GLY A 50 -0.24 8.36 5.50
CA GLY A 50 -0.29 6.91 5.52
C GLY A 50 -0.78 6.34 4.20
N TYR A 51 -1.32 5.14 4.23
CA TYR A 51 -1.84 4.52 3.02
C TYR A 51 -3.18 3.88 3.29
N VAL A 52 -3.81 3.42 2.24
CA VAL A 52 -5.05 2.69 2.38
C VAL A 52 -4.95 1.36 1.66
N THR A 53 -5.13 0.29 2.39
CA THR A 53 -4.96 -1.04 1.84
C THR A 53 -6.31 -1.71 1.60
N SER A 54 -6.46 -2.34 0.46
CA SER A 54 -7.59 -3.19 0.21
C SER A 54 -7.24 -4.60 0.64
N HIS A 55 -7.50 -4.91 1.89
CA HIS A 55 -7.06 -6.19 2.43
C HIS A 55 -8.24 -6.97 3.00
N GLY A 56 -8.10 -8.27 3.00
CA GLY A 56 -9.17 -9.12 3.48
C GLY A 56 -10.37 -9.07 2.56
N ASP A 57 -11.32 -8.22 2.92
CA ASP A 57 -12.54 -8.06 2.15
C ASP A 57 -12.86 -6.57 1.94
N HIS A 58 -12.08 -5.71 2.57
CA HIS A 58 -12.44 -4.29 2.63
C HIS A 58 -11.25 -3.37 2.42
N TYR A 59 -11.51 -2.09 2.56
CA TYR A 59 -10.48 -1.09 2.47
C TYR A 59 -10.16 -0.59 3.86
N HIS A 60 -8.88 -0.58 4.20
CA HIS A 60 -8.47 -0.23 5.55
C HIS A 60 -7.35 0.81 5.48
N TYR A 61 -7.56 1.93 6.14
CA TYR A 61 -6.61 3.05 6.10
C TYR A 61 -5.61 2.91 7.25
N TYR A 62 -4.32 3.02 6.95
CA TYR A 62 -3.28 2.94 7.97
C TYR A 62 -2.43 4.20 7.94
N ASN A 63 -1.74 4.47 9.03
CA ASN A 63 -0.88 5.63 9.12
C ASN A 63 0.58 5.25 8.99
N GLY A 64 1.37 6.18 8.51
CA GLY A 64 2.79 6.00 8.44
C GLY A 64 3.27 5.62 7.04
N LYS A 65 4.48 5.11 6.98
CA LYS A 65 5.07 4.68 5.71
C LYS A 65 4.76 3.20 5.47
N VAL A 66 4.77 2.81 4.21
CA VAL A 66 4.49 1.44 3.82
C VAL A 66 5.62 0.52 4.32
N PRO A 67 5.28 -0.59 4.98
CA PRO A 67 6.29 -1.52 5.48
C PRO A 67 6.94 -2.29 4.35
N TYR A 68 8.09 -2.87 4.62
CA TYR A 68 8.89 -3.52 3.59
C TYR A 68 8.07 -4.60 2.89
N ASP A 69 7.35 -5.39 3.68
CA ASP A 69 6.68 -6.58 3.17
C ASP A 69 5.22 -6.32 2.79
N ALA A 70 4.84 -5.06 2.70
CA ALA A 70 3.47 -4.70 2.31
C ALA A 70 3.21 -4.99 0.85
N ILE A 71 1.95 -5.19 0.54
CA ILE A 71 1.49 -5.49 -0.80
C ILE A 71 0.91 -4.23 -1.44
N ILE A 72 1.13 -4.04 -2.73
CA ILE A 72 0.63 -2.86 -3.41
C ILE A 72 -0.29 -3.22 -4.59
N SER A 73 -1.16 -2.29 -4.94
CA SER A 73 -2.03 -2.42 -6.09
C SER A 73 -1.31 -1.94 -7.35
N GLU A 74 -1.62 -2.57 -8.48
CA GLU A 74 -1.06 -2.23 -9.77
C GLU A 74 -1.48 -0.82 -10.18
N GLU A 75 -2.52 -0.30 -9.54
CA GLU A 75 -2.99 1.05 -9.78
C GLU A 75 -1.89 2.06 -9.48
N LEU A 76 -1.03 1.71 -8.53
CA LEU A 76 0.01 2.62 -8.09
C LEU A 76 1.35 2.34 -8.78
N LEU A 77 1.38 1.32 -9.65
CA LEU A 77 2.61 0.95 -10.33
C LEU A 77 3.15 2.10 -11.18
N MET A 78 4.44 2.34 -11.04
CA MET A 78 5.10 3.36 -11.84
C MET A 78 5.50 2.80 -13.19
N LYS A 79 4.86 3.29 -14.25
CA LYS A 79 5.38 3.07 -15.58
C LYS A 79 5.33 4.37 -16.37
N ASP A 80 6.47 5.00 -16.48
CA ASP A 80 6.65 6.19 -17.29
C ASP A 80 7.77 5.93 -18.29
N PRO A 81 7.66 6.42 -19.52
CA PRO A 81 8.67 6.20 -20.54
C PRO A 81 9.95 6.99 -20.28
N ASN A 82 9.86 7.98 -19.41
CA ASN A 82 11.01 8.80 -19.06
C ASN A 82 11.46 8.51 -17.63
N TYR A 83 10.57 7.95 -16.81
CA TYR A 83 10.88 7.80 -15.40
C TYR A 83 11.60 6.50 -15.12
N GLN A 84 12.67 6.64 -14.37
CA GLN A 84 13.37 5.54 -13.78
C GLN A 84 13.48 5.83 -12.30
N LEU A 85 13.52 4.78 -11.49
CA LEU A 85 13.43 4.90 -10.04
C LEU A 85 14.43 5.92 -9.51
N LYS A 86 13.92 7.06 -9.09
CA LYS A 86 14.77 8.16 -8.68
C LYS A 86 14.82 8.23 -7.17
N ASP A 87 16.04 8.27 -6.66
CA ASP A 87 16.29 8.28 -5.23
C ASP A 87 15.75 9.56 -4.60
N SER A 88 15.44 10.54 -5.44
CA SER A 88 14.94 11.82 -4.98
C SER A 88 13.43 11.77 -4.76
N ASP A 89 12.74 10.87 -5.45
CA ASP A 89 11.29 10.77 -5.36
C ASP A 89 10.91 9.68 -4.37
N ILE A 90 11.81 8.73 -4.20
CA ILE A 90 11.61 7.63 -3.26
C ILE A 90 11.34 8.14 -1.86
N VAL A 91 10.16 7.85 -1.36
CA VAL A 91 9.82 8.15 0.01
C VAL A 91 10.13 6.95 0.88
N ASN A 92 9.89 5.77 0.32
CA ASN A 92 10.07 4.52 1.05
C ASN A 92 10.44 3.39 0.10
N GLU A 93 10.94 2.31 0.66
CA GLU A 93 11.31 1.14 -0.12
C GLU A 93 10.60 -0.09 0.44
N ILE A 94 10.03 -0.86 -0.47
CA ILE A 94 9.34 -2.08 -0.11
C ILE A 94 9.92 -3.24 -0.90
N LYS A 95 9.35 -4.42 -0.73
CA LYS A 95 9.89 -5.59 -1.35
C LYS A 95 9.61 -5.59 -2.84
N GLY A 96 10.67 -5.47 -3.62
CA GLY A 96 10.56 -5.50 -5.06
C GLY A 96 10.24 -4.15 -5.65
N GLY A 97 9.41 -3.37 -4.97
CA GLY A 97 9.06 -2.06 -5.46
C GLY A 97 9.52 -0.95 -4.53
N TYR A 98 9.38 0.28 -4.98
CA TYR A 98 9.68 1.43 -4.14
C TYR A 98 8.46 2.31 -4.02
N VAL A 99 8.14 2.69 -2.80
CA VAL A 99 7.08 3.65 -2.58
C VAL A 99 7.64 5.03 -2.88
N ILE A 100 7.17 5.62 -3.96
CA ILE A 100 7.77 6.82 -4.47
C ILE A 100 6.74 7.92 -4.63
N LYS A 101 7.18 9.15 -4.49
CA LYS A 101 6.33 10.29 -4.75
C LYS A 101 6.97 11.13 -5.84
N VAL A 102 6.42 11.02 -7.02
CA VAL A 102 6.97 11.69 -8.18
C VAL A 102 5.91 12.61 -8.77
N ASP A 103 6.34 13.82 -9.12
CA ASP A 103 5.44 14.82 -9.69
C ASP A 103 4.25 15.07 -8.76
N GLY A 104 4.52 14.99 -7.46
CA GLY A 104 3.51 15.27 -6.45
C GLY A 104 2.60 14.10 -6.18
N LYS A 105 2.76 13.03 -6.93
CA LYS A 105 1.88 11.87 -6.82
C LYS A 105 2.62 10.66 -6.31
N TYR A 106 1.89 9.74 -5.72
CA TYR A 106 2.48 8.57 -5.11
C TYR A 106 2.35 7.37 -6.02
N TYR A 107 3.46 6.65 -6.15
CA TYR A 107 3.52 5.47 -6.97
C TYR A 107 4.33 4.40 -6.26
N VAL A 108 4.26 3.21 -6.79
CA VAL A 108 5.13 2.14 -6.37
C VAL A 108 5.77 1.54 -7.59
N TYR A 109 7.01 1.92 -7.81
CA TYR A 109 7.76 1.47 -8.97
C TYR A 109 8.42 0.16 -8.68
N LEU A 110 7.95 -0.85 -9.40
CA LEU A 110 8.40 -2.21 -9.21
C LEU A 110 9.61 -2.48 -10.08
N LYS A 111 10.60 -3.14 -9.50
CA LYS A 111 11.80 -3.49 -10.23
C LYS A 111 11.59 -4.76 -11.07
N ASP A 112 10.53 -5.50 -10.73
CA ASP A 112 10.18 -6.70 -11.47
C ASP A 112 8.67 -6.81 -11.59
N ALA A 113 8.12 -6.20 -12.63
CA ALA A 113 6.67 -6.16 -12.83
C ALA A 113 6.18 -7.46 -13.45
N ALA A 114 7.11 -8.32 -13.82
CA ALA A 114 6.79 -9.52 -14.59
C ALA A 114 6.49 -10.73 -13.73
N HIS A 115 7.23 -10.91 -12.64
CA HIS A 115 7.04 -12.11 -11.82
C HIS A 115 6.23 -11.79 -10.57
N ALA A 116 5.78 -10.53 -10.51
CA ALA A 116 5.04 -10.01 -9.36
C ALA A 116 5.91 -9.89 -8.13
N ASP A 117 6.15 -8.65 -7.75
CA ASP A 117 6.89 -8.36 -6.54
C ASP A 117 5.98 -7.65 -5.56
N ASN A 118 4.95 -8.38 -5.11
CA ASN A 118 3.98 -7.93 -4.09
C ASN A 118 2.84 -7.13 -4.72
N ILE A 119 2.83 -7.02 -6.03
CA ILE A 119 1.81 -6.24 -6.70
C ILE A 119 0.60 -7.09 -7.08
N ARG A 120 -0.54 -6.72 -6.52
CA ARG A 120 -1.82 -7.31 -6.89
C ARG A 120 -2.49 -6.42 -7.93
N THR A 121 -2.95 -7.02 -9.02
CA THR A 121 -3.68 -6.28 -10.03
C THR A 121 -5.07 -5.95 -9.54
N LYS A 122 -5.74 -5.00 -10.19
CA LYS A 122 -7.13 -4.71 -9.83
C LYS A 122 -7.98 -5.97 -9.98
N GLU A 123 -7.61 -6.78 -10.95
CA GLU A 123 -8.22 -8.08 -11.14
C GLU A 123 -7.90 -9.00 -9.97
N GLU A 124 -6.62 -9.10 -9.64
CA GLU A 124 -6.17 -9.97 -8.57
C GLU A 124 -6.69 -9.52 -7.23
N ILE A 125 -6.70 -8.21 -7.02
CA ILE A 125 -7.18 -7.66 -5.76
C ILE A 125 -8.58 -8.16 -5.43
N LYS A 126 -9.45 -8.21 -6.43
CA LYS A 126 -10.79 -8.73 -6.21
C LYS A 126 -10.73 -10.24 -5.93
N ARG A 127 -9.78 -10.91 -6.55
CA ARG A 127 -9.54 -12.32 -6.28
C ARG A 127 -9.04 -12.52 -4.85
N GLN A 128 -8.09 -11.67 -4.48
CA GLN A 128 -7.44 -11.73 -3.18
C GLN A 128 -8.42 -11.35 -2.06
N LYS A 129 -9.41 -10.53 -2.40
CA LYS A 129 -10.36 -10.05 -1.40
C LYS A 129 -11.49 -11.05 -1.16
N GLN A 130 -11.53 -12.10 -1.98
CA GLN A 130 -12.51 -13.16 -1.80
C GLN A 130 -11.92 -14.26 -0.93
N GLU A 131 -11.75 -14.04 0.29
ZN ZN B . -9.00 -4.40 7.80
N SER A 12 -11.52 10.28 13.63
CA SER A 12 -12.95 10.13 13.31
C SER A 12 -13.36 8.67 13.44
N TYR A 13 -14.67 8.44 13.47
CA TYR A 13 -15.19 7.09 13.62
C TYR A 13 -16.14 6.77 12.49
N ILE A 14 -16.43 5.49 12.31
CA ILE A 14 -17.33 5.04 11.25
C ILE A 14 -18.78 5.20 11.69
N ASP A 15 -19.28 6.45 11.65
CA ASP A 15 -20.68 6.78 11.91
C ASP A 15 -21.04 6.73 13.40
N GLY A 16 -20.62 5.67 14.04
CA GLY A 16 -20.92 5.46 15.44
C GLY A 16 -21.77 4.22 15.64
N ASP A 17 -22.50 3.85 14.59
CA ASP A 17 -23.24 2.59 14.59
C ASP A 17 -22.25 1.44 14.54
N GLN A 18 -21.30 1.54 13.63
CA GLN A 18 -20.21 0.59 13.54
C GLN A 18 -18.99 1.13 14.28
N ALA A 19 -18.62 2.37 13.94
CA ALA A 19 -17.48 3.06 14.55
C ALA A 19 -16.17 2.35 14.23
N GLY A 20 -15.09 2.79 14.86
CA GLY A 20 -13.79 2.24 14.58
C GLY A 20 -12.76 3.33 14.35
N GLN A 21 -11.50 3.00 14.52
CA GLN A 21 -10.42 3.97 14.35
C GLN A 21 -9.97 4.00 12.90
N LYS A 22 -9.58 5.18 12.42
CA LYS A 22 -9.14 5.36 11.07
C LYS A 22 -7.65 5.65 11.04
N ALA A 23 -6.99 5.10 10.04
CA ALA A 23 -5.56 5.31 9.81
C ALA A 23 -4.73 4.63 10.89
N GLU A 24 -4.47 3.35 10.68
CA GLU A 24 -3.70 2.53 11.62
C GLU A 24 -2.36 3.15 11.94
N ASN A 25 -2.05 3.18 13.24
CA ASN A 25 -0.76 3.67 13.71
C ASN A 25 0.10 2.50 14.16
N LEU A 26 -0.56 1.40 14.47
CA LEU A 26 0.10 0.18 14.91
C LEU A 26 0.83 -0.49 13.76
N THR A 27 1.64 -1.49 14.07
CA THR A 27 2.37 -2.23 13.05
C THR A 27 1.42 -3.18 12.29
N PRO A 28 1.74 -3.50 11.02
CA PRO A 28 0.83 -4.25 10.14
C PRO A 28 0.26 -5.52 10.78
N ASP A 29 1.11 -6.25 11.50
CA ASP A 29 0.72 -7.52 12.10
C ASP A 29 -0.21 -7.27 13.28
N GLU A 30 0.15 -6.28 14.08
CA GLU A 30 -0.68 -5.85 15.19
C GLU A 30 -2.04 -5.39 14.70
N VAL A 31 -2.02 -4.70 13.56
CA VAL A 31 -3.24 -4.21 12.93
C VAL A 31 -4.15 -5.35 12.58
N SER A 32 -3.60 -6.29 11.82
CA SER A 32 -4.37 -7.37 11.25
C SER A 32 -4.88 -8.33 12.33
N LYS A 33 -4.09 -8.54 13.38
CA LYS A 33 -4.50 -9.40 14.47
C LYS A 33 -5.65 -8.78 15.25
N ARG A 34 -5.59 -7.47 15.44
CA ARG A 34 -6.63 -6.73 16.16
C ARG A 34 -7.98 -6.88 15.48
N GLU A 35 -7.97 -6.86 14.16
CA GLU A 35 -9.21 -6.95 13.40
C GLU A 35 -9.68 -8.39 13.26
N GLY A 36 -8.87 -9.26 12.64
CA GLY A 36 -9.26 -10.65 12.55
C GLY A 36 -8.86 -11.33 11.24
N ILE A 37 -9.07 -10.66 10.10
CA ILE A 37 -8.78 -11.27 8.80
C ILE A 37 -7.33 -11.68 8.65
N ASN A 38 -6.43 -10.84 9.18
CA ASN A 38 -4.99 -11.09 9.14
C ASN A 38 -4.48 -11.21 7.71
N ALA A 39 -5.25 -10.75 6.73
CA ALA A 39 -4.85 -10.84 5.34
C ALA A 39 -3.77 -9.82 4.99
N GLU A 40 -3.10 -10.02 3.85
CA GLU A 40 -2.04 -9.13 3.41
C GLU A 40 -2.60 -7.77 3.05
N GLN A 41 -1.88 -6.72 3.45
CA GLN A 41 -2.35 -5.36 3.27
C GLN A 41 -1.98 -4.84 1.88
N ILE A 42 -2.97 -4.76 1.01
CA ILE A 42 -2.75 -4.34 -0.37
C ILE A 42 -3.09 -2.87 -0.56
N VAL A 43 -2.07 -2.03 -0.54
CA VAL A 43 -2.23 -0.59 -0.68
C VAL A 43 -2.80 -0.23 -2.05
N ILE A 44 -4.02 0.27 -2.05
CA ILE A 44 -4.68 0.69 -3.29
C ILE A 44 -4.49 2.19 -3.51
N LYS A 45 -4.33 2.92 -2.41
CA LYS A 45 -4.11 4.35 -2.47
C LYS A 45 -2.96 4.74 -1.56
N ILE A 46 -2.17 5.69 -2.00
CA ILE A 46 -1.06 6.20 -1.20
C ILE A 46 -1.15 7.70 -1.07
N THR A 47 -0.64 8.21 0.04
CA THR A 47 -0.47 9.63 0.27
C THR A 47 0.86 9.82 1.01
N ASP A 48 1.27 11.04 1.25
CA ASP A 48 2.51 11.24 1.99
C ASP A 48 2.27 11.14 3.50
N GLN A 49 1.00 11.07 3.90
CA GLN A 49 0.68 10.85 5.31
C GLN A 49 0.67 9.37 5.61
N GLY A 50 0.34 8.57 4.59
CA GLY A 50 0.20 7.14 4.75
C GLY A 50 -0.47 6.54 3.53
N TYR A 51 -1.33 5.55 3.74
CA TYR A 51 -2.00 4.91 2.62
C TYR A 51 -3.30 4.26 3.04
N VAL A 52 -3.99 3.69 2.06
CA VAL A 52 -5.19 2.94 2.33
C VAL A 52 -5.08 1.58 1.66
N THR A 53 -5.23 0.53 2.44
CA THR A 53 -5.05 -0.83 1.95
C THR A 53 -6.38 -1.53 1.73
N SER A 54 -6.51 -2.21 0.61
CA SER A 54 -7.64 -3.09 0.40
C SER A 54 -7.21 -4.50 0.78
N HIS A 55 -7.40 -4.84 2.05
CA HIS A 55 -6.92 -6.11 2.53
C HIS A 55 -8.05 -6.91 3.13
N GLY A 56 -7.90 -8.23 3.10
CA GLY A 56 -8.93 -9.10 3.59
C GLY A 56 -10.17 -9.05 2.71
N ASP A 57 -11.11 -8.20 3.08
CA ASP A 57 -12.34 -8.04 2.33
C ASP A 57 -12.68 -6.57 2.13
N HIS A 58 -11.94 -5.69 2.80
CA HIS A 58 -12.34 -4.29 2.90
C HIS A 58 -11.20 -3.33 2.63
N TYR A 59 -11.54 -2.05 2.66
CA TYR A 59 -10.57 -0.98 2.58
C TYR A 59 -10.25 -0.52 3.99
N HIS A 60 -8.97 -0.45 4.31
CA HIS A 60 -8.55 -0.08 5.63
C HIS A 60 -7.54 1.05 5.55
N TYR A 61 -7.77 2.11 6.31
CA TYR A 61 -6.94 3.30 6.26
C TYR A 61 -5.74 3.13 7.21
N TYR A 62 -4.59 3.62 6.79
CA TYR A 62 -3.35 3.37 7.51
C TYR A 62 -2.46 4.62 7.47
N ASN A 63 -1.66 4.78 8.49
CA ASN A 63 -0.84 5.98 8.66
C ASN A 63 0.62 5.61 8.84
N GLY A 64 1.50 6.45 8.35
CA GLY A 64 2.93 6.20 8.46
C GLY A 64 3.54 5.75 7.16
N LYS A 65 4.71 5.13 7.25
CA LYS A 65 5.42 4.63 6.10
C LYS A 65 4.94 3.24 5.71
N VAL A 66 5.17 2.89 4.46
CA VAL A 66 4.82 1.58 3.95
C VAL A 66 5.87 0.57 4.40
N PRO A 67 5.47 -0.57 4.96
CA PRO A 67 6.42 -1.60 5.34
C PRO A 67 6.97 -2.33 4.13
N TYR A 68 8.10 -2.97 4.28
CA TYR A 68 8.78 -3.61 3.15
C TYR A 68 7.86 -4.67 2.52
N ASP A 69 7.18 -5.41 3.37
CA ASP A 69 6.37 -6.54 2.93
C ASP A 69 4.93 -6.12 2.61
N ALA A 70 4.68 -4.83 2.52
CA ALA A 70 3.34 -4.35 2.16
C ALA A 70 3.06 -4.63 0.70
N ILE A 71 1.83 -5.02 0.43
CA ILE A 71 1.40 -5.39 -0.91
C ILE A 71 0.75 -4.19 -1.59
N ILE A 72 0.95 -4.04 -2.89
CA ILE A 72 0.43 -2.87 -3.61
C ILE A 72 -0.53 -3.26 -4.73
N SER A 73 -1.49 -2.37 -4.98
CA SER A 73 -2.36 -2.46 -6.13
C SER A 73 -1.63 -1.98 -7.38
N GLU A 74 -1.87 -2.67 -8.49
CA GLU A 74 -1.19 -2.39 -9.74
C GLU A 74 -1.55 -1.01 -10.29
N GLU A 75 -2.59 -0.41 -9.74
CA GLU A 75 -3.00 0.94 -10.13
C GLU A 75 -1.93 1.96 -9.82
N LEU A 76 -1.06 1.62 -8.87
CA LEU A 76 -0.08 2.57 -8.38
C LEU A 76 1.29 2.32 -9.00
N LEU A 77 1.41 1.21 -9.71
CA LEU A 77 2.62 0.84 -10.38
C LEU A 77 3.14 1.95 -11.28
N MET A 78 4.42 2.21 -11.15
CA MET A 78 5.09 3.17 -11.99
C MET A 78 5.72 2.47 -13.18
N LYS A 79 5.10 2.59 -14.34
CA LYS A 79 5.76 2.18 -15.54
C LYS A 79 5.79 3.35 -16.51
N ASP A 80 6.92 4.02 -16.54
CA ASP A 80 7.18 5.07 -17.50
C ASP A 80 8.44 4.72 -18.27
N PRO A 81 8.42 4.85 -19.60
CA PRO A 81 9.57 4.49 -20.43
C PRO A 81 10.75 5.44 -20.22
N ASN A 82 10.46 6.62 -19.69
CA ASN A 82 11.47 7.64 -19.48
C ASN A 82 11.75 7.83 -17.99
N TYR A 83 10.90 7.30 -17.13
CA TYR A 83 11.08 7.47 -15.69
C TYR A 83 12.01 6.42 -15.12
N GLN A 84 12.98 6.88 -14.37
CA GLN A 84 13.88 6.01 -13.63
C GLN A 84 13.83 6.39 -12.16
N LEU A 85 13.94 5.38 -11.31
CA LEU A 85 13.85 5.58 -9.87
C LEU A 85 14.95 6.53 -9.40
N LYS A 86 14.56 7.52 -8.62
CA LYS A 86 15.49 8.51 -8.12
C LYS A 86 15.39 8.59 -6.60
N ASP A 87 16.51 8.80 -5.94
CA ASP A 87 16.57 8.86 -4.48
C ASP A 87 15.72 10.00 -3.93
N SER A 88 15.34 10.92 -4.81
CA SER A 88 14.56 12.08 -4.42
C SER A 88 13.07 11.76 -4.32
N ASP A 89 12.61 10.75 -5.06
CA ASP A 89 11.20 10.38 -5.01
C ASP A 89 10.98 9.24 -4.04
N ILE A 90 12.05 8.50 -3.79
CA ILE A 90 12.01 7.39 -2.85
C ILE A 90 11.69 7.86 -1.45
N VAL A 91 10.46 7.62 -1.03
CA VAL A 91 10.05 7.89 0.32
C VAL A 91 10.32 6.67 1.17
N ASN A 92 10.20 5.50 0.54
CA ASN A 92 10.42 4.22 1.20
C ASN A 92 10.60 3.12 0.15
N GLU A 93 11.16 2.01 0.58
CA GLU A 93 11.37 0.86 -0.29
C GLU A 93 10.53 -0.32 0.18
N ILE A 94 9.87 -0.97 -0.75
CA ILE A 94 9.12 -2.16 -0.46
C ILE A 94 9.66 -3.32 -1.27
N LYS A 95 9.03 -4.47 -1.17
CA LYS A 95 9.54 -5.64 -1.84
C LYS A 95 9.45 -5.51 -3.35
N GLY A 96 10.62 -5.50 -3.98
CA GLY A 96 10.70 -5.43 -5.43
C GLY A 96 10.41 -4.04 -5.97
N GLY A 97 9.55 -3.31 -5.30
CA GLY A 97 9.20 -1.98 -5.72
C GLY A 97 9.60 -0.90 -4.75
N TYR A 98 9.49 0.32 -5.18
CA TYR A 98 9.71 1.48 -4.32
C TYR A 98 8.44 2.29 -4.25
N VAL A 99 7.93 2.48 -3.06
CA VAL A 99 6.81 3.38 -2.88
C VAL A 99 7.34 4.81 -2.94
N ILE A 100 7.00 5.50 -4.01
CA ILE A 100 7.66 6.73 -4.37
C ILE A 100 6.69 7.88 -4.56
N LYS A 101 7.12 9.07 -4.19
CA LYS A 101 6.34 10.25 -4.45
C LYS A 101 7.01 11.05 -5.54
N VAL A 102 6.44 10.98 -6.73
CA VAL A 102 6.99 11.63 -7.89
C VAL A 102 5.98 12.59 -8.47
N ASP A 103 6.44 13.78 -8.80
CA ASP A 103 5.63 14.76 -9.52
C ASP A 103 4.39 15.15 -8.70
N GLY A 104 4.48 15.00 -7.39
CA GLY A 104 3.40 15.36 -6.51
C GLY A 104 2.40 14.24 -6.33
N LYS A 105 2.73 13.06 -6.85
CA LYS A 105 1.86 11.90 -6.75
C LYS A 105 2.64 10.71 -6.20
N TYR A 106 1.92 9.66 -5.88
CA TYR A 106 2.54 8.48 -5.32
C TYR A 106 2.40 7.28 -6.24
N TYR A 107 3.51 6.59 -6.43
CA TYR A 107 3.56 5.41 -7.26
C TYR A 107 4.34 4.33 -6.57
N VAL A 108 4.37 3.17 -7.19
CA VAL A 108 5.19 2.09 -6.74
C VAL A 108 6.07 1.62 -7.88
N TYR A 109 7.36 1.92 -7.76
CA TYR A 109 8.34 1.58 -8.76
C TYR A 109 8.73 0.14 -8.65
N LEU A 110 8.20 -0.67 -9.53
CA LEU A 110 8.52 -2.05 -9.50
C LEU A 110 9.71 -2.36 -10.38
N LYS A 111 10.67 -3.07 -9.81
CA LYS A 111 11.85 -3.46 -10.55
C LYS A 111 11.59 -4.76 -11.31
N ASP A 112 10.55 -5.49 -10.89
CA ASP A 112 10.14 -6.70 -11.58
C ASP A 112 8.63 -6.71 -11.74
N ALA A 113 8.18 -6.01 -12.77
CA ALA A 113 6.75 -5.87 -13.02
C ALA A 113 6.19 -7.08 -13.72
N ALA A 114 7.06 -7.98 -14.15
CA ALA A 114 6.66 -9.12 -14.94
C ALA A 114 6.15 -10.27 -14.10
N HIS A 115 6.85 -10.59 -13.02
CA HIS A 115 6.54 -11.80 -12.26
C HIS A 115 5.81 -11.48 -10.96
N ALA A 116 5.45 -10.21 -10.80
CA ALA A 116 4.80 -9.71 -9.59
C ALA A 116 5.69 -9.82 -8.37
N ASP A 117 6.03 -8.69 -7.83
CA ASP A 117 6.81 -8.61 -6.62
C ASP A 117 6.01 -7.87 -5.58
N ASN A 118 4.88 -8.48 -5.17
CA ASN A 118 3.93 -7.93 -4.19
C ASN A 118 2.87 -7.06 -4.88
N ILE A 119 2.86 -7.09 -6.19
CA ILE A 119 1.86 -6.35 -6.92
C ILE A 119 0.71 -7.24 -7.34
N ARG A 120 -0.46 -6.92 -6.83
CA ARG A 120 -1.67 -7.66 -7.16
C ARG A 120 -2.56 -6.80 -8.05
N THR A 121 -2.94 -7.35 -9.19
CA THR A 121 -3.80 -6.65 -10.12
C THR A 121 -5.17 -6.42 -9.50
N LYS A 122 -5.88 -5.39 -9.94
CA LYS A 122 -7.21 -5.14 -9.43
C LYS A 122 -8.10 -6.36 -9.63
N GLU A 123 -7.92 -7.02 -10.75
CA GLU A 123 -8.64 -8.25 -11.05
C GLU A 123 -8.27 -9.33 -10.03
N GLU A 124 -7.01 -9.33 -9.63
CA GLU A 124 -6.52 -10.29 -8.66
C GLU A 124 -6.90 -9.88 -7.26
N ILE A 125 -6.93 -8.59 -7.00
CA ILE A 125 -7.25 -8.08 -5.69
C ILE A 125 -8.61 -8.58 -5.22
N LYS A 126 -9.55 -8.68 -6.16
CA LYS A 126 -10.87 -9.21 -5.85
C LYS A 126 -10.76 -10.70 -5.49
N ARG A 127 -9.83 -11.39 -6.13
CA ARG A 127 -9.52 -12.78 -5.79
C ARG A 127 -8.84 -12.84 -4.43
N GLN A 128 -7.89 -11.94 -4.24
CA GLN A 128 -7.11 -11.84 -3.02
C GLN A 128 -8.00 -11.45 -1.85
N LYS A 129 -9.10 -10.77 -2.14
CA LYS A 129 -10.03 -10.33 -1.12
C LYS A 129 -11.15 -11.35 -0.90
N GLN A 130 -11.12 -12.43 -1.67
CA GLN A 130 -12.16 -13.44 -1.59
C GLN A 130 -11.79 -14.50 -0.56
N GLU A 131 -10.59 -14.84 -0.45
ZN ZN B . -8.65 -4.26 7.92
N SER A 12 -3.34 13.64 24.25
CA SER A 12 -4.24 13.92 23.11
C SER A 12 -4.66 12.62 22.43
N TYR A 13 -5.96 12.39 22.38
CA TYR A 13 -6.50 11.19 21.73
C TYR A 13 -6.53 11.38 20.22
N ILE A 14 -5.34 11.37 19.62
CA ILE A 14 -5.15 11.49 18.18
C ILE A 14 -5.61 12.86 17.65
N ASP A 15 -6.91 13.09 17.64
CA ASP A 15 -7.46 14.33 17.10
C ASP A 15 -8.12 15.15 18.20
N GLY A 16 -8.13 14.60 19.40
CA GLY A 16 -8.69 15.32 20.54
C GLY A 16 -9.90 14.64 21.14
N ASP A 17 -10.59 13.83 20.34
CA ASP A 17 -11.73 13.09 20.84
C ASP A 17 -11.43 11.60 20.85
N GLN A 18 -11.37 10.99 19.67
CA GLN A 18 -11.04 9.60 19.54
C GLN A 18 -9.91 9.41 18.53
N ALA A 19 -10.17 9.82 17.30
CA ALA A 19 -9.21 9.66 16.22
C ALA A 19 -9.57 10.56 15.04
N GLY A 20 -8.56 10.98 14.30
CA GLY A 20 -8.79 11.85 13.17
C GLY A 20 -8.89 11.05 11.89
N GLN A 21 -10.10 10.98 11.34
CA GLN A 21 -10.39 10.22 10.12
C GLN A 21 -10.19 8.73 10.35
N LYS A 22 -10.54 7.93 9.36
CA LYS A 22 -10.39 6.49 9.45
C LYS A 22 -9.00 6.09 9.02
N ALA A 23 -8.04 6.48 9.81
CA ALA A 23 -6.63 6.26 9.54
C ALA A 23 -5.96 5.77 10.81
N GLU A 24 -5.71 4.46 10.89
CA GLU A 24 -5.10 3.85 12.08
C GLU A 24 -3.87 4.64 12.53
N ASN A 25 -3.80 4.89 13.82
CA ASN A 25 -2.65 5.55 14.41
C ASN A 25 -1.55 4.54 14.69
N LEU A 26 -1.95 3.27 14.75
CA LEU A 26 -1.03 2.18 14.98
C LEU A 26 -0.28 1.83 13.69
N THR A 27 0.64 0.89 13.80
CA THR A 27 1.43 0.46 12.67
C THR A 27 0.69 -0.62 11.87
N PRO A 28 0.92 -0.67 10.55
CA PRO A 28 0.14 -1.51 9.61
C PRO A 28 -0.07 -2.95 10.08
N ASP A 29 0.98 -3.60 10.56
CA ASP A 29 0.89 -5.00 10.95
C ASP A 29 0.04 -5.12 12.20
N GLU A 30 0.34 -4.26 13.15
CA GLU A 30 -0.39 -4.15 14.40
C GLU A 30 -1.87 -3.90 14.13
N VAL A 31 -2.14 -3.23 13.02
CA VAL A 31 -3.52 -2.94 12.61
C VAL A 31 -4.31 -4.24 12.42
N SER A 32 -3.86 -5.06 11.48
CA SER A 32 -4.60 -6.22 11.06
C SER A 32 -4.59 -7.31 12.14
N LYS A 33 -3.44 -7.48 12.79
CA LYS A 33 -3.28 -8.51 13.80
C LYS A 33 -4.25 -8.30 14.97
N ARG A 34 -4.55 -7.04 15.25
CA ARG A 34 -5.43 -6.70 16.36
C ARG A 34 -6.90 -6.82 15.96
N GLU A 35 -7.20 -6.57 14.69
CA GLU A 35 -8.58 -6.61 14.22
C GLU A 35 -9.03 -8.04 13.91
N GLY A 36 -8.12 -8.85 13.39
CA GLY A 36 -8.46 -10.24 13.12
C GLY A 36 -7.86 -10.75 11.83
N ILE A 37 -8.12 -10.05 10.73
CA ILE A 37 -7.64 -10.51 9.43
C ILE A 37 -6.13 -10.37 9.32
N ASN A 38 -5.46 -11.45 8.99
CA ASN A 38 -4.02 -11.45 8.82
C ASN A 38 -3.68 -11.50 7.33
N ALA A 39 -4.64 -11.06 6.52
CA ALA A 39 -4.48 -11.05 5.07
C ALA A 39 -3.48 -9.97 4.64
N GLU A 40 -3.05 -10.06 3.38
CA GLU A 40 -2.07 -9.13 2.84
C GLU A 40 -2.69 -7.74 2.67
N GLN A 41 -1.94 -6.72 3.10
CA GLN A 41 -2.39 -5.35 2.96
C GLN A 41 -2.01 -4.80 1.60
N ILE A 42 -2.99 -4.71 0.72
CA ILE A 42 -2.77 -4.23 -0.63
C ILE A 42 -3.08 -2.73 -0.73
N VAL A 43 -2.04 -1.91 -0.70
CA VAL A 43 -2.20 -0.46 -0.77
C VAL A 43 -2.85 -0.07 -2.10
N ILE A 44 -4.09 0.44 -2.02
CA ILE A 44 -4.82 0.87 -3.20
C ILE A 44 -4.77 2.39 -3.36
N LYS A 45 -4.51 3.07 -2.26
CA LYS A 45 -4.34 4.51 -2.28
C LYS A 45 -3.11 4.89 -1.49
N ILE A 46 -2.34 5.83 -2.02
CA ILE A 46 -1.13 6.27 -1.34
C ILE A 46 -1.12 7.79 -1.22
N THR A 47 -0.96 8.30 -0.01
CA THR A 47 -0.67 9.71 0.20
C THR A 47 0.37 9.83 1.30
N ASP A 48 1.08 10.94 1.34
CA ASP A 48 2.12 11.13 2.34
C ASP A 48 1.50 11.50 3.70
N GLN A 49 0.18 11.45 3.76
CA GLN A 49 -0.54 11.60 5.02
C GLN A 49 -1.06 10.24 5.48
N GLY A 50 -0.64 9.20 4.80
CA GLY A 50 -1.08 7.85 5.11
C GLY A 50 -1.71 7.19 3.91
N TYR A 51 -1.79 5.88 3.89
CA TYR A 51 -2.31 5.18 2.72
C TYR A 51 -3.51 4.33 3.07
N VAL A 52 -4.22 3.92 2.04
CA VAL A 52 -5.39 3.09 2.19
C VAL A 52 -5.13 1.72 1.56
N THR A 53 -5.26 0.68 2.36
CA THR A 53 -4.97 -0.66 1.88
C THR A 53 -6.24 -1.50 1.77
N SER A 54 -6.40 -2.20 0.67
CA SER A 54 -7.47 -3.16 0.52
C SER A 54 -7.00 -4.49 1.06
N HIS A 55 -7.23 -4.73 2.34
CA HIS A 55 -6.70 -5.92 2.97
C HIS A 55 -7.80 -6.77 3.57
N GLY A 56 -7.58 -8.07 3.56
CA GLY A 56 -8.58 -8.99 4.06
C GLY A 56 -9.78 -9.05 3.14
N ASP A 57 -10.78 -8.23 3.46
CA ASP A 57 -12.02 -8.17 2.69
C ASP A 57 -12.40 -6.73 2.38
N HIS A 58 -11.77 -5.81 3.10
CA HIS A 58 -12.22 -4.42 3.09
C HIS A 58 -11.07 -3.46 2.86
N TYR A 59 -11.39 -2.19 2.91
CA TYR A 59 -10.39 -1.16 2.76
C TYR A 59 -10.04 -0.60 4.13
N HIS A 60 -8.76 -0.55 4.44
CA HIS A 60 -8.34 -0.04 5.72
C HIS A 60 -7.28 1.04 5.52
N TYR A 61 -7.52 2.17 6.13
CA TYR A 61 -6.74 3.37 5.92
C TYR A 61 -5.99 3.71 7.21
N TYR A 62 -4.74 4.18 7.08
CA TYR A 62 -3.94 4.54 8.24
C TYR A 62 -2.81 5.50 7.87
N ASN A 63 -2.06 5.92 8.89
CA ASN A 63 -0.95 6.84 8.72
C ASN A 63 0.36 6.09 8.88
N GLY A 64 1.44 6.65 8.34
CA GLY A 64 2.73 6.03 8.47
C GLY A 64 3.31 5.65 7.12
N LYS A 65 4.34 4.81 7.16
CA LYS A 65 5.00 4.32 5.96
C LYS A 65 4.57 2.90 5.62
N VAL A 66 4.64 2.57 4.34
CA VAL A 66 4.35 1.21 3.88
C VAL A 66 5.42 0.27 4.41
N PRO A 67 5.02 -0.86 5.01
CA PRO A 67 5.96 -1.86 5.45
C PRO A 67 6.58 -2.58 4.25
N TYR A 68 7.81 -3.01 4.46
CA TYR A 68 8.63 -3.56 3.38
C TYR A 68 7.94 -4.76 2.73
N ASP A 69 7.14 -5.48 3.50
CA ASP A 69 6.52 -6.70 3.01
C ASP A 69 5.07 -6.46 2.55
N ALA A 70 4.63 -5.20 2.54
CA ALA A 70 3.26 -4.88 2.12
C ALA A 70 3.07 -5.14 0.62
N ILE A 71 1.81 -5.20 0.22
CA ILE A 71 1.45 -5.45 -1.17
C ILE A 71 0.85 -4.20 -1.80
N ILE A 72 1.14 -3.96 -3.07
CA ILE A 72 0.63 -2.79 -3.78
C ILE A 72 -0.32 -3.20 -4.90
N SER A 73 -1.24 -2.29 -5.22
CA SER A 73 -2.14 -2.46 -6.34
C SER A 73 -1.47 -2.04 -7.65
N GLU A 74 -1.79 -2.75 -8.72
CA GLU A 74 -1.13 -2.58 -10.03
C GLU A 74 -1.40 -1.20 -10.62
N GLU A 75 -2.41 -0.51 -10.11
CA GLU A 75 -2.71 0.83 -10.55
C GLU A 75 -1.68 1.84 -10.04
N LEU A 76 -1.07 1.52 -8.91
CA LEU A 76 -0.22 2.47 -8.22
C LEU A 76 1.25 2.33 -8.61
N LEU A 77 1.63 1.16 -9.10
CA LEU A 77 3.01 0.93 -9.46
C LEU A 77 3.43 1.82 -10.63
N MET A 78 4.72 2.05 -10.75
CA MET A 78 5.25 2.94 -11.76
C MET A 78 5.92 2.16 -12.88
N LYS A 79 5.35 2.23 -14.06
CA LYS A 79 6.08 1.86 -15.26
C LYS A 79 6.06 3.03 -16.22
N ASP A 80 7.17 3.74 -16.27
CA ASP A 80 7.30 4.89 -17.15
C ASP A 80 8.49 4.68 -18.07
N PRO A 81 8.33 4.91 -19.38
CA PRO A 81 9.42 4.74 -20.34
C PRO A 81 10.47 5.85 -20.22
N ASN A 82 10.10 6.91 -19.51
CA ASN A 82 11.00 8.04 -19.31
C ASN A 82 11.47 8.09 -17.86
N TYR A 83 10.74 7.45 -16.95
CA TYR A 83 11.08 7.52 -15.54
C TYR A 83 11.77 6.26 -15.06
N GLN A 84 12.89 6.47 -14.41
CA GLN A 84 13.53 5.44 -13.63
C GLN A 84 13.57 5.90 -12.19
N LEU A 85 13.66 4.94 -11.28
CA LEU A 85 13.57 5.22 -9.86
C LEU A 85 14.53 6.31 -9.44
N LYS A 86 14.00 7.42 -8.98
CA LYS A 86 14.81 8.56 -8.59
C LYS A 86 14.92 8.65 -7.09
N ASP A 87 16.13 8.95 -6.65
CA ASP A 87 16.47 9.01 -5.23
C ASP A 87 15.69 10.13 -4.54
N SER A 88 15.25 11.10 -5.32
CA SER A 88 14.56 12.26 -4.79
C SER A 88 13.08 11.92 -4.53
N ASP A 89 12.57 10.96 -5.28
CA ASP A 89 11.14 10.63 -5.19
C ASP A 89 10.92 9.51 -4.20
N ILE A 90 11.99 8.78 -3.91
CA ILE A 90 11.92 7.68 -2.96
C ILE A 90 11.64 8.18 -1.55
N VAL A 91 10.46 7.86 -1.07
CA VAL A 91 10.12 8.15 0.31
C VAL A 91 10.39 6.91 1.16
N ASN A 92 10.02 5.76 0.62
CA ASN A 92 10.22 4.48 1.28
C ASN A 92 10.36 3.40 0.22
N GLU A 93 10.70 2.19 0.60
CA GLU A 93 10.78 1.10 -0.36
C GLU A 93 10.11 -0.15 0.20
N ILE A 94 9.75 -1.04 -0.69
CA ILE A 94 9.12 -2.28 -0.33
C ILE A 94 9.81 -3.41 -1.05
N LYS A 95 9.32 -4.62 -0.90
CA LYS A 95 9.98 -5.77 -1.47
C LYS A 95 9.82 -5.77 -2.98
N GLY A 96 10.94 -5.58 -3.66
CA GLY A 96 10.93 -5.54 -5.10
C GLY A 96 10.62 -4.17 -5.66
N GLY A 97 9.74 -3.45 -5.01
CA GLY A 97 9.32 -2.15 -5.51
C GLY A 97 9.69 -1.01 -4.57
N TYR A 98 9.52 0.21 -5.05
CA TYR A 98 9.73 1.39 -4.22
C TYR A 98 8.47 2.21 -4.17
N VAL A 99 7.95 2.42 -2.98
CA VAL A 99 6.82 3.32 -2.83
C VAL A 99 7.34 4.74 -2.84
N ILE A 100 7.03 5.45 -3.91
CA ILE A 100 7.71 6.69 -4.23
C ILE A 100 6.73 7.82 -4.46
N LYS A 101 7.15 9.01 -4.13
CA LYS A 101 6.35 10.19 -4.40
C LYS A 101 7.02 11.01 -5.48
N VAL A 102 6.47 10.93 -6.70
CA VAL A 102 7.03 11.63 -7.82
C VAL A 102 5.99 12.59 -8.37
N ASP A 103 6.42 13.82 -8.65
CA ASP A 103 5.54 14.85 -9.19
C ASP A 103 4.32 15.04 -8.30
N GLY A 104 4.54 14.96 -6.99
CA GLY A 104 3.49 15.19 -6.02
C GLY A 104 2.62 13.97 -5.79
N LYS A 105 2.72 12.99 -6.68
CA LYS A 105 1.89 11.80 -6.62
C LYS A 105 2.69 10.62 -6.14
N TYR A 106 2.00 9.56 -5.77
CA TYR A 106 2.66 8.39 -5.21
C TYR A 106 2.54 7.20 -6.15
N TYR A 107 3.65 6.51 -6.31
CA TYR A 107 3.74 5.36 -7.18
C TYR A 107 4.53 4.27 -6.49
N VAL A 108 4.65 3.14 -7.15
CA VAL A 108 5.48 2.04 -6.66
C VAL A 108 6.35 1.51 -7.78
N TYR A 109 7.64 1.75 -7.68
CA TYR A 109 8.58 1.35 -8.70
C TYR A 109 8.89 -0.11 -8.61
N LEU A 110 8.35 -0.86 -9.52
CA LEU A 110 8.55 -2.28 -9.53
C LEU A 110 9.78 -2.63 -10.33
N LYS A 111 10.71 -3.29 -9.68
CA LYS A 111 11.94 -3.73 -10.34
C LYS A 111 11.69 -5.03 -11.08
N ASP A 112 10.58 -5.69 -10.76
CA ASP A 112 10.16 -6.91 -11.44
C ASP A 112 8.65 -6.88 -11.64
N ALA A 113 8.22 -6.26 -12.73
CA ALA A 113 6.81 -6.12 -13.03
C ALA A 113 6.24 -7.39 -13.65
N ALA A 114 7.11 -8.32 -14.02
CA ALA A 114 6.69 -9.50 -14.76
C ALA A 114 6.19 -10.61 -13.85
N HIS A 115 6.92 -10.87 -12.77
CA HIS A 115 6.63 -12.02 -11.92
C HIS A 115 5.89 -11.60 -10.66
N ALA A 116 5.50 -10.33 -10.65
CA ALA A 116 4.80 -9.73 -9.53
C ALA A 116 5.67 -9.63 -8.29
N ASP A 117 6.17 -8.44 -8.05
CA ASP A 117 6.94 -8.16 -6.86
C ASP A 117 6.05 -7.43 -5.87
N ASN A 118 5.03 -8.17 -5.41
CA ASN A 118 4.05 -7.71 -4.41
C ASN A 118 2.99 -6.84 -5.06
N ILE A 119 2.74 -7.09 -6.34
CA ILE A 119 1.69 -6.39 -7.04
C ILE A 119 0.57 -7.35 -7.41
N ARG A 120 -0.62 -7.05 -6.94
CA ARG A 120 -1.81 -7.80 -7.32
C ARG A 120 -2.62 -6.94 -8.27
N THR A 121 -3.04 -7.51 -9.39
CA THR A 121 -3.79 -6.77 -10.39
C THR A 121 -5.14 -6.34 -9.83
N LYS A 122 -5.77 -5.35 -10.42
CA LYS A 122 -7.08 -4.89 -9.96
C LYS A 122 -8.06 -6.06 -9.95
N GLU A 123 -7.93 -6.92 -10.94
CA GLU A 123 -8.79 -8.08 -11.06
C GLU A 123 -8.39 -9.17 -10.08
N GLU A 124 -7.18 -9.07 -9.59
CA GLU A 124 -6.68 -9.99 -8.59
C GLU A 124 -6.95 -9.46 -7.19
N ILE A 125 -6.93 -8.15 -7.05
CA ILE A 125 -7.17 -7.52 -5.78
C ILE A 125 -8.49 -7.99 -5.19
N LYS A 126 -9.51 -7.99 -6.02
CA LYS A 126 -10.82 -8.49 -5.61
C LYS A 126 -10.77 -10.00 -5.33
N ARG A 127 -9.85 -10.70 -5.99
CA ARG A 127 -9.62 -12.12 -5.73
C ARG A 127 -8.92 -12.29 -4.39
N GLN A 128 -8.01 -11.37 -4.11
CA GLN A 128 -7.20 -11.39 -2.92
C GLN A 128 -7.99 -10.92 -1.69
N LYS A 129 -9.13 -10.27 -1.93
CA LYS A 129 -9.98 -9.82 -0.84
C LYS A 129 -11.04 -10.85 -0.49
N GLN A 130 -11.06 -11.95 -1.22
CA GLN A 130 -12.00 -13.02 -0.96
C GLN A 130 -11.34 -14.11 -0.12
N GLU A 131 -11.53 -14.11 1.11
ZN ZN B . -8.80 -3.98 8.25
N SER A 12 -14.22 1.47 25.71
CA SER A 12 -15.25 0.84 24.87
C SER A 12 -14.68 0.56 23.48
N TYR A 13 -14.83 -0.68 23.01
CA TYR A 13 -14.29 -1.08 21.72
C TYR A 13 -15.37 -1.65 20.82
N ILE A 14 -15.18 -1.49 19.52
CA ILE A 14 -16.15 -1.94 18.55
C ILE A 14 -16.01 -3.44 18.26
N ASP A 15 -15.13 -3.82 17.33
CA ASP A 15 -14.94 -5.22 16.92
C ASP A 15 -14.08 -5.31 15.67
N GLY A 16 -12.77 -5.22 15.85
CA GLY A 16 -11.84 -5.22 14.71
C GLY A 16 -11.85 -3.89 13.98
N ASP A 17 -12.98 -3.22 14.06
CA ASP A 17 -13.14 -1.84 13.62
C ASP A 17 -13.03 -0.97 14.87
N GLN A 18 -12.11 -1.41 15.73
CA GLN A 18 -12.04 -1.11 17.18
C GLN A 18 -12.73 0.16 17.66
N ALA A 19 -12.65 1.26 16.92
CA ALA A 19 -13.38 2.45 17.33
C ALA A 19 -13.49 3.48 16.21
N GLY A 20 -13.66 2.99 14.99
CA GLY A 20 -13.92 3.90 13.88
C GLY A 20 -12.69 4.64 13.39
N GLN A 21 -11.78 4.98 14.30
CA GLN A 21 -10.58 5.72 13.96
C GLN A 21 -9.78 5.00 12.89
N LYS A 22 -9.33 5.76 11.91
CA LYS A 22 -8.66 5.19 10.75
C LYS A 22 -7.22 5.67 10.66
N ALA A 23 -6.57 5.29 9.57
CA ALA A 23 -5.16 5.54 9.38
C ALA A 23 -4.36 4.85 10.48
N GLU A 24 -4.37 3.53 10.41
CA GLU A 24 -3.71 2.69 11.38
C GLU A 24 -2.21 2.96 11.44
N ASN A 25 -1.75 3.36 12.61
CA ASN A 25 -0.33 3.62 12.82
C ASN A 25 0.34 2.39 13.44
N LEU A 26 -0.43 1.33 13.60
CA LEU A 26 0.07 0.06 14.07
C LEU A 26 0.80 -0.65 12.93
N THR A 27 1.53 -1.71 13.25
CA THR A 27 2.16 -2.51 12.21
C THR A 27 1.11 -3.41 11.56
N PRO A 28 1.25 -3.64 10.24
CA PRO A 28 0.22 -4.28 9.40
C PRO A 28 -0.23 -5.65 9.92
N ASP A 29 0.67 -6.35 10.60
CA ASP A 29 0.33 -7.64 11.18
C ASP A 29 -0.47 -7.43 12.46
N GLU A 30 0.00 -6.50 13.26
CA GLU A 30 -0.69 -6.10 14.48
C GLU A 30 -2.10 -5.62 14.17
N VAL A 31 -2.25 -4.96 13.03
CA VAL A 31 -3.55 -4.43 12.64
C VAL A 31 -4.51 -5.56 12.28
N SER A 32 -4.17 -6.29 11.23
CA SER A 32 -5.10 -7.22 10.64
C SER A 32 -5.39 -8.40 11.56
N LYS A 33 -4.36 -8.92 12.21
CA LYS A 33 -4.52 -10.07 13.09
C LYS A 33 -5.38 -9.70 14.31
N ARG A 34 -5.36 -8.43 14.66
CA ARG A 34 -6.12 -7.93 15.78
C ARG A 34 -7.58 -7.72 15.38
N GLU A 35 -7.83 -7.51 14.10
CA GLU A 35 -9.19 -7.33 13.62
C GLU A 35 -9.80 -8.64 13.15
N GLY A 36 -8.99 -9.57 12.68
CA GLY A 36 -9.48 -10.89 12.33
C GLY A 36 -8.88 -11.44 11.05
N ILE A 37 -8.83 -10.62 10.02
CA ILE A 37 -8.32 -11.05 8.73
C ILE A 37 -6.79 -11.09 8.72
N ASN A 38 -6.23 -12.07 8.02
CA ASN A 38 -4.79 -12.20 7.96
C ASN A 38 -4.31 -12.03 6.52
N ALA A 39 -5.17 -11.44 5.70
CA ALA A 39 -4.86 -11.22 4.29
C ALA A 39 -3.83 -10.11 4.12
N GLU A 40 -3.27 -10.06 2.91
CA GLU A 40 -2.24 -9.07 2.58
C GLU A 40 -2.83 -7.66 2.55
N GLN A 41 -2.14 -6.71 3.18
CA GLN A 41 -2.56 -5.32 3.14
C GLN A 41 -2.16 -4.70 1.82
N ILE A 42 -3.07 -4.74 0.85
CA ILE A 42 -2.80 -4.23 -0.48
C ILE A 42 -3.07 -2.72 -0.54
N VAL A 43 -2.02 -1.93 -0.47
CA VAL A 43 -2.16 -0.48 -0.56
C VAL A 43 -2.65 -0.11 -1.96
N ILE A 44 -3.92 0.32 -2.03
CA ILE A 44 -4.53 0.68 -3.30
C ILE A 44 -4.39 2.17 -3.57
N LYS A 45 -4.25 2.93 -2.51
CA LYS A 45 -4.10 4.37 -2.63
C LYS A 45 -3.01 4.86 -1.72
N ILE A 46 -2.21 5.77 -2.23
CA ILE A 46 -1.09 6.33 -1.48
C ILE A 46 -1.20 7.85 -1.46
N THR A 47 -1.00 8.46 -0.32
CA THR A 47 -0.94 9.91 -0.24
C THR A 47 0.15 10.33 0.73
N ASP A 48 0.28 11.63 0.94
CA ASP A 48 1.27 12.14 1.88
C ASP A 48 0.69 12.10 3.29
N GLN A 49 -0.64 12.07 3.34
CA GLN A 49 -1.38 12.03 4.59
C GLN A 49 -1.43 10.59 5.15
N GLY A 50 -1.19 9.63 4.27
CA GLY A 50 -1.27 8.23 4.64
C GLY A 50 -1.60 7.40 3.42
N TYR A 51 -1.98 6.14 3.61
CA TYR A 51 -2.38 5.32 2.49
C TYR A 51 -3.59 4.48 2.85
N VAL A 52 -4.23 3.92 1.84
CA VAL A 52 -5.40 3.09 2.07
C VAL A 52 -5.15 1.69 1.53
N THR A 53 -5.35 0.68 2.35
CA THR A 53 -5.07 -0.68 1.96
C THR A 53 -6.37 -1.46 1.75
N SER A 54 -6.44 -2.22 0.68
CA SER A 54 -7.57 -3.10 0.45
C SER A 54 -7.17 -4.50 0.90
N HIS A 55 -7.43 -4.81 2.16
CA HIS A 55 -6.95 -6.07 2.69
C HIS A 55 -8.10 -6.92 3.21
N GLY A 56 -7.94 -8.23 3.10
CA GLY A 56 -8.94 -9.16 3.59
C GLY A 56 -10.18 -9.17 2.74
N ASP A 57 -11.09 -8.26 3.02
CA ASP A 57 -12.34 -8.14 2.28
C ASP A 57 -12.63 -6.68 1.93
N HIS A 58 -11.97 -5.76 2.63
CA HIS A 58 -12.40 -4.37 2.64
C HIS A 58 -11.25 -3.41 2.45
N TYR A 59 -11.58 -2.12 2.42
CA TYR A 59 -10.59 -1.06 2.38
C TYR A 59 -10.35 -0.58 3.80
N HIS A 60 -9.10 -0.51 4.20
CA HIS A 60 -8.76 -0.07 5.53
C HIS A 60 -7.74 1.05 5.44
N TYR A 61 -7.93 2.09 6.24
CA TYR A 61 -7.11 3.28 6.16
C TYR A 61 -5.86 3.11 7.04
N TYR A 62 -4.70 3.39 6.45
CA TYR A 62 -3.43 3.09 7.10
C TYR A 62 -2.51 4.31 7.12
N ASN A 63 -1.73 4.44 8.17
CA ASN A 63 -0.85 5.58 8.36
C ASN A 63 0.57 5.10 8.60
N GLY A 64 1.54 5.98 8.38
CA GLY A 64 2.93 5.62 8.60
C GLY A 64 3.68 5.47 7.31
N LYS A 65 4.51 4.44 7.24
CA LYS A 65 5.24 4.10 6.03
C LYS A 65 4.91 2.69 5.59
N VAL A 66 4.71 2.50 4.29
CA VAL A 66 4.48 1.17 3.74
C VAL A 66 5.66 0.27 4.09
N PRO A 67 5.40 -0.86 4.76
CA PRO A 67 6.48 -1.75 5.18
C PRO A 67 7.11 -2.48 4.01
N TYR A 68 8.33 -2.94 4.20
CA TYR A 68 9.08 -3.59 3.15
C TYR A 68 8.25 -4.72 2.51
N ASP A 69 7.62 -5.53 3.34
CA ASP A 69 6.90 -6.70 2.86
C ASP A 69 5.41 -6.44 2.67
N ALA A 70 5.02 -5.16 2.56
CA ALA A 70 3.63 -4.82 2.27
C ALA A 70 3.29 -5.20 0.83
N ILE A 71 2.01 -5.12 0.50
CA ILE A 71 1.53 -5.39 -0.84
C ILE A 71 0.87 -4.15 -1.44
N ILE A 72 1.06 -3.93 -2.73
CA ILE A 72 0.50 -2.77 -3.41
C ILE A 72 -0.45 -3.20 -4.54
N SER A 73 -1.40 -2.33 -4.85
CA SER A 73 -2.28 -2.52 -5.99
C SER A 73 -1.55 -2.15 -7.27
N GLU A 74 -1.87 -2.87 -8.34
CA GLU A 74 -1.27 -2.65 -9.64
C GLU A 74 -1.66 -1.28 -10.21
N GLU A 75 -2.68 -0.67 -9.58
CA GLU A 75 -3.16 0.64 -9.99
C GLU A 75 -2.11 1.72 -9.79
N LEU A 76 -1.14 1.43 -8.93
CA LEU A 76 -0.15 2.42 -8.53
C LEU A 76 1.22 2.13 -9.13
N LEU A 77 1.30 1.10 -9.96
CA LEU A 77 2.53 0.71 -10.58
C LEU A 77 3.16 1.82 -11.41
N MET A 78 4.44 1.99 -11.23
CA MET A 78 5.22 2.86 -12.07
C MET A 78 6.20 2.06 -12.91
N LYS A 79 5.87 1.90 -14.18
CA LYS A 79 6.83 1.44 -15.15
C LYS A 79 6.83 2.42 -16.29
N ASP A 80 7.83 3.28 -16.31
CA ASP A 80 7.85 4.37 -17.25
C ASP A 80 9.13 4.34 -18.08
N PRO A 81 9.03 4.56 -19.40
CA PRO A 81 10.19 4.59 -20.28
C PRO A 81 10.94 5.92 -20.18
N ASN A 82 10.32 6.89 -19.52
CA ASN A 82 10.92 8.20 -19.36
C ASN A 82 11.39 8.43 -17.92
N TYR A 83 10.82 7.67 -16.99
CA TYR A 83 11.16 7.86 -15.59
C TYR A 83 12.04 6.72 -15.08
N GLN A 84 13.12 7.09 -14.42
CA GLN A 84 13.93 6.17 -13.69
C GLN A 84 13.88 6.49 -12.22
N LEU A 85 13.93 5.43 -11.41
CA LEU A 85 13.81 5.55 -9.98
C LEU A 85 14.83 6.54 -9.41
N LYS A 86 14.32 7.62 -8.83
CA LYS A 86 15.19 8.66 -8.29
C LYS A 86 15.15 8.64 -6.78
N ASP A 87 16.34 8.66 -6.18
CA ASP A 87 16.50 8.62 -4.72
C ASP A 87 15.79 9.79 -4.05
N SER A 88 15.52 10.83 -4.83
CA SER A 88 14.91 12.03 -4.30
C SER A 88 13.41 11.87 -4.17
N ASP A 89 12.82 10.99 -4.97
CA ASP A 89 11.37 10.80 -4.96
C ASP A 89 11.01 9.62 -4.07
N ILE A 90 12.00 8.81 -3.76
CA ILE A 90 11.82 7.67 -2.88
C ILE A 90 11.51 8.10 -1.45
N VAL A 91 10.29 7.82 -1.02
CA VAL A 91 9.91 8.04 0.36
C VAL A 91 10.21 6.77 1.15
N ASN A 92 9.94 5.64 0.53
CA ASN A 92 10.16 4.34 1.17
C ASN A 92 10.44 3.28 0.10
N GLU A 93 11.01 2.17 0.54
CA GLU A 93 11.33 1.05 -0.35
C GLU A 93 10.63 -0.20 0.14
N ILE A 94 10.00 -0.90 -0.78
CA ILE A 94 9.31 -2.13 -0.48
C ILE A 94 9.94 -3.27 -1.28
N LYS A 95 9.37 -4.45 -1.17
CA LYS A 95 9.96 -5.62 -1.81
C LYS A 95 9.73 -5.58 -3.31
N GLY A 96 10.82 -5.45 -4.05
CA GLY A 96 10.77 -5.40 -5.49
C GLY A 96 10.44 -4.02 -6.02
N GLY A 97 9.61 -3.30 -5.29
CA GLY A 97 9.20 -1.98 -5.71
C GLY A 97 9.64 -0.88 -4.75
N TYR A 98 9.46 0.34 -5.19
CA TYR A 98 9.69 1.50 -4.33
C TYR A 98 8.43 2.32 -4.26
N VAL A 99 7.90 2.52 -3.07
CA VAL A 99 6.78 3.41 -2.92
C VAL A 99 7.31 4.85 -2.93
N ILE A 100 6.99 5.55 -4.00
CA ILE A 100 7.69 6.77 -4.33
C ILE A 100 6.74 7.93 -4.55
N LYS A 101 7.19 9.11 -4.17
CA LYS A 101 6.43 10.32 -4.42
C LYS A 101 7.13 11.10 -5.51
N VAL A 102 6.57 11.06 -6.71
CA VAL A 102 7.16 11.75 -7.83
C VAL A 102 6.16 12.73 -8.42
N ASP A 103 6.61 13.97 -8.63
CA ASP A 103 5.79 14.99 -9.27
C ASP A 103 4.51 15.24 -8.46
N GLY A 104 4.63 15.12 -7.14
CA GLY A 104 3.51 15.37 -6.26
C GLY A 104 2.64 14.15 -6.05
N LYS A 105 2.80 13.15 -6.91
CA LYS A 105 1.99 11.97 -6.87
C LYS A 105 2.75 10.79 -6.31
N TYR A 106 2.05 9.72 -6.03
CA TYR A 106 2.65 8.55 -5.45
C TYR A 106 2.56 7.36 -6.38
N TYR A 107 3.63 6.59 -6.43
CA TYR A 107 3.70 5.41 -7.27
C TYR A 107 4.41 4.31 -6.53
N VAL A 108 4.41 3.15 -7.14
CA VAL A 108 5.22 2.05 -6.68
C VAL A 108 6.09 1.56 -7.83
N TYR A 109 7.37 1.86 -7.72
CA TYR A 109 8.32 1.54 -8.75
C TYR A 109 8.72 0.11 -8.67
N LEU A 110 8.18 -0.67 -9.57
CA LEU A 110 8.45 -2.07 -9.55
C LEU A 110 9.57 -2.40 -10.51
N LYS A 111 10.62 -2.98 -9.97
CA LYS A 111 11.77 -3.37 -10.76
C LYS A 111 11.46 -4.61 -11.59
N ASP A 112 10.36 -5.28 -11.26
CA ASP A 112 9.90 -6.42 -12.04
C ASP A 112 8.38 -6.50 -12.00
N ALA A 113 7.73 -5.81 -12.92
CA ALA A 113 6.28 -5.74 -12.96
C ALA A 113 5.70 -7.00 -13.60
N ALA A 114 6.56 -7.82 -14.18
CA ALA A 114 6.12 -8.97 -14.94
C ALA A 114 5.61 -10.09 -14.05
N HIS A 115 6.35 -10.40 -13.00
CA HIS A 115 6.06 -11.58 -12.20
C HIS A 115 5.43 -11.23 -10.87
N ALA A 116 5.08 -9.95 -10.71
CA ALA A 116 4.52 -9.41 -9.47
C ALA A 116 5.49 -9.55 -8.31
N ASP A 117 5.90 -8.40 -7.82
CA ASP A 117 6.76 -8.35 -6.66
C ASP A 117 6.04 -7.60 -5.56
N ASN A 118 4.95 -8.20 -5.09
CA ASN A 118 4.05 -7.65 -4.04
C ASN A 118 3.00 -6.75 -4.67
N ILE A 119 2.82 -6.91 -5.97
CA ILE A 119 1.76 -6.21 -6.65
C ILE A 119 0.59 -7.14 -6.91
N ARG A 120 -0.55 -6.75 -6.40
CA ARG A 120 -1.80 -7.47 -6.65
C ARG A 120 -2.62 -6.68 -7.64
N THR A 121 -2.98 -7.33 -8.73
CA THR A 121 -3.80 -6.70 -9.74
C THR A 121 -5.17 -6.38 -9.19
N LYS A 122 -5.82 -5.32 -9.67
CA LYS A 122 -7.17 -5.00 -9.21
C LYS A 122 -8.05 -6.24 -9.32
N GLU A 123 -7.81 -6.97 -10.40
CA GLU A 123 -8.50 -8.22 -10.68
C GLU A 123 -8.30 -9.22 -9.54
N GLU A 124 -7.05 -9.45 -9.17
CA GLU A 124 -6.74 -10.42 -8.12
C GLU A 124 -7.15 -9.90 -6.77
N ILE A 125 -7.07 -8.60 -6.60
CA ILE A 125 -7.47 -7.99 -5.34
C ILE A 125 -8.91 -8.38 -5.01
N LYS A 126 -9.77 -8.33 -6.02
CA LYS A 126 -11.16 -8.71 -5.84
C LYS A 126 -11.28 -10.23 -5.73
N ARG A 127 -10.30 -10.94 -6.27
CA ARG A 127 -10.25 -12.38 -6.13
C ARG A 127 -9.87 -12.78 -4.71
N GLN A 128 -8.71 -12.32 -4.23
CA GLN A 128 -8.21 -12.73 -2.93
C GLN A 128 -9.02 -12.12 -1.79
N LYS A 129 -9.80 -11.08 -2.08
CA LYS A 129 -10.62 -10.45 -1.05
C LYS A 129 -11.83 -11.31 -0.70
N GLN A 130 -12.03 -12.37 -1.46
CA GLN A 130 -13.10 -13.30 -1.19
C GLN A 130 -12.58 -14.54 -0.48
N GLU A 131 -12.60 -14.56 0.77
ZN ZN B . -9.14 -4.20 7.90
N SER A 12 -0.59 6.79 20.05
CA SER A 12 -1.89 6.81 19.31
C SER A 12 -3.09 6.73 20.26
N TYR A 13 -2.87 6.72 21.57
CA TYR A 13 -3.96 6.58 22.53
C TYR A 13 -3.71 7.49 23.73
N ILE A 14 -4.76 8.13 24.21
CA ILE A 14 -4.63 9.09 25.31
C ILE A 14 -6.00 9.46 25.89
N ASP A 15 -7.02 9.52 25.02
CA ASP A 15 -8.35 9.94 25.47
C ASP A 15 -9.42 9.24 24.66
N GLY A 16 -9.31 9.32 23.35
CA GLY A 16 -10.24 8.65 22.48
C GLY A 16 -11.05 9.61 21.64
N ASP A 17 -10.91 10.89 21.91
CA ASP A 17 -11.60 11.92 21.13
C ASP A 17 -10.91 12.08 19.78
N GLN A 18 -9.60 12.25 19.82
CA GLN A 18 -8.81 12.40 18.62
C GLN A 18 -8.00 11.13 18.36
N ALA A 19 -7.66 10.44 19.43
CA ALA A 19 -6.90 9.21 19.34
C ALA A 19 -7.78 8.07 18.86
N GLY A 20 -7.35 7.41 17.81
CA GLY A 20 -8.14 6.36 17.21
C GLY A 20 -8.65 6.75 15.86
N GLN A 21 -9.97 6.77 15.70
CA GLN A 21 -10.60 7.14 14.43
C GLN A 21 -10.11 6.25 13.28
N LYS A 22 -10.29 6.72 12.06
CA LYS A 22 -9.74 6.04 10.91
C LYS A 22 -8.39 6.63 10.58
N ALA A 23 -7.77 6.09 9.53
CA ALA A 23 -6.40 6.43 9.18
C ALA A 23 -5.48 6.11 10.35
N GLU A 24 -5.30 4.82 10.58
CA GLU A 24 -4.57 4.30 11.74
C GLU A 24 -3.24 5.05 11.96
N ASN A 25 -2.99 5.44 13.20
CA ASN A 25 -1.77 6.15 13.55
C ASN A 25 -0.64 5.19 13.92
N LEU A 26 -0.99 3.96 14.26
CA LEU A 26 0.02 2.94 14.56
C LEU A 26 0.57 2.35 13.27
N THR A 27 1.46 1.39 13.38
CA THR A 27 2.09 0.82 12.21
C THR A 27 1.10 -0.10 11.49
N PRO A 28 1.27 -0.30 10.18
CA PRO A 28 0.42 -1.19 9.40
C PRO A 28 0.35 -2.59 10.01
N ASP A 29 1.43 -3.01 10.65
CA ASP A 29 1.49 -4.31 11.29
C ASP A 29 0.59 -4.33 12.53
N GLU A 30 0.77 -3.33 13.39
CA GLU A 30 -0.08 -3.14 14.54
C GLU A 30 -1.56 -3.03 14.15
N VAL A 31 -1.81 -2.57 12.91
CA VAL A 31 -3.17 -2.43 12.42
C VAL A 31 -3.90 -3.77 12.36
N SER A 32 -3.40 -4.67 11.52
CA SER A 32 -4.12 -5.90 11.24
C SER A 32 -4.05 -6.88 12.40
N LYS A 33 -2.89 -6.93 13.06
CA LYS A 33 -2.69 -7.84 14.17
C LYS A 33 -3.72 -7.59 15.27
N ARG A 34 -4.10 -6.33 15.45
CA ARG A 34 -5.08 -5.96 16.45
C ARG A 34 -6.48 -6.35 16.03
N GLU A 35 -6.84 -5.99 14.81
CA GLU A 35 -8.21 -6.18 14.32
C GLU A 35 -8.52 -7.65 14.08
N GLY A 36 -7.49 -8.45 13.87
CA GLY A 36 -7.69 -9.88 13.76
C GLY A 36 -7.22 -10.43 12.44
N ILE A 37 -7.68 -9.84 11.35
CA ILE A 37 -7.29 -10.31 10.02
C ILE A 37 -5.81 -10.02 9.79
N ASN A 38 -5.06 -11.08 9.52
CA ASN A 38 -3.64 -10.94 9.26
C ASN A 38 -3.40 -11.05 7.77
N ALA A 39 -4.47 -10.87 6.99
CA ALA A 39 -4.40 -10.92 5.53
C ALA A 39 -3.46 -9.84 5.00
N GLU A 40 -2.91 -10.08 3.82
CA GLU A 40 -1.90 -9.19 3.26
C GLU A 40 -2.48 -7.83 2.92
N GLN A 41 -1.77 -6.78 3.29
CA GLN A 41 -2.20 -5.42 3.08
C GLN A 41 -1.85 -4.95 1.69
N ILE A 42 -2.86 -4.75 0.87
CA ILE A 42 -2.66 -4.32 -0.50
C ILE A 42 -2.99 -2.85 -0.67
N VAL A 43 -1.97 -2.01 -0.65
CA VAL A 43 -2.15 -0.57 -0.78
C VAL A 43 -2.75 -0.25 -2.16
N ILE A 44 -3.99 0.21 -2.17
CA ILE A 44 -4.69 0.53 -3.41
C ILE A 44 -4.62 2.01 -3.72
N LYS A 45 -4.43 2.80 -2.68
CA LYS A 45 -4.30 4.23 -2.82
C LYS A 45 -3.19 4.76 -1.92
N ILE A 46 -2.43 5.71 -2.44
CA ILE A 46 -1.33 6.31 -1.68
C ILE A 46 -1.49 7.82 -1.67
N THR A 47 -1.34 8.43 -0.50
CA THR A 47 -1.30 9.88 -0.41
C THR A 47 -0.23 10.31 0.56
N ASP A 48 0.08 11.60 0.55
CA ASP A 48 1.08 12.16 1.46
C ASP A 48 0.58 12.08 2.91
N GLN A 49 -0.74 11.98 3.04
CA GLN A 49 -1.39 11.95 4.34
C GLN A 49 -1.51 10.52 4.87
N GLY A 50 -1.07 9.56 4.06
CA GLY A 50 -1.20 8.16 4.43
C GLY A 50 -1.67 7.34 3.25
N TYR A 51 -1.90 6.06 3.44
CA TYR A 51 -2.35 5.22 2.34
C TYR A 51 -3.52 4.36 2.74
N VAL A 52 -4.24 3.88 1.73
CA VAL A 52 -5.41 3.06 1.95
C VAL A 52 -5.16 1.68 1.35
N THR A 53 -5.35 0.65 2.17
CA THR A 53 -5.04 -0.70 1.75
C THR A 53 -6.31 -1.54 1.62
N SER A 54 -6.38 -2.34 0.58
CA SER A 54 -7.44 -3.30 0.47
C SER A 54 -6.97 -4.61 1.05
N HIS A 55 -7.18 -4.81 2.33
CA HIS A 55 -6.64 -5.98 2.98
C HIS A 55 -7.74 -6.79 3.65
N GLY A 56 -7.54 -8.11 3.67
CA GLY A 56 -8.56 -8.99 4.20
C GLY A 56 -9.78 -9.01 3.32
N ASP A 57 -10.77 -8.22 3.69
CA ASP A 57 -12.02 -8.14 2.95
C ASP A 57 -12.36 -6.71 2.61
N HIS A 58 -11.71 -5.78 3.29
CA HIS A 58 -12.13 -4.37 3.26
C HIS A 58 -10.99 -3.44 2.88
N TYR A 59 -11.27 -2.16 2.93
CA TYR A 59 -10.25 -1.14 2.73
C TYR A 59 -9.91 -0.52 4.07
N HIS A 60 -8.63 -0.45 4.37
CA HIS A 60 -8.20 0.10 5.64
C HIS A 60 -7.20 1.22 5.42
N TYR A 61 -7.55 2.39 5.91
CA TYR A 61 -6.77 3.61 5.72
C TYR A 61 -5.86 3.83 6.93
N TYR A 62 -4.60 4.20 6.71
CA TYR A 62 -3.72 4.59 7.79
C TYR A 62 -2.60 5.51 7.34
N ASN A 63 -1.91 6.09 8.31
CA ASN A 63 -0.78 6.95 8.07
C ASN A 63 0.50 6.21 8.45
N GLY A 64 1.63 6.67 7.95
CA GLY A 64 2.89 6.02 8.26
C GLY A 64 3.66 5.69 7.01
N LYS A 65 4.33 4.55 7.03
CA LYS A 65 5.09 4.08 5.88
C LYS A 65 4.69 2.66 5.50
N VAL A 66 4.57 2.41 4.20
CA VAL A 66 4.27 1.08 3.68
C VAL A 66 5.34 0.10 4.15
N PRO A 67 4.95 -1.02 4.75
CA PRO A 67 5.92 -1.99 5.23
C PRO A 67 6.66 -2.67 4.09
N TYR A 68 7.86 -3.14 4.38
CA TYR A 68 8.72 -3.71 3.35
C TYR A 68 7.98 -4.81 2.58
N ASP A 69 7.30 -5.69 3.29
CA ASP A 69 6.68 -6.84 2.68
C ASP A 69 5.19 -6.60 2.38
N ALA A 70 4.79 -5.34 2.34
CA ALA A 70 3.42 -4.99 1.96
C ALA A 70 3.16 -5.32 0.50
N ILE A 71 1.89 -5.36 0.16
CA ILE A 71 1.47 -5.61 -1.20
C ILE A 71 0.82 -4.34 -1.77
N ILE A 72 1.02 -4.08 -3.06
CA ILE A 72 0.47 -2.88 -3.68
C ILE A 72 -0.49 -3.25 -4.81
N SER A 73 -1.47 -2.37 -5.04
CA SER A 73 -2.38 -2.51 -6.17
C SER A 73 -1.67 -2.09 -7.46
N GLU A 74 -2.04 -2.75 -8.55
CA GLU A 74 -1.47 -2.46 -9.87
C GLU A 74 -1.83 -1.04 -10.30
N GLU A 75 -2.85 -0.49 -9.67
CA GLU A 75 -3.30 0.87 -9.95
C GLU A 75 -2.24 1.89 -9.57
N LEU A 76 -1.35 1.50 -8.69
CA LEU A 76 -0.35 2.40 -8.16
C LEU A 76 1.02 2.17 -8.78
N LEU A 77 1.09 1.26 -9.73
CA LEU A 77 2.33 0.99 -10.41
C LEU A 77 2.84 2.21 -11.14
N MET A 78 4.13 2.39 -11.05
CA MET A 78 4.80 3.48 -11.72
C MET A 78 4.74 3.29 -13.23
N LYS A 79 4.73 4.41 -13.93
CA LYS A 79 4.78 4.44 -15.37
C LYS A 79 6.12 3.90 -15.84
N ASP A 80 6.17 3.58 -17.12
CA ASP A 80 7.19 2.78 -17.78
C ASP A 80 8.56 2.77 -17.11
N PRO A 81 9.24 1.60 -17.16
CA PRO A 81 10.55 1.37 -16.54
C PRO A 81 11.63 2.23 -17.18
N ASN A 82 11.24 2.97 -18.20
CA ASN A 82 12.10 3.99 -18.78
C ASN A 82 12.29 5.11 -17.76
N TYR A 83 11.36 5.17 -16.80
CA TYR A 83 11.53 6.02 -15.63
C TYR A 83 12.57 5.39 -14.73
N GLN A 84 13.42 6.23 -14.18
CA GLN A 84 14.44 5.76 -13.28
C GLN A 84 14.12 6.16 -11.86
N LEU A 85 14.17 5.18 -10.97
CA LEU A 85 13.83 5.37 -9.58
C LEU A 85 14.67 6.48 -8.95
N LYS A 86 14.03 7.58 -8.60
CA LYS A 86 14.71 8.73 -8.06
C LYS A 86 14.93 8.55 -6.57
N ASP A 87 16.19 8.52 -6.18
CA ASP A 87 16.55 8.41 -4.77
C ASP A 87 15.97 9.57 -3.98
N SER A 88 15.77 10.70 -4.67
CA SER A 88 15.17 11.87 -4.07
C SER A 88 13.66 11.73 -3.92
N ASP A 89 13.01 10.98 -4.82
CA ASP A 89 11.55 10.91 -4.81
C ASP A 89 11.07 9.71 -3.99
N ILE A 90 12.01 8.87 -3.59
CA ILE A 90 11.71 7.73 -2.75
C ILE A 90 11.30 8.16 -1.35
N VAL A 91 10.06 7.90 -0.99
CA VAL A 91 9.61 8.13 0.37
C VAL A 91 9.88 6.89 1.20
N ASN A 92 9.65 5.72 0.60
CA ASN A 92 9.89 4.45 1.27
C ASN A 92 10.19 3.35 0.25
N GLU A 93 10.75 2.26 0.72
CA GLU A 93 11.12 1.13 -0.13
C GLU A 93 10.43 -0.13 0.33
N ILE A 94 9.89 -0.88 -0.62
CA ILE A 94 9.24 -2.14 -0.32
C ILE A 94 9.92 -3.25 -1.11
N LYS A 95 9.41 -4.46 -0.99
CA LYS A 95 10.07 -5.59 -1.62
C LYS A 95 9.83 -5.61 -3.12
N GLY A 96 10.90 -5.43 -3.87
CA GLY A 96 10.82 -5.42 -5.30
C GLY A 96 10.43 -4.08 -5.87
N GLY A 97 9.58 -3.36 -5.16
CA GLY A 97 9.14 -2.06 -5.60
C GLY A 97 9.55 -0.95 -4.66
N TYR A 98 9.28 0.27 -5.06
CA TYR A 98 9.49 1.42 -4.20
C TYR A 98 8.24 2.26 -4.17
N VAL A 99 7.70 2.49 -2.99
CA VAL A 99 6.62 3.42 -2.86
C VAL A 99 7.20 4.84 -2.86
N ILE A 100 6.96 5.54 -3.94
CA ILE A 100 7.67 6.76 -4.24
C ILE A 100 6.72 7.92 -4.50
N LYS A 101 7.20 9.11 -4.22
CA LYS A 101 6.44 10.30 -4.48
C LYS A 101 7.18 11.16 -5.49
N VAL A 102 6.73 11.13 -6.73
CA VAL A 102 7.36 11.85 -7.79
C VAL A 102 6.37 12.84 -8.40
N ASP A 103 6.84 14.06 -8.62
CA ASP A 103 6.01 15.12 -9.23
C ASP A 103 4.74 15.35 -8.41
N GLY A 104 4.83 15.13 -7.11
CA GLY A 104 3.71 15.34 -6.20
C GLY A 104 2.78 14.14 -6.13
N LYS A 105 3.04 13.14 -6.95
CA LYS A 105 2.20 11.96 -7.04
C LYS A 105 2.92 10.73 -6.51
N TYR A 106 2.16 9.80 -5.99
CA TYR A 106 2.71 8.59 -5.43
C TYR A 106 2.60 7.44 -6.41
N TYR A 107 3.65 6.65 -6.49
CA TYR A 107 3.70 5.49 -7.35
C TYR A 107 4.45 4.38 -6.64
N VAL A 108 4.35 3.20 -7.20
CA VAL A 108 5.16 2.09 -6.75
C VAL A 108 6.03 1.61 -7.89
N TYR A 109 7.32 1.85 -7.74
CA TYR A 109 8.29 1.51 -8.74
C TYR A 109 8.64 0.05 -8.66
N LEU A 110 8.15 -0.70 -9.61
CA LEU A 110 8.40 -2.11 -9.60
C LEU A 110 9.60 -2.45 -10.46
N LYS A 111 10.57 -3.11 -9.85
CA LYS A 111 11.76 -3.54 -10.55
C LYS A 111 11.45 -4.76 -11.42
N ASP A 112 10.37 -5.46 -11.08
CA ASP A 112 9.92 -6.61 -11.86
C ASP A 112 8.42 -6.53 -12.06
N ALA A 113 8.01 -5.88 -13.14
CA ALA A 113 6.60 -5.70 -13.44
C ALA A 113 6.02 -6.96 -14.08
N ALA A 114 6.89 -7.91 -14.39
CA ALA A 114 6.51 -9.08 -15.15
C ALA A 114 5.86 -10.16 -14.29
N HIS A 115 6.44 -10.43 -13.13
CA HIS A 115 5.99 -11.57 -12.33
C HIS A 115 5.26 -11.11 -11.07
N ALA A 116 4.94 -9.83 -11.04
CA ALA A 116 4.30 -9.20 -9.89
C ALA A 116 5.17 -9.29 -8.64
N ASP A 117 5.88 -8.22 -8.39
CA ASP A 117 6.73 -8.14 -7.22
C ASP A 117 5.95 -7.46 -6.10
N ASN A 118 4.88 -8.15 -5.69
CA ASN A 118 3.93 -7.71 -4.64
C ASN A 118 2.88 -6.78 -5.19
N ILE A 119 2.67 -6.84 -6.49
CA ILE A 119 1.61 -6.06 -7.10
C ILE A 119 0.42 -6.94 -7.41
N ARG A 120 -0.72 -6.60 -6.84
CA ARG A 120 -1.96 -7.30 -7.11
C ARG A 120 -2.78 -6.51 -8.10
N THR A 121 -3.11 -7.14 -9.21
CA THR A 121 -3.98 -6.53 -10.19
C THR A 121 -5.35 -6.32 -9.61
N LYS A 122 -6.11 -5.39 -10.15
CA LYS A 122 -7.47 -5.16 -9.67
C LYS A 122 -8.31 -6.41 -9.81
N GLU A 123 -7.88 -7.28 -10.69
CA GLU A 123 -8.58 -8.53 -10.91
C GLU A 123 -8.11 -9.58 -9.91
N GLU A 124 -6.87 -9.46 -9.46
CA GLU A 124 -6.34 -10.35 -8.43
C GLU A 124 -6.71 -9.84 -7.05
N ILE A 125 -6.82 -8.52 -6.93
CA ILE A 125 -7.14 -7.90 -5.67
C ILE A 125 -8.38 -8.54 -5.05
N LYS A 126 -9.45 -8.61 -5.83
CA LYS A 126 -10.69 -9.17 -5.30
C LYS A 126 -10.53 -10.66 -4.97
N ARG A 127 -9.60 -11.32 -5.67
CA ARG A 127 -9.23 -12.69 -5.35
C ARG A 127 -8.50 -12.73 -4.01
N GLN A 128 -7.62 -11.76 -3.85
CA GLN A 128 -6.80 -11.63 -2.64
C GLN A 128 -7.63 -11.13 -1.46
N LYS A 129 -8.86 -10.72 -1.75
CA LYS A 129 -9.80 -10.24 -0.73
C LYS A 129 -10.65 -11.38 -0.20
N GLN A 130 -10.42 -12.58 -0.71
CA GLN A 130 -11.11 -13.76 -0.22
C GLN A 130 -10.38 -14.31 1.00
N GLU A 131 -9.28 -14.87 0.83
ZN ZN B . -8.49 -3.82 8.26
N SER A 12 -18.69 15.87 22.55
CA SER A 12 -17.32 15.98 23.10
C SER A 12 -16.34 16.33 22.00
N TYR A 13 -15.68 17.47 22.14
CA TYR A 13 -14.69 17.90 21.18
C TYR A 13 -13.32 17.31 21.48
N ILE A 14 -12.64 16.90 20.43
CA ILE A 14 -11.29 16.42 20.55
C ILE A 14 -10.37 17.35 19.80
N ASP A 15 -9.48 17.96 20.54
CA ASP A 15 -8.38 18.72 19.98
C ASP A 15 -7.72 17.95 18.85
N GLY A 16 -7.85 18.44 17.63
CA GLY A 16 -7.36 17.68 16.50
C GLY A 16 -8.32 16.58 16.14
N ASP A 17 -9.57 16.96 15.90
CA ASP A 17 -10.70 16.02 15.70
C ASP A 17 -10.37 14.83 14.78
N GLN A 18 -9.41 15.01 13.87
CA GLN A 18 -8.99 13.92 12.99
C GLN A 18 -8.40 12.75 13.80
N ALA A 19 -8.10 13.00 15.07
CA ALA A 19 -7.62 11.97 15.98
C ALA A 19 -8.73 10.97 16.29
N GLY A 20 -8.43 9.70 16.12
CA GLY A 20 -9.41 8.67 16.38
C GLY A 20 -10.10 8.23 15.10
N GLN A 21 -9.39 8.34 13.99
CA GLN A 21 -9.91 7.96 12.69
C GLN A 21 -9.02 6.90 12.06
N LYS A 22 -9.52 6.25 11.01
CA LYS A 22 -8.79 5.18 10.35
C LYS A 22 -7.53 5.70 9.69
N ALA A 23 -6.42 5.29 10.26
CA ALA A 23 -5.08 5.66 9.85
C ALA A 23 -4.12 5.02 10.82
N GLU A 24 -4.11 3.69 10.80
CA GLU A 24 -3.31 2.85 11.71
C GLU A 24 -1.99 3.48 12.09
N ASN A 25 -1.89 3.90 13.34
CA ASN A 25 -0.61 4.32 13.90
C ASN A 25 0.09 3.11 14.49
N LEU A 26 -0.68 2.05 14.67
CA LEU A 26 -0.16 0.78 15.15
C LEU A 26 0.69 0.12 14.06
N THR A 27 1.57 -0.77 14.47
CA THR A 27 2.39 -1.51 13.53
C THR A 27 1.52 -2.48 12.71
N PRO A 28 1.87 -2.66 11.42
CA PRO A 28 1.01 -3.32 10.43
C PRO A 28 0.59 -4.75 10.80
N ASP A 29 1.41 -5.45 11.57
CA ASP A 29 1.09 -6.80 12.00
C ASP A 29 0.02 -6.73 13.06
N GLU A 30 0.26 -5.86 14.03
CA GLU A 30 -0.66 -5.55 15.10
C GLU A 30 -2.03 -5.21 14.54
N VAL A 31 -2.03 -4.48 13.43
CA VAL A 31 -3.28 -4.10 12.76
C VAL A 31 -4.10 -5.33 12.39
N SER A 32 -3.53 -6.15 11.53
CA SER A 32 -4.22 -7.27 10.96
C SER A 32 -4.54 -8.33 11.99
N LYS A 33 -3.55 -8.71 12.77
CA LYS A 33 -3.70 -9.75 13.78
C LYS A 33 -4.80 -9.42 14.79
N ARG A 34 -4.86 -8.16 15.23
CA ARG A 34 -5.86 -7.74 16.20
C ARG A 34 -7.27 -7.77 15.61
N GLU A 35 -7.38 -7.42 14.33
CA GLU A 35 -8.68 -7.39 13.67
C GLU A 35 -9.05 -8.76 13.12
N GLY A 36 -8.08 -9.66 13.11
CA GLY A 36 -8.32 -11.04 12.73
C GLY A 36 -8.33 -11.26 11.23
N ILE A 37 -8.27 -10.17 10.47
CA ILE A 37 -8.28 -10.24 9.03
C ILE A 37 -7.04 -10.93 8.48
N ASN A 38 -5.87 -10.52 9.00
CA ASN A 38 -4.57 -11.14 8.72
C ASN A 38 -4.25 -11.27 7.21
N ALA A 39 -5.13 -10.75 6.36
CA ALA A 39 -4.93 -10.81 4.93
C ALA A 39 -3.85 -9.82 4.50
N GLU A 40 -3.21 -10.07 3.37
CA GLU A 40 -2.10 -9.22 2.93
C GLU A 40 -2.59 -7.84 2.57
N GLN A 41 -1.94 -6.85 3.18
CA GLN A 41 -2.36 -5.46 3.08
C GLN A 41 -1.98 -4.87 1.73
N ILE A 42 -2.96 -4.78 0.85
CA ILE A 42 -2.76 -4.31 -0.51
C ILE A 42 -3.03 -2.82 -0.62
N VAL A 43 -1.98 -2.01 -0.59
CA VAL A 43 -2.12 -0.56 -0.68
C VAL A 43 -2.67 -0.15 -2.04
N ILE A 44 -3.92 0.30 -2.05
CA ILE A 44 -4.59 0.73 -3.26
C ILE A 44 -4.43 2.22 -3.49
N LYS A 45 -4.24 2.95 -2.41
CA LYS A 45 -4.03 4.39 -2.47
C LYS A 45 -2.95 4.81 -1.48
N ILE A 46 -2.15 5.78 -1.89
CA ILE A 46 -1.08 6.29 -1.03
C ILE A 46 -1.22 7.79 -0.88
N THR A 47 -0.78 8.30 0.25
CA THR A 47 -0.76 9.72 0.53
C THR A 47 0.49 10.07 1.32
N ASP A 48 0.69 11.34 1.65
CA ASP A 48 1.83 11.72 2.46
C ASP A 48 1.57 11.36 3.93
N GLN A 49 0.29 11.33 4.30
CA GLN A 49 -0.10 11.03 5.66
C GLN A 49 -0.04 9.51 5.92
N GLY A 50 -0.23 8.74 4.86
CA GLY A 50 -0.20 7.30 4.97
C GLY A 50 -0.69 6.64 3.70
N TYR A 51 -1.45 5.56 3.85
CA TYR A 51 -2.01 4.88 2.69
C TYR A 51 -3.32 4.21 3.05
N VAL A 52 -3.97 3.68 2.03
CA VAL A 52 -5.16 2.90 2.24
C VAL A 52 -5.01 1.57 1.52
N THR A 53 -5.28 0.50 2.24
CA THR A 53 -5.12 -0.84 1.70
C THR A 53 -6.46 -1.49 1.44
N SER A 54 -6.50 -2.40 0.49
CA SER A 54 -7.64 -3.26 0.32
C SER A 54 -7.24 -4.66 0.76
N HIS A 55 -7.44 -4.97 2.03
CA HIS A 55 -7.01 -6.24 2.55
C HIS A 55 -8.17 -6.99 3.18
N GLY A 56 -8.14 -8.30 3.06
CA GLY A 56 -9.22 -9.11 3.57
C GLY A 56 -10.43 -9.02 2.68
N ASP A 57 -11.38 -8.18 3.08
CA ASP A 57 -12.57 -7.96 2.27
C ASP A 57 -12.86 -6.46 2.16
N HIS A 58 -12.06 -5.66 2.84
CA HIS A 58 -12.37 -4.24 2.98
C HIS A 58 -11.19 -3.35 2.69
N TYR A 59 -11.46 -2.06 2.71
CA TYR A 59 -10.44 -1.05 2.58
C TYR A 59 -10.06 -0.58 3.96
N HIS A 60 -8.78 -0.55 4.26
CA HIS A 60 -8.32 -0.17 5.57
C HIS A 60 -7.28 0.95 5.45
N TYR A 61 -7.57 2.06 6.09
CA TYR A 61 -6.72 3.25 6.02
C TYR A 61 -5.65 3.20 7.12
N TYR A 62 -4.39 3.40 6.74
CA TYR A 62 -3.29 3.38 7.69
C TYR A 62 -2.53 4.70 7.66
N ASN A 63 -1.63 4.89 8.61
CA ASN A 63 -0.81 6.08 8.69
C ASN A 63 0.67 5.70 8.58
N GLY A 64 1.49 6.63 8.11
CA GLY A 64 2.91 6.42 8.10
C GLY A 64 3.43 5.83 6.80
N LYS A 65 4.56 5.15 6.89
CA LYS A 65 5.21 4.55 5.73
C LYS A 65 4.68 3.15 5.45
N VAL A 66 4.92 2.69 4.23
CA VAL A 66 4.53 1.35 3.82
C VAL A 66 5.59 0.35 4.26
N PRO A 67 5.18 -0.77 4.88
CA PRO A 67 6.13 -1.77 5.37
C PRO A 67 6.84 -2.47 4.23
N TYR A 68 7.97 -3.08 4.54
CA TYR A 68 8.81 -3.69 3.51
C TYR A 68 8.03 -4.77 2.76
N ASP A 69 7.34 -5.63 3.50
CA ASP A 69 6.69 -6.79 2.90
C ASP A 69 5.22 -6.49 2.58
N ALA A 70 4.87 -5.22 2.49
CA ALA A 70 3.52 -4.83 2.11
C ALA A 70 3.17 -5.25 0.69
N ILE A 71 1.89 -5.22 0.39
CA ILE A 71 1.38 -5.49 -0.94
C ILE A 71 0.82 -4.21 -1.53
N ILE A 72 0.99 -3.99 -2.83
CA ILE A 72 0.46 -2.80 -3.47
C ILE A 72 -0.49 -3.17 -4.61
N SER A 73 -1.43 -2.29 -4.88
CA SER A 73 -2.31 -2.41 -6.02
C SER A 73 -1.58 -1.98 -7.29
N GLU A 74 -1.90 -2.65 -8.39
CA GLU A 74 -1.27 -2.37 -9.68
C GLU A 74 -1.64 -0.97 -10.17
N GLU A 75 -2.68 -0.41 -9.56
CA GLU A 75 -3.15 0.94 -9.89
C GLU A 75 -2.07 1.98 -9.61
N LEU A 76 -1.16 1.65 -8.70
CA LEU A 76 -0.15 2.59 -8.26
C LEU A 76 1.21 2.28 -8.87
N LEU A 77 1.27 1.29 -9.74
CA LEU A 77 2.54 0.88 -10.32
C LEU A 77 3.18 1.99 -11.13
N MET A 78 4.49 2.07 -11.00
CA MET A 78 5.28 2.95 -11.82
C MET A 78 6.17 2.15 -12.77
N LYS A 79 5.66 1.86 -13.95
CA LYS A 79 6.51 1.45 -15.04
C LYS A 79 6.45 2.52 -16.10
N ASP A 80 7.48 3.34 -16.14
CA ASP A 80 7.53 4.47 -17.05
C ASP A 80 8.76 4.36 -17.93
N PRO A 81 8.60 4.53 -19.24
CA PRO A 81 9.73 4.47 -20.17
C PRO A 81 10.56 5.76 -20.18
N ASN A 82 10.06 6.79 -19.51
CA ASN A 82 10.79 8.05 -19.41
C ASN A 82 11.31 8.27 -17.99
N TYR A 83 10.70 7.60 -17.02
CA TYR A 83 11.09 7.78 -15.63
C TYR A 83 12.00 6.66 -15.16
N GLN A 84 13.07 7.05 -14.48
CA GLN A 84 13.92 6.12 -13.79
C GLN A 84 13.87 6.43 -12.30
N LEU A 85 13.90 5.37 -11.49
CA LEU A 85 13.72 5.48 -10.05
C LEU A 85 14.68 6.51 -9.44
N LYS A 86 14.13 7.62 -8.99
CA LYS A 86 14.92 8.72 -8.46
C LYS A 86 14.96 8.67 -6.94
N ASP A 87 16.16 8.73 -6.39
CA ASP A 87 16.39 8.66 -4.95
C ASP A 87 15.70 9.81 -4.23
N SER A 88 15.41 10.87 -4.97
CA SER A 88 14.84 12.07 -4.39
C SER A 88 13.32 11.95 -4.28
N ASP A 89 12.74 11.04 -5.07
CA ASP A 89 11.29 10.84 -5.05
C ASP A 89 10.93 9.70 -4.12
N ILE A 90 11.88 8.81 -3.92
CA ILE A 90 11.71 7.67 -3.05
C ILE A 90 11.44 8.11 -1.63
N VAL A 91 10.24 7.82 -1.15
CA VAL A 91 9.90 8.08 0.23
C VAL A 91 10.22 6.84 1.06
N ASN A 92 10.18 5.68 0.41
CA ASN A 92 10.50 4.42 1.06
C ASN A 92 10.64 3.30 0.03
N GLU A 93 11.27 2.21 0.44
CA GLU A 93 11.45 1.04 -0.41
C GLU A 93 10.71 -0.15 0.16
N ILE A 94 9.99 -0.84 -0.69
CA ILE A 94 9.31 -2.05 -0.30
C ILE A 94 9.92 -3.22 -1.07
N LYS A 95 9.38 -4.41 -0.90
CA LYS A 95 9.96 -5.58 -1.53
C LYS A 95 9.68 -5.57 -3.03
N GLY A 96 10.75 -5.44 -3.80
CA GLY A 96 10.65 -5.47 -5.24
C GLY A 96 10.28 -4.11 -5.83
N GLY A 97 9.47 -3.37 -5.10
CA GLY A 97 9.06 -2.05 -5.55
C GLY A 97 9.56 -0.95 -4.64
N TYR A 98 9.41 0.28 -5.08
CA TYR A 98 9.69 1.43 -4.25
C TYR A 98 8.45 2.28 -4.12
N VAL A 99 7.99 2.50 -2.91
CA VAL A 99 6.89 3.41 -2.71
C VAL A 99 7.43 4.83 -2.78
N ILE A 100 7.06 5.51 -3.84
CA ILE A 100 7.72 6.75 -4.22
C ILE A 100 6.71 7.86 -4.43
N LYS A 101 7.16 9.08 -4.23
CA LYS A 101 6.36 10.23 -4.56
C LYS A 101 7.07 11.06 -5.62
N VAL A 102 6.59 10.95 -6.84
CA VAL A 102 7.18 11.64 -7.96
C VAL A 102 6.15 12.58 -8.56
N ASP A 103 6.59 13.79 -8.89
CA ASP A 103 5.72 14.76 -9.54
C ASP A 103 4.50 15.08 -8.67
N GLY A 104 4.69 14.92 -7.36
CA GLY A 104 3.63 15.23 -6.41
C GLY A 104 2.71 14.05 -6.15
N LYS A 105 2.90 12.97 -6.88
CA LYS A 105 2.03 11.81 -6.77
C LYS A 105 2.78 10.60 -6.26
N TYR A 106 2.05 9.70 -5.64
CA TYR A 106 2.64 8.49 -5.09
C TYR A 106 2.49 7.31 -6.04
N TYR A 107 3.58 6.59 -6.20
CA TYR A 107 3.62 5.41 -7.04
C TYR A 107 4.37 4.31 -6.34
N VAL A 108 4.36 3.15 -6.94
CA VAL A 108 5.18 2.05 -6.50
C VAL A 108 6.00 1.55 -7.67
N TYR A 109 7.29 1.82 -7.60
CA TYR A 109 8.22 1.47 -8.65
C TYR A 109 8.57 0.02 -8.58
N LEU A 110 8.02 -0.75 -9.49
CA LEU A 110 8.27 -2.15 -9.50
C LEU A 110 9.40 -2.50 -10.43
N LYS A 111 10.38 -3.19 -9.90
CA LYS A 111 11.52 -3.61 -10.68
C LYS A 111 11.18 -4.86 -11.49
N ASP A 112 10.12 -5.55 -11.07
CA ASP A 112 9.62 -6.71 -11.83
C ASP A 112 8.11 -6.56 -12.03
N ALA A 113 7.74 -5.77 -13.01
CA ALA A 113 6.33 -5.51 -13.30
C ALA A 113 5.70 -6.67 -14.05
N ALA A 114 6.52 -7.64 -14.42
CA ALA A 114 6.08 -8.73 -15.27
C ALA A 114 5.56 -9.93 -14.47
N HIS A 115 6.27 -10.31 -13.43
CA HIS A 115 5.93 -11.54 -12.71
C HIS A 115 5.42 -11.27 -11.31
N ALA A 116 5.00 -10.02 -11.06
CA ALA A 116 4.44 -9.60 -9.78
C ALA A 116 5.46 -9.65 -8.66
N ASP A 117 5.64 -8.51 -8.04
CA ASP A 117 6.49 -8.39 -6.88
C ASP A 117 5.72 -7.72 -5.76
N ASN A 118 4.66 -8.40 -5.29
CA ASN A 118 3.77 -7.91 -4.21
C ASN A 118 2.71 -6.99 -4.78
N ILE A 119 2.67 -6.90 -6.09
CA ILE A 119 1.65 -6.10 -6.74
C ILE A 119 0.46 -6.96 -7.14
N ARG A 120 -0.67 -6.64 -6.56
CA ARG A 120 -1.92 -7.30 -6.88
C ARG A 120 -2.70 -6.44 -7.87
N THR A 121 -3.01 -7.02 -9.01
CA THR A 121 -3.84 -6.32 -9.98
C THR A 121 -5.25 -6.17 -9.44
N LYS A 122 -6.02 -5.25 -9.99
CA LYS A 122 -7.40 -5.08 -9.54
C LYS A 122 -8.18 -6.36 -9.78
N GLU A 123 -7.72 -7.12 -10.76
CA GLU A 123 -8.29 -8.42 -11.04
C GLU A 123 -7.90 -9.42 -9.96
N GLU A 124 -6.64 -9.37 -9.54
CA GLU A 124 -6.15 -10.26 -8.51
C GLU A 124 -6.65 -9.83 -7.14
N ILE A 125 -6.79 -8.53 -6.94
CA ILE A 125 -7.25 -7.99 -5.68
C ILE A 125 -8.56 -8.65 -5.26
N LYS A 126 -9.45 -8.85 -6.22
CA LYS A 126 -10.71 -9.52 -5.94
C LYS A 126 -10.47 -10.99 -5.59
N ARG A 127 -9.44 -11.58 -6.19
CA ARG A 127 -9.05 -12.97 -5.90
C ARG A 127 -8.42 -13.04 -4.51
N GLN A 128 -7.75 -11.96 -4.14
CA GLN A 128 -7.06 -11.87 -2.87
C GLN A 128 -8.04 -11.52 -1.75
N LYS A 129 -9.11 -10.83 -2.11
CA LYS A 129 -10.08 -10.37 -1.13
C LYS A 129 -11.13 -11.44 -0.82
N GLN A 130 -11.10 -12.55 -1.54
CA GLN A 130 -11.98 -13.65 -1.24
C GLN A 130 -11.28 -14.65 -0.33
N GLU A 131 -10.45 -15.46 -0.81
ZN ZN B . -8.56 -4.28 7.94
N SER A 12 -11.94 9.33 19.95
CA SER A 12 -13.35 8.87 19.89
C SER A 12 -13.55 7.67 20.80
N TYR A 13 -14.30 7.87 21.87
CA TYR A 13 -14.57 6.80 22.83
C TYR A 13 -15.72 5.90 22.36
N ILE A 14 -15.54 5.30 21.19
CA ILE A 14 -16.54 4.41 20.63
C ILE A 14 -16.33 2.99 21.17
N ASP A 15 -16.67 2.80 22.45
CA ASP A 15 -16.50 1.50 23.12
C ASP A 15 -15.08 0.99 22.93
N GLY A 16 -14.14 1.58 23.66
CA GLY A 16 -12.76 1.27 23.43
C GLY A 16 -11.99 2.49 22.94
N ASP A 17 -12.06 3.56 23.73
CA ASP A 17 -11.49 4.89 23.40
C ASP A 17 -10.19 4.84 22.58
N GLN A 18 -9.34 3.85 22.84
CA GLN A 18 -8.09 3.68 22.09
C GLN A 18 -8.33 3.15 20.67
N ALA A 19 -9.55 3.34 20.15
CA ALA A 19 -9.90 2.88 18.82
C ALA A 19 -9.45 3.88 17.78
N GLY A 20 -8.73 3.41 16.78
CA GLY A 20 -8.21 4.27 15.75
C GLY A 20 -8.82 3.96 14.40
N GLN A 21 -9.99 4.53 14.14
CA GLN A 21 -10.66 4.33 12.87
C GLN A 21 -10.05 5.23 11.82
N LYS A 22 -9.76 4.65 10.65
CA LYS A 22 -9.05 5.32 9.57
C LYS A 22 -7.64 5.71 10.00
N ALA A 23 -6.68 5.16 9.26
CA ALA A 23 -5.27 5.25 9.61
C ALA A 23 -5.01 4.51 10.92
N GLU A 24 -4.80 3.20 10.78
CA GLU A 24 -4.52 2.33 11.91
C GLU A 24 -3.30 2.83 12.72
N ASN A 25 -3.11 2.29 13.91
CA ASN A 25 -2.06 2.78 14.79
C ASN A 25 -1.17 1.65 15.28
N LEU A 26 -1.69 0.43 15.23
CA LEU A 26 -0.94 -0.75 15.60
C LEU A 26 -0.03 -1.19 14.46
N THR A 27 0.72 -2.26 14.65
CA THR A 27 1.59 -2.75 13.59
C THR A 27 0.81 -3.65 12.64
N PRO A 28 1.19 -3.69 11.35
CA PRO A 28 0.42 -4.42 10.31
C PRO A 28 -0.02 -5.81 10.74
N ASP A 29 0.83 -6.49 11.51
CA ASP A 29 0.53 -7.84 11.97
C ASP A 29 -0.51 -7.81 13.06
N GLU A 30 -0.28 -6.93 14.05
CA GLU A 30 -1.23 -6.72 15.13
C GLU A 30 -2.57 -6.29 14.58
N VAL A 31 -2.53 -5.46 13.54
CA VAL A 31 -3.74 -5.01 12.85
C VAL A 31 -4.54 -6.21 12.42
N SER A 32 -3.91 -7.04 11.61
CA SER A 32 -4.51 -8.18 10.99
C SER A 32 -4.97 -9.23 12.00
N LYS A 33 -4.06 -9.66 12.87
CA LYS A 33 -4.35 -10.69 13.85
C LYS A 33 -5.57 -10.35 14.71
N ARG A 34 -5.74 -9.08 15.04
CA ARG A 34 -6.81 -8.65 15.91
C ARG A 34 -8.14 -8.52 15.17
N GLU A 35 -8.08 -8.12 13.91
CA GLU A 35 -9.30 -7.95 13.12
C GLU A 35 -9.79 -9.29 12.59
N GLY A 36 -8.89 -10.24 12.44
CA GLY A 36 -9.29 -11.59 12.10
C GLY A 36 -8.89 -12.02 10.70
N ILE A 37 -9.04 -11.13 9.72
CA ILE A 37 -8.77 -11.49 8.33
C ILE A 37 -7.31 -11.88 8.11
N ASN A 38 -6.40 -11.12 8.73
CA ASN A 38 -4.97 -11.41 8.69
C ASN A 38 -4.38 -11.28 7.29
N ALA A 39 -5.20 -10.93 6.31
CA ALA A 39 -4.76 -10.85 4.93
C ALA A 39 -3.73 -9.73 4.72
N GLU A 40 -2.95 -9.87 3.65
CA GLU A 40 -1.90 -8.90 3.33
C GLU A 40 -2.51 -7.56 2.95
N GLN A 41 -1.96 -6.49 3.53
CA GLN A 41 -2.46 -5.15 3.25
C GLN A 41 -2.06 -4.71 1.85
N ILE A 42 -3.03 -4.65 0.96
CA ILE A 42 -2.78 -4.25 -0.42
C ILE A 42 -3.12 -2.78 -0.61
N VAL A 43 -2.09 -1.94 -0.58
CA VAL A 43 -2.26 -0.50 -0.68
C VAL A 43 -2.84 -0.12 -2.05
N ILE A 44 -4.08 0.35 -2.06
CA ILE A 44 -4.76 0.73 -3.29
C ILE A 44 -4.70 2.24 -3.51
N LYS A 45 -4.51 2.97 -2.42
CA LYS A 45 -4.38 4.40 -2.48
C LYS A 45 -3.24 4.88 -1.60
N ILE A 46 -2.49 5.84 -2.07
CA ILE A 46 -1.35 6.36 -1.35
C ILE A 46 -1.45 7.86 -1.18
N THR A 47 -1.31 8.34 0.04
CA THR A 47 -1.09 9.76 0.29
C THR A 47 -0.04 9.89 1.37
N ASP A 48 0.70 10.98 1.35
CA ASP A 48 1.78 11.20 2.32
C ASP A 48 1.23 11.54 3.70
N GLN A 49 -0.10 11.46 3.83
CA GLN A 49 -0.76 11.61 5.11
C GLN A 49 -1.19 10.24 5.65
N GLY A 50 -0.92 9.21 4.84
CA GLY A 50 -1.35 7.86 5.17
C GLY A 50 -1.96 7.17 3.97
N TYR A 51 -1.79 5.87 3.84
CA TYR A 51 -2.29 5.18 2.66
C TYR A 51 -3.49 4.32 3.01
N VAL A 52 -4.18 3.85 1.99
CA VAL A 52 -5.36 3.02 2.20
C VAL A 52 -5.16 1.68 1.53
N THR A 53 -5.35 0.61 2.29
CA THR A 53 -5.10 -0.73 1.81
C THR A 53 -6.42 -1.49 1.62
N SER A 54 -6.54 -2.19 0.51
CA SER A 54 -7.67 -3.08 0.31
C SER A 54 -7.25 -4.48 0.67
N HIS A 55 -7.50 -4.86 1.90
CA HIS A 55 -7.02 -6.13 2.39
C HIS A 55 -8.15 -6.93 3.04
N GLY A 56 -7.95 -8.23 3.13
CA GLY A 56 -8.96 -9.09 3.69
C GLY A 56 -10.22 -9.11 2.84
N ASP A 57 -11.19 -8.31 3.24
CA ASP A 57 -12.44 -8.19 2.51
C ASP A 57 -12.82 -6.72 2.32
N HIS A 58 -12.05 -5.83 2.95
CA HIS A 58 -12.44 -4.43 3.02
C HIS A 58 -11.29 -3.49 2.73
N TYR A 59 -11.58 -2.20 2.82
CA TYR A 59 -10.57 -1.18 2.74
C TYR A 59 -10.18 -0.75 4.14
N HIS A 60 -8.90 -0.74 4.42
CA HIS A 60 -8.40 -0.38 5.72
C HIS A 60 -7.39 0.74 5.57
N TYR A 61 -7.59 1.82 6.29
CA TYR A 61 -6.75 2.99 6.15
C TYR A 61 -5.55 2.83 7.07
N TYR A 62 -4.36 3.08 6.56
CA TYR A 62 -3.14 2.68 7.24
C TYR A 62 -2.12 3.82 7.25
N ASN A 63 -1.51 3.98 8.41
CA ASN A 63 -0.68 5.13 8.71
C ASN A 63 0.81 4.79 8.59
N GLY A 64 1.64 5.82 8.64
CA GLY A 64 3.08 5.61 8.64
C GLY A 64 3.60 5.27 7.26
N LYS A 65 4.68 4.50 7.22
CA LYS A 65 5.28 4.07 5.97
C LYS A 65 4.87 2.65 5.62
N VAL A 66 4.76 2.39 4.32
CA VAL A 66 4.49 1.05 3.83
C VAL A 66 5.64 0.13 4.24
N PRO A 67 5.34 -0.98 4.93
CA PRO A 67 6.38 -1.91 5.37
C PRO A 67 6.99 -2.67 4.20
N TYR A 68 8.15 -3.23 4.43
CA TYR A 68 8.90 -3.92 3.38
C TYR A 68 8.01 -4.95 2.67
N ASP A 69 7.26 -5.73 3.44
CA ASP A 69 6.52 -6.85 2.89
C ASP A 69 5.04 -6.54 2.67
N ALA A 70 4.69 -5.26 2.62
CA ALA A 70 3.32 -4.87 2.30
C ALA A 70 3.06 -5.02 0.82
N ILE A 71 1.80 -5.21 0.47
CA ILE A 71 1.39 -5.46 -0.90
C ILE A 71 0.80 -4.20 -1.52
N ILE A 72 1.06 -4.00 -2.81
CA ILE A 72 0.55 -2.82 -3.51
C ILE A 72 -0.38 -3.24 -4.66
N SER A 73 -1.30 -2.35 -4.99
CA SER A 73 -2.18 -2.52 -6.13
C SER A 73 -1.46 -2.13 -7.43
N GLU A 74 -1.82 -2.81 -8.52
CA GLU A 74 -1.25 -2.53 -9.84
C GLU A 74 -1.65 -1.15 -10.31
N GLU A 75 -2.69 -0.61 -9.69
CA GLU A 75 -3.22 0.68 -10.05
C GLU A 75 -2.24 1.78 -9.68
N LEU A 76 -1.31 1.45 -8.80
CA LEU A 76 -0.36 2.42 -8.29
C LEU A 76 1.04 2.16 -8.83
N LEU A 77 1.14 1.28 -9.82
CA LEU A 77 2.40 1.04 -10.46
C LEU A 77 2.88 2.27 -11.18
N MET A 78 4.19 2.45 -11.17
CA MET A 78 4.81 3.61 -11.76
C MET A 78 4.66 3.62 -13.28
N LYS A 79 4.64 4.83 -13.81
CA LYS A 79 4.63 5.10 -15.23
C LYS A 79 5.95 4.64 -15.84
N ASP A 80 5.97 4.60 -17.16
CA ASP A 80 7.02 4.00 -17.97
C ASP A 80 8.38 3.87 -17.29
N PRO A 81 9.07 2.74 -17.52
CA PRO A 81 10.42 2.51 -17.00
C PRO A 81 11.42 3.50 -17.57
N ASN A 82 10.95 4.34 -18.49
CA ASN A 82 11.73 5.49 -18.93
C ASN A 82 11.85 6.47 -17.76
N TYR A 83 10.91 6.39 -16.83
CA TYR A 83 11.14 6.96 -15.51
C TYR A 83 12.01 6.00 -14.73
N GLN A 84 13.19 6.45 -14.38
CA GLN A 84 14.09 5.67 -13.57
C GLN A 84 13.98 6.10 -12.12
N LEU A 85 14.04 5.13 -11.24
CA LEU A 85 13.86 5.34 -9.81
C LEU A 85 14.77 6.43 -9.28
N LYS A 86 14.17 7.55 -8.88
CA LYS A 86 14.94 8.70 -8.42
C LYS A 86 14.93 8.75 -6.90
N ASP A 87 16.13 8.81 -6.34
CA ASP A 87 16.31 8.81 -4.89
C ASP A 87 15.74 10.06 -4.26
N SER A 88 15.47 11.05 -5.09
CA SER A 88 14.90 12.31 -4.62
C SER A 88 13.38 12.19 -4.52
N ASP A 89 12.81 11.16 -5.14
CA ASP A 89 11.37 10.96 -5.12
C ASP A 89 10.99 9.80 -4.21
N ILE A 90 11.97 8.99 -3.86
CA ILE A 90 11.76 7.84 -3.00
C ILE A 90 11.39 8.28 -1.59
N VAL A 91 10.23 7.85 -1.12
CA VAL A 91 9.84 8.09 0.24
C VAL A 91 10.15 6.86 1.09
N ASN A 92 10.00 5.68 0.47
CA ASN A 92 10.27 4.42 1.16
C ASN A 92 10.49 3.29 0.16
N GLU A 93 11.03 2.18 0.63
CA GLU A 93 11.31 1.01 -0.21
C GLU A 93 10.55 -0.19 0.29
N ILE A 94 9.98 -0.95 -0.62
CA ILE A 94 9.27 -2.15 -0.29
C ILE A 94 9.84 -3.32 -1.09
N LYS A 95 9.25 -4.48 -0.95
CA LYS A 95 9.79 -5.67 -1.59
C LYS A 95 9.59 -5.63 -3.09
N GLY A 96 10.69 -5.52 -3.81
CA GLY A 96 10.66 -5.46 -5.25
C GLY A 96 10.38 -4.08 -5.79
N GLY A 97 9.54 -3.34 -5.09
CA GLY A 97 9.18 -2.01 -5.54
C GLY A 97 9.63 -0.92 -4.58
N TYR A 98 9.46 0.32 -5.00
CA TYR A 98 9.70 1.46 -4.15
C TYR A 98 8.46 2.31 -4.10
N VAL A 99 7.92 2.52 -2.92
CA VAL A 99 6.81 3.44 -2.77
C VAL A 99 7.37 4.86 -2.81
N ILE A 100 7.05 5.55 -3.89
CA ILE A 100 7.74 6.77 -4.24
C ILE A 100 6.76 7.90 -4.53
N LYS A 101 7.18 9.11 -4.26
CA LYS A 101 6.38 10.28 -4.58
C LYS A 101 7.13 11.11 -5.62
N VAL A 102 6.68 11.01 -6.86
CA VAL A 102 7.34 11.67 -7.96
C VAL A 102 6.39 12.65 -8.61
N ASP A 103 6.91 13.83 -8.93
CA ASP A 103 6.15 14.85 -9.67
C ASP A 103 4.88 15.24 -8.92
N GLY A 104 4.89 15.06 -7.60
CA GLY A 104 3.75 15.43 -6.77
C GLY A 104 2.72 14.32 -6.67
N LYS A 105 3.09 13.13 -7.11
CA LYS A 105 2.19 11.99 -7.08
C LYS A 105 2.88 10.76 -6.51
N TYR A 106 2.10 9.79 -6.12
CA TYR A 106 2.64 8.59 -5.48
C TYR A 106 2.51 7.38 -6.37
N TYR A 107 3.58 6.61 -6.43
CA TYR A 107 3.63 5.40 -7.23
C TYR A 107 4.41 4.35 -6.49
N VAL A 108 4.40 3.16 -7.04
CA VAL A 108 5.25 2.10 -6.58
C VAL A 108 6.12 1.61 -7.73
N TYR A 109 7.41 1.85 -7.59
CA TYR A 109 8.37 1.52 -8.61
C TYR A 109 8.72 0.06 -8.56
N LEU A 110 8.15 -0.69 -9.46
CA LEU A 110 8.43 -2.09 -9.51
C LEU A 110 9.59 -2.36 -10.44
N LYS A 111 10.60 -3.01 -9.91
CA LYS A 111 11.78 -3.36 -10.67
C LYS A 111 11.50 -4.57 -11.55
N ASP A 112 10.50 -5.36 -11.14
CA ASP A 112 10.14 -6.57 -11.84
C ASP A 112 8.64 -6.59 -12.10
N ALA A 113 8.21 -5.73 -13.00
CA ALA A 113 6.79 -5.56 -13.31
C ALA A 113 6.23 -6.80 -13.99
N ALA A 114 7.10 -7.58 -14.59
CA ALA A 114 6.67 -8.75 -15.35
C ALA A 114 6.73 -10.00 -14.49
N HIS A 115 7.24 -9.87 -13.28
CA HIS A 115 7.44 -11.05 -12.43
C HIS A 115 6.58 -10.97 -11.16
N ALA A 116 5.83 -9.88 -11.03
CA ALA A 116 5.02 -9.60 -9.84
C ALA A 116 5.86 -9.56 -8.59
N ASP A 117 6.06 -8.36 -8.09
CA ASP A 117 6.81 -8.18 -6.87
C ASP A 117 5.91 -7.52 -5.84
N ASN A 118 4.87 -8.25 -5.44
CA ASN A 118 3.89 -7.83 -4.40
C ASN A 118 2.82 -6.93 -5.00
N ILE A 119 2.73 -6.91 -6.32
CA ILE A 119 1.69 -6.15 -6.97
C ILE A 119 0.51 -7.03 -7.32
N ARG A 120 -0.62 -6.73 -6.70
CA ARG A 120 -1.88 -7.39 -6.99
C ARG A 120 -2.65 -6.58 -8.01
N THR A 121 -3.06 -7.21 -9.10
CA THR A 121 -3.83 -6.54 -10.13
C THR A 121 -5.20 -6.17 -9.62
N LYS A 122 -5.89 -5.25 -10.29
CA LYS A 122 -7.26 -4.93 -9.93
C LYS A 122 -8.10 -6.19 -9.87
N GLU A 123 -7.77 -7.12 -10.76
CA GLU A 123 -8.43 -8.41 -10.77
C GLU A 123 -8.00 -9.25 -9.57
N GLU A 124 -6.70 -9.31 -9.33
CA GLU A 124 -6.16 -10.12 -8.25
C GLU A 124 -6.49 -9.53 -6.88
N ILE A 125 -6.61 -8.20 -6.79
CA ILE A 125 -7.05 -7.57 -5.56
C ILE A 125 -8.35 -8.19 -5.10
N LYS A 126 -9.29 -8.29 -6.03
CA LYS A 126 -10.57 -8.92 -5.76
C LYS A 126 -10.36 -10.41 -5.45
N ARG A 127 -9.48 -11.07 -6.18
CA ARG A 127 -9.16 -12.46 -5.92
C ARG A 127 -8.63 -12.64 -4.50
N GLN A 128 -7.69 -11.77 -4.14
CA GLN A 128 -7.03 -11.81 -2.86
C GLN A 128 -8.00 -11.48 -1.72
N LYS A 129 -9.09 -10.80 -2.06
CA LYS A 129 -10.07 -10.41 -1.05
C LYS A 129 -11.18 -11.46 -0.93
N GLN A 130 -11.23 -12.38 -1.88
CA GLN A 130 -12.18 -13.46 -1.84
C GLN A 130 -11.65 -14.61 -1.01
N GLU A 131 -10.65 -15.25 -1.43
ZN ZN B . -8.64 -4.52 7.94
N SER A 12 -14.56 -0.90 9.00
CA SER A 12 -15.74 -0.76 9.89
C SER A 12 -15.54 0.43 10.82
N TYR A 13 -16.62 0.91 11.41
CA TYR A 13 -16.53 2.00 12.37
C TYR A 13 -17.47 1.75 13.54
N ILE A 14 -17.15 2.33 14.67
CA ILE A 14 -17.97 2.19 15.87
C ILE A 14 -18.48 3.56 16.29
N ASP A 15 -19.72 3.84 15.90
CA ASP A 15 -20.41 5.09 16.25
C ASP A 15 -19.95 6.26 15.38
N GLY A 16 -18.65 6.39 15.27
CA GLY A 16 -18.07 7.45 14.46
C GLY A 16 -17.29 8.44 15.31
N ASP A 17 -17.66 8.54 16.57
CA ASP A 17 -16.92 9.38 17.52
C ASP A 17 -16.29 8.51 18.59
N GLN A 18 -16.98 7.43 18.96
CA GLN A 18 -16.46 6.48 19.92
C GLN A 18 -15.16 5.86 19.42
N ALA A 19 -15.16 5.48 18.15
CA ALA A 19 -13.97 4.93 17.52
C ALA A 19 -13.46 5.87 16.44
N GLY A 20 -12.21 5.67 16.06
CA GLY A 20 -11.60 6.51 15.06
C GLY A 20 -10.94 5.69 13.97
N GLN A 21 -9.67 5.33 14.19
CA GLN A 21 -8.89 4.53 13.26
C GLN A 21 -8.83 5.22 11.89
N LYS A 22 -8.60 4.42 10.85
CA LYS A 22 -8.60 4.91 9.47
C LYS A 22 -7.45 5.85 9.23
N ALA A 23 -6.33 5.43 9.76
CA ALA A 23 -5.04 6.09 9.62
C ALA A 23 -4.10 5.48 10.64
N GLU A 24 -4.08 4.16 10.66
CA GLU A 24 -3.42 3.35 11.67
C GLU A 24 -2.09 3.93 12.13
N ASN A 25 -2.04 4.30 13.39
CA ASN A 25 -0.80 4.71 14.03
C ASN A 25 -0.03 3.48 14.47
N LEU A 26 -0.78 2.40 14.69
CA LEU A 26 -0.22 1.12 15.04
C LEU A 26 0.51 0.50 13.84
N THR A 27 1.38 -0.45 14.12
CA THR A 27 2.15 -1.10 13.08
C THR A 27 1.34 -2.16 12.35
N PRO A 28 1.64 -2.42 11.06
CA PRO A 28 0.81 -3.27 10.18
C PRO A 28 0.42 -4.61 10.80
N ASP A 29 1.36 -5.28 11.43
CA ASP A 29 1.13 -6.59 12.03
C ASP A 29 0.12 -6.45 13.15
N GLU A 30 0.40 -5.50 14.02
CA GLU A 30 -0.47 -5.14 15.13
C GLU A 30 -1.87 -4.85 14.64
N VAL A 31 -1.97 -4.28 13.45
CA VAL A 31 -3.26 -4.00 12.84
C VAL A 31 -3.99 -5.29 12.53
N SER A 32 -3.37 -6.07 11.68
CA SER A 32 -3.92 -7.29 11.17
C SER A 32 -4.30 -8.27 12.28
N LYS A 33 -3.34 -8.56 13.12
CA LYS A 33 -3.53 -9.49 14.24
C LYS A 33 -4.69 -9.07 15.14
N ARG A 34 -4.88 -7.77 15.33
CA ARG A 34 -5.94 -7.28 16.19
C ARG A 34 -7.30 -7.31 15.50
N GLU A 35 -7.36 -6.90 14.24
CA GLU A 35 -8.64 -6.82 13.54
C GLU A 35 -9.23 -8.21 13.28
N GLY A 36 -8.40 -9.18 12.93
CA GLY A 36 -8.90 -10.53 12.76
C GLY A 36 -8.50 -11.18 11.45
N ILE A 37 -8.83 -10.56 10.32
CA ILE A 37 -8.61 -11.18 9.00
C ILE A 37 -7.14 -11.53 8.78
N ASN A 38 -6.26 -10.67 9.27
CA ASN A 38 -4.81 -10.91 9.24
C ASN A 38 -4.28 -10.95 7.79
N ALA A 39 -5.15 -10.64 6.84
CA ALA A 39 -4.78 -10.73 5.43
C ALA A 39 -3.71 -9.72 5.03
N GLU A 40 -3.11 -9.94 3.86
CA GLU A 40 -2.05 -9.09 3.37
C GLU A 40 -2.56 -7.71 3.02
N GLN A 41 -1.82 -6.69 3.42
CA GLN A 41 -2.21 -5.32 3.16
C GLN A 41 -1.87 -4.92 1.74
N ILE A 42 -2.89 -4.88 0.90
CA ILE A 42 -2.72 -4.47 -0.48
C ILE A 42 -3.04 -2.99 -0.63
N VAL A 43 -2.01 -2.16 -0.64
CA VAL A 43 -2.17 -0.71 -0.73
C VAL A 43 -2.73 -0.33 -2.10
N ILE A 44 -3.96 0.17 -2.10
CA ILE A 44 -4.63 0.56 -3.34
C ILE A 44 -4.47 2.06 -3.59
N LYS A 45 -4.24 2.80 -2.52
CA LYS A 45 -4.04 4.24 -2.62
C LYS A 45 -2.94 4.68 -1.67
N ILE A 46 -2.18 5.67 -2.08
CA ILE A 46 -1.12 6.23 -1.23
C ILE A 46 -1.25 7.74 -1.18
N THR A 47 -0.83 8.32 -0.08
CA THR A 47 -0.80 9.76 0.09
C THR A 47 0.44 10.15 0.90
N ASP A 48 0.59 11.42 1.20
CA ASP A 48 1.75 11.85 1.97
C ASP A 48 1.60 11.44 3.43
N GLN A 49 0.36 11.39 3.90
CA GLN A 49 0.05 11.06 5.29
C GLN A 49 0.11 9.56 5.52
N GLY A 50 0.01 8.78 4.44
CA GLY A 50 0.00 7.34 4.56
C GLY A 50 -0.59 6.69 3.33
N TYR A 51 -1.36 5.64 3.51
CA TYR A 51 -1.96 4.92 2.40
C TYR A 51 -3.28 4.32 2.79
N VAL A 52 -3.91 3.67 1.85
CA VAL A 52 -5.08 2.89 2.13
C VAL A 52 -4.98 1.55 1.43
N THR A 53 -5.24 0.48 2.16
CA THR A 53 -5.15 -0.86 1.62
C THR A 53 -6.52 -1.44 1.34
N SER A 54 -6.58 -2.34 0.38
CA SER A 54 -7.72 -3.21 0.23
C SER A 54 -7.28 -4.59 0.69
N HIS A 55 -7.43 -4.85 1.98
CA HIS A 55 -6.90 -6.07 2.54
C HIS A 55 -8.00 -6.86 3.23
N GLY A 56 -7.85 -8.17 3.22
CA GLY A 56 -8.89 -9.03 3.75
C GLY A 56 -10.12 -8.99 2.88
N ASP A 57 -11.07 -8.16 3.26
CA ASP A 57 -12.29 -7.98 2.50
C ASP A 57 -12.61 -6.49 2.31
N HIS A 58 -11.91 -5.65 3.05
CA HIS A 58 -12.29 -4.24 3.14
C HIS A 58 -11.16 -3.31 2.79
N TYR A 59 -11.47 -2.03 2.82
CA TYR A 59 -10.48 -1.00 2.64
C TYR A 59 -10.07 -0.48 3.99
N HIS A 60 -8.78 -0.42 4.24
CA HIS A 60 -8.28 -0.01 5.52
C HIS A 60 -7.26 1.11 5.36
N TYR A 61 -7.51 2.21 6.05
CA TYR A 61 -6.70 3.41 5.93
C TYR A 61 -5.55 3.38 6.94
N TYR A 62 -4.33 3.61 6.48
CA TYR A 62 -3.17 3.63 7.38
C TYR A 62 -2.41 4.94 7.23
N ASN A 63 -1.70 5.32 8.27
CA ASN A 63 -0.83 6.47 8.22
C ASN A 63 0.63 6.05 8.23
N GLY A 64 1.46 6.88 7.65
CA GLY A 64 2.88 6.70 7.79
C GLY A 64 3.52 6.07 6.58
N LYS A 65 4.64 5.41 6.81
CA LYS A 65 5.41 4.76 5.75
C LYS A 65 4.89 3.36 5.50
N VAL A 66 4.86 2.97 4.22
CA VAL A 66 4.50 1.62 3.83
C VAL A 66 5.59 0.66 4.29
N PRO A 67 5.22 -0.49 4.89
CA PRO A 67 6.20 -1.48 5.31
C PRO A 67 6.84 -2.19 4.11
N TYR A 68 7.96 -2.84 4.33
CA TYR A 68 8.71 -3.46 3.25
C TYR A 68 7.89 -4.58 2.62
N ASP A 69 7.21 -5.37 3.46
CA ASP A 69 6.51 -6.55 3.00
C ASP A 69 5.04 -6.26 2.67
N ALA A 70 4.71 -4.98 2.48
CA ALA A 70 3.36 -4.61 2.09
C ALA A 70 3.11 -4.95 0.63
N ILE A 71 1.86 -5.25 0.32
CA ILE A 71 1.44 -5.59 -1.02
C ILE A 71 0.79 -4.36 -1.67
N ILE A 72 0.98 -4.17 -2.96
CA ILE A 72 0.45 -2.99 -3.63
C ILE A 72 -0.54 -3.36 -4.73
N SER A 73 -1.51 -2.49 -4.95
CA SER A 73 -2.43 -2.59 -6.07
C SER A 73 -1.73 -2.13 -7.35
N GLU A 74 -2.05 -2.80 -8.44
CA GLU A 74 -1.43 -2.51 -9.73
C GLU A 74 -1.77 -1.10 -10.21
N GLU A 75 -2.78 -0.50 -9.58
CA GLU A 75 -3.20 0.85 -9.91
C GLU A 75 -2.10 1.87 -9.62
N LEU A 76 -1.23 1.53 -8.68
CA LEU A 76 -0.22 2.47 -8.20
C LEU A 76 1.12 2.27 -8.88
N LEU A 77 1.20 1.24 -9.70
CA LEU A 77 2.41 0.92 -10.43
C LEU A 77 2.93 2.10 -11.21
N MET A 78 4.24 2.25 -11.18
CA MET A 78 4.91 3.26 -11.98
C MET A 78 5.42 2.63 -13.26
N LYS A 79 4.62 2.68 -14.31
CA LYS A 79 5.12 2.31 -15.61
C LYS A 79 5.20 3.56 -16.48
N ASP A 80 6.39 4.09 -16.57
CA ASP A 80 6.66 5.22 -17.44
C ASP A 80 7.81 4.86 -18.37
N PRO A 81 7.68 5.12 -19.67
CA PRO A 81 8.73 4.77 -20.63
C PRO A 81 9.97 5.66 -20.50
N ASN A 82 9.83 6.75 -19.78
CA ASN A 82 10.94 7.69 -19.59
C ASN A 82 11.43 7.69 -18.14
N TYR A 83 10.61 7.21 -17.21
CA TYR A 83 10.89 7.40 -15.79
C TYR A 83 11.91 6.41 -15.25
N GLN A 84 12.82 6.92 -14.44
CA GLN A 84 13.75 6.13 -13.70
C GLN A 84 13.62 6.44 -12.21
N LEU A 85 13.93 5.46 -11.39
CA LEU A 85 13.80 5.60 -9.96
C LEU A 85 14.89 6.51 -9.42
N LYS A 86 14.50 7.54 -8.69
CA LYS A 86 15.44 8.50 -8.14
C LYS A 86 15.31 8.55 -6.63
N ASP A 87 16.43 8.77 -5.95
CA ASP A 87 16.48 8.80 -4.50
C ASP A 87 15.63 9.93 -3.92
N SER A 88 15.27 10.87 -4.77
CA SER A 88 14.52 12.04 -4.35
C SER A 88 13.03 11.73 -4.23
N ASP A 89 12.52 10.82 -5.06
CA ASP A 89 11.11 10.48 -5.03
C ASP A 89 10.85 9.38 -4.02
N ILE A 90 11.86 8.55 -3.83
CA ILE A 90 11.80 7.46 -2.88
C ILE A 90 11.49 7.95 -1.48
N VAL A 91 10.29 7.66 -1.02
CA VAL A 91 9.94 7.92 0.36
C VAL A 91 10.28 6.69 1.18
N ASN A 92 10.05 5.53 0.58
CA ASN A 92 10.32 4.26 1.21
C ASN A 92 10.53 3.18 0.16
N GLU A 93 11.11 2.07 0.57
CA GLU A 93 11.35 0.94 -0.30
C GLU A 93 10.58 -0.27 0.19
N ILE A 94 9.85 -0.89 -0.72
CA ILE A 94 9.11 -2.08 -0.41
C ILE A 94 9.69 -3.24 -1.18
N LYS A 95 9.08 -4.40 -1.07
CA LYS A 95 9.63 -5.60 -1.67
C LYS A 95 9.53 -5.54 -3.18
N GLY A 96 10.69 -5.48 -3.82
CA GLY A 96 10.77 -5.46 -5.27
C GLY A 96 10.48 -4.09 -5.85
N GLY A 97 9.60 -3.34 -5.22
CA GLY A 97 9.23 -2.03 -5.70
C GLY A 97 9.62 -0.93 -4.75
N TYR A 98 9.50 0.30 -5.20
CA TYR A 98 9.70 1.44 -4.34
C TYR A 98 8.44 2.26 -4.26
N VAL A 99 7.94 2.45 -3.06
CA VAL A 99 6.82 3.35 -2.88
C VAL A 99 7.35 4.77 -2.93
N ILE A 100 7.01 5.47 -4.00
CA ILE A 100 7.69 6.70 -4.35
C ILE A 100 6.72 7.85 -4.52
N LYS A 101 7.15 9.01 -4.08
CA LYS A 101 6.40 10.23 -4.28
C LYS A 101 7.10 11.06 -5.33
N VAL A 102 6.55 11.06 -6.53
CA VAL A 102 7.18 11.73 -7.64
C VAL A 102 6.25 12.82 -8.16
N ASP A 103 6.81 14.01 -8.32
CA ASP A 103 6.07 15.15 -8.84
C ASP A 103 4.84 15.45 -7.97
N GLY A 104 4.90 15.00 -6.73
CA GLY A 104 3.81 15.22 -5.80
C GLY A 104 2.88 14.01 -5.67
N LYS A 105 2.87 13.15 -6.67
CA LYS A 105 2.01 11.97 -6.67
C LYS A 105 2.74 10.78 -6.07
N TYR A 106 2.03 9.69 -5.86
CA TYR A 106 2.61 8.49 -5.31
C TYR A 106 2.50 7.33 -6.27
N TYR A 107 3.59 6.59 -6.39
CA TYR A 107 3.64 5.43 -7.25
C TYR A 107 4.39 4.31 -6.57
N VAL A 108 4.35 3.15 -7.19
CA VAL A 108 5.14 2.03 -6.75
C VAL A 108 6.02 1.55 -7.89
N TYR A 109 7.30 1.82 -7.75
CA TYR A 109 8.29 1.49 -8.77
C TYR A 109 8.66 0.05 -8.70
N LEU A 110 8.14 -0.72 -9.62
CA LEU A 110 8.41 -2.13 -9.61
C LEU A 110 9.57 -2.44 -10.54
N LYS A 111 10.59 -3.06 -9.97
CA LYS A 111 11.78 -3.44 -10.71
C LYS A 111 11.55 -4.73 -11.49
N ASP A 112 10.48 -5.43 -11.13
CA ASP A 112 10.09 -6.64 -11.83
C ASP A 112 8.58 -6.65 -12.02
N ALA A 113 8.13 -5.84 -12.96
CA ALA A 113 6.71 -5.66 -13.19
C ALA A 113 6.12 -6.79 -14.01
N ALA A 114 6.99 -7.61 -14.59
CA ALA A 114 6.55 -8.66 -15.49
C ALA A 114 6.19 -9.95 -14.74
N HIS A 115 6.86 -10.20 -13.61
CA HIS A 115 6.70 -11.48 -12.93
C HIS A 115 6.09 -11.31 -11.55
N ALA A 116 5.55 -10.11 -11.30
CA ALA A 116 4.91 -9.76 -10.02
C ALA A 116 5.88 -9.72 -8.86
N ASP A 117 5.96 -8.55 -8.27
CA ASP A 117 6.75 -8.36 -7.07
C ASP A 117 5.90 -7.70 -6.00
N ASN A 118 4.86 -8.42 -5.56
CA ASN A 118 3.91 -7.96 -4.50
C ASN A 118 2.81 -7.09 -5.10
N ILE A 119 2.73 -7.06 -6.42
CA ILE A 119 1.68 -6.30 -7.07
C ILE A 119 0.49 -7.18 -7.41
N ARG A 120 -0.63 -6.85 -6.78
CA ARG A 120 -1.90 -7.49 -7.07
C ARG A 120 -2.69 -6.64 -8.02
N THR A 121 -3.06 -7.20 -9.15
CA THR A 121 -3.94 -6.53 -10.07
C THR A 121 -5.31 -6.36 -9.45
N LYS A 122 -6.05 -5.36 -9.86
CA LYS A 122 -7.40 -5.18 -9.35
C LYS A 122 -8.24 -6.42 -9.56
N GLU A 123 -7.95 -7.11 -10.64
CA GLU A 123 -8.56 -8.40 -10.91
C GLU A 123 -8.16 -9.42 -9.85
N GLU A 124 -6.85 -9.53 -9.61
CA GLU A 124 -6.33 -10.46 -8.62
C GLU A 124 -6.74 -10.06 -7.21
N ILE A 125 -6.83 -8.77 -6.98
CA ILE A 125 -7.19 -8.27 -5.66
C ILE A 125 -8.54 -8.84 -5.22
N LYS A 126 -9.47 -8.95 -6.16
CA LYS A 126 -10.78 -9.52 -5.87
C LYS A 126 -10.63 -11.01 -5.53
N ARG A 127 -9.60 -11.65 -6.08
CA ARG A 127 -9.29 -13.03 -5.72
C ARG A 127 -8.58 -13.08 -4.38
N GLN A 128 -7.68 -12.13 -4.17
CA GLN A 128 -6.86 -12.07 -2.97
C GLN A 128 -7.67 -11.57 -1.77
N LYS A 129 -8.81 -10.93 -2.06
CA LYS A 129 -9.70 -10.43 -1.01
C LYS A 129 -10.68 -11.53 -0.58
N GLN A 130 -10.54 -12.69 -1.19
CA GLN A 130 -11.32 -13.85 -0.78
C GLN A 130 -10.72 -14.46 0.49
N GLU A 131 -11.37 -14.36 1.55
ZN ZN B . -8.38 -4.09 8.00
N SER A 12 -14.49 -10.18 21.74
CA SER A 12 -14.68 -9.12 20.73
C SER A 12 -13.73 -7.96 21.00
N TYR A 13 -13.37 -7.24 19.95
CA TYR A 13 -12.47 -6.10 20.08
C TYR A 13 -13.16 -4.84 19.61
N ILE A 14 -12.87 -3.72 20.26
CA ILE A 14 -13.37 -2.45 19.82
C ILE A 14 -12.28 -1.68 19.10
N ASP A 15 -11.13 -1.54 19.72
CA ASP A 15 -10.04 -0.78 19.17
C ASP A 15 -9.26 -1.61 18.16
N GLY A 16 -9.31 -1.19 16.90
CA GLY A 16 -8.62 -1.92 15.85
C GLY A 16 -9.56 -2.80 15.05
N ASP A 17 -10.75 -3.04 15.60
CA ASP A 17 -11.73 -3.89 14.94
C ASP A 17 -12.98 -3.10 14.58
N GLN A 18 -13.33 -2.15 15.43
CA GLN A 18 -14.51 -1.31 15.20
C GLN A 18 -14.14 0.15 15.30
N ALA A 19 -13.64 0.53 16.46
CA ALA A 19 -13.24 1.89 16.74
C ALA A 19 -11.72 1.98 16.84
N GLY A 20 -11.20 3.19 17.03
CA GLY A 20 -9.77 3.37 17.15
C GLY A 20 -9.04 3.00 15.88
N GLN A 21 -9.55 3.46 14.75
CA GLN A 21 -8.95 3.17 13.46
C GLN A 21 -8.80 4.46 12.66
N LYS A 22 -8.72 4.31 11.34
CA LYS A 22 -8.58 5.44 10.42
C LYS A 22 -7.23 6.08 10.57
N ALA A 23 -6.38 5.73 9.64
CA ALA A 23 -4.98 6.10 9.65
C ALA A 23 -4.29 5.51 10.87
N GLU A 24 -4.26 4.18 10.91
CA GLU A 24 -3.68 3.42 12.03
C GLU A 24 -2.38 4.03 12.52
N ASN A 25 -2.32 4.35 13.79
CA ASN A 25 -1.14 4.97 14.39
C ASN A 25 -0.05 3.93 14.60
N LEU A 26 -0.46 2.73 15.01
CA LEU A 26 0.45 1.64 15.23
C LEU A 26 0.83 0.98 13.91
N THR A 27 1.62 -0.08 13.98
CA THR A 27 2.17 -0.70 12.78
C THR A 27 1.14 -1.61 12.11
N PRO A 28 1.30 -1.82 10.79
CA PRO A 28 0.40 -2.69 10.00
C PRO A 28 0.30 -4.11 10.55
N ASP A 29 1.38 -4.59 11.16
CA ASP A 29 1.42 -5.93 11.72
C ASP A 29 0.50 -6.01 12.92
N GLU A 30 0.62 -5.01 13.78
CA GLU A 30 -0.24 -4.88 14.93
C GLU A 30 -1.68 -4.83 14.49
N VAL A 31 -1.91 -4.10 13.41
CA VAL A 31 -3.23 -3.92 12.83
C VAL A 31 -3.88 -5.26 12.48
N SER A 32 -3.27 -5.96 11.55
CA SER A 32 -3.90 -7.12 10.92
C SER A 32 -4.15 -8.23 11.93
N LYS A 33 -3.17 -8.49 12.79
CA LYS A 33 -3.28 -9.56 13.76
C LYS A 33 -4.38 -9.27 14.78
N ARG A 34 -4.60 -7.99 15.04
CA ARG A 34 -5.62 -7.57 15.99
C ARG A 34 -7.02 -7.63 15.39
N GLU A 35 -7.19 -7.03 14.20
CA GLU A 35 -8.51 -6.99 13.55
C GLU A 35 -9.06 -8.38 13.32
N GLY A 36 -8.21 -9.30 12.91
CA GLY A 36 -8.65 -10.66 12.68
C GLY A 36 -8.12 -11.22 11.39
N ILE A 37 -8.48 -10.58 10.28
CA ILE A 37 -8.02 -11.01 8.96
C ILE A 37 -6.51 -10.87 8.87
N ASN A 38 -5.87 -11.95 8.46
CA ASN A 38 -4.42 -11.95 8.31
C ASN A 38 -4.04 -11.82 6.84
N ALA A 39 -5.01 -11.41 6.02
CA ALA A 39 -4.80 -11.25 4.60
C ALA A 39 -3.73 -10.20 4.31
N GLU A 40 -3.09 -10.32 3.15
CA GLU A 40 -2.01 -9.42 2.77
C GLU A 40 -2.54 -8.02 2.55
N GLN A 41 -1.82 -7.04 3.09
CA GLN A 41 -2.24 -5.66 3.02
C GLN A 41 -1.92 -5.06 1.67
N ILE A 42 -2.95 -4.88 0.86
CA ILE A 42 -2.79 -4.40 -0.50
C ILE A 42 -3.10 -2.91 -0.58
N VAL A 43 -2.06 -2.10 -0.56
CA VAL A 43 -2.20 -0.65 -0.62
C VAL A 43 -2.74 -0.22 -1.99
N ILE A 44 -3.99 0.19 -2.01
CA ILE A 44 -4.64 0.61 -3.24
C ILE A 44 -4.46 2.10 -3.47
N LYS A 45 -4.25 2.83 -2.39
CA LYS A 45 -4.04 4.25 -2.47
C LYS A 45 -2.93 4.68 -1.53
N ILE A 46 -2.10 5.62 -1.97
CA ILE A 46 -1.00 6.10 -1.16
C ILE A 46 -1.11 7.61 -1.02
N THR A 47 -0.74 8.11 0.15
CA THR A 47 -0.81 9.53 0.43
C THR A 47 0.45 9.97 1.20
N ASP A 48 0.50 11.23 1.62
CA ASP A 48 1.67 11.72 2.34
C ASP A 48 1.66 11.23 3.78
N GLN A 49 0.47 11.16 4.37
CA GLN A 49 0.34 10.78 5.77
C GLN A 49 0.45 9.27 5.93
N GLY A 50 0.08 8.55 4.89
CA GLY A 50 0.11 7.10 4.93
C GLY A 50 -0.45 6.50 3.67
N TYR A 51 -1.25 5.46 3.83
CA TYR A 51 -1.85 4.81 2.68
C TYR A 51 -3.19 4.20 3.04
N VAL A 52 -3.87 3.71 2.04
CA VAL A 52 -5.09 2.96 2.26
C VAL A 52 -4.97 1.61 1.58
N THR A 53 -5.20 0.56 2.32
CA THR A 53 -5.10 -0.78 1.77
C THR A 53 -6.48 -1.35 1.52
N SER A 54 -6.55 -2.28 0.60
CA SER A 54 -7.75 -3.06 0.43
C SER A 54 -7.39 -4.50 0.74
N HIS A 55 -7.52 -4.87 2.00
CA HIS A 55 -7.08 -6.19 2.42
C HIS A 55 -8.20 -6.95 3.08
N GLY A 56 -8.12 -8.27 3.00
CA GLY A 56 -9.16 -9.10 3.56
C GLY A 56 -10.45 -8.96 2.81
N ASP A 57 -11.30 -8.07 3.29
CA ASP A 57 -12.60 -7.83 2.67
C ASP A 57 -12.88 -6.33 2.52
N HIS A 58 -12.05 -5.49 3.13
CA HIS A 58 -12.38 -4.08 3.27
C HIS A 58 -11.23 -3.15 2.88
N TYR A 59 -11.51 -1.86 3.01
CA TYR A 59 -10.48 -0.85 2.85
C TYR A 59 -10.02 -0.41 4.22
N HIS A 60 -8.71 -0.39 4.41
CA HIS A 60 -8.16 -0.07 5.70
C HIS A 60 -7.11 1.04 5.55
N TYR A 61 -7.34 2.17 6.23
CA TYR A 61 -6.50 3.35 6.11
C TYR A 61 -5.41 3.34 7.19
N TYR A 62 -4.16 3.48 6.81
CA TYR A 62 -3.06 3.44 7.78
C TYR A 62 -2.26 4.73 7.76
N ASN A 63 -1.58 5.00 8.86
CA ASN A 63 -0.68 6.14 8.97
C ASN A 63 0.75 5.63 9.00
N GLY A 64 1.67 6.41 8.48
CA GLY A 64 3.07 6.01 8.47
C GLY A 64 3.53 5.55 7.11
N LYS A 65 4.61 4.79 7.09
CA LYS A 65 5.20 4.30 5.84
C LYS A 65 4.65 2.92 5.49
N VAL A 66 4.89 2.53 4.24
CA VAL A 66 4.50 1.22 3.74
C VAL A 66 5.52 0.19 4.20
N PRO A 67 5.07 -0.94 4.77
CA PRO A 67 5.97 -1.99 5.21
C PRO A 67 6.73 -2.63 4.06
N TYR A 68 7.89 -3.19 4.36
CA TYR A 68 8.77 -3.72 3.32
C TYR A 68 8.04 -4.72 2.43
N ASP A 69 7.29 -5.63 3.06
CA ASP A 69 6.67 -6.72 2.32
C ASP A 69 5.21 -6.42 1.99
N ALA A 70 4.81 -5.16 2.10
CA ALA A 70 3.44 -4.75 1.79
C ALA A 70 3.12 -4.96 0.32
N ILE A 71 1.87 -5.28 0.07
CA ILE A 71 1.39 -5.50 -1.27
C ILE A 71 0.68 -4.24 -1.76
N ILE A 72 0.80 -3.95 -3.04
CA ILE A 72 0.25 -2.74 -3.61
C ILE A 72 -0.80 -3.08 -4.68
N SER A 73 -1.66 -2.12 -4.99
CA SER A 73 -2.57 -2.24 -6.10
C SER A 73 -1.85 -1.90 -7.40
N GLU A 74 -2.19 -2.64 -8.44
CA GLU A 74 -1.58 -2.50 -9.76
C GLU A 74 -1.79 -1.10 -10.34
N GLU A 75 -2.71 -0.35 -9.75
CA GLU A 75 -2.99 1.02 -10.17
C GLU A 75 -1.79 1.93 -9.94
N LEU A 76 -1.05 1.65 -8.88
CA LEU A 76 -0.04 2.57 -8.39
C LEU A 76 1.35 2.26 -8.92
N LEU A 77 1.46 1.27 -9.79
CA LEU A 77 2.76 0.85 -10.25
C LEU A 77 3.44 1.88 -11.12
N MET A 78 4.74 1.95 -10.95
CA MET A 78 5.60 2.72 -11.83
C MET A 78 6.48 1.79 -12.65
N LYS A 79 6.21 1.72 -13.92
CA LYS A 79 7.12 1.08 -14.85
C LYS A 79 7.24 1.95 -16.08
N ASP A 80 8.32 2.71 -16.13
CA ASP A 80 8.57 3.63 -17.22
C ASP A 80 9.90 3.32 -17.87
N PRO A 81 9.96 3.33 -19.21
CA PRO A 81 11.20 3.07 -19.94
C PRO A 81 12.15 4.27 -19.91
N ASN A 82 11.63 5.42 -19.54
CA ASN A 82 12.44 6.63 -19.48
C ASN A 82 12.66 7.08 -18.04
N TYR A 83 11.82 6.61 -17.12
CA TYR A 83 11.93 7.03 -15.72
C TYR A 83 12.85 6.11 -14.95
N GLN A 84 13.81 6.71 -14.28
CA GLN A 84 14.72 6.00 -13.41
C GLN A 84 14.54 6.48 -11.98
N LEU A 85 14.52 5.53 -11.05
CA LEU A 85 14.29 5.79 -9.65
C LEU A 85 15.31 6.79 -9.11
N LYS A 86 14.83 7.79 -8.40
CA LYS A 86 15.68 8.82 -7.85
C LYS A 86 15.45 8.95 -6.35
N ASP A 87 16.50 9.29 -5.63
CA ASP A 87 16.48 9.37 -4.18
C ASP A 87 15.50 10.42 -3.69
N SER A 88 15.08 11.29 -4.58
CA SER A 88 14.20 12.40 -4.24
C SER A 88 12.73 11.98 -4.24
N ASP A 89 12.38 10.99 -5.06
CA ASP A 89 11.00 10.52 -5.11
C ASP A 89 10.78 9.42 -4.10
N ILE A 90 11.86 8.71 -3.80
CA ILE A 90 11.83 7.67 -2.78
C ILE A 90 11.43 8.24 -1.43
N VAL A 91 10.24 7.91 -0.99
CA VAL A 91 9.82 8.21 0.36
C VAL A 91 10.11 7.03 1.24
N ASN A 92 10.02 5.84 0.65
CA ASN A 92 10.29 4.59 1.35
C ASN A 92 10.53 3.47 0.33
N GLU A 93 11.07 2.36 0.80
CA GLU A 93 11.39 1.23 -0.05
C GLU A 93 10.64 -0.02 0.39
N ILE A 94 10.12 -0.75 -0.57
CA ILE A 94 9.48 -2.02 -0.30
C ILE A 94 10.21 -3.13 -1.04
N LYS A 95 9.72 -4.33 -0.96
CA LYS A 95 10.42 -5.47 -1.53
C LYS A 95 10.43 -5.41 -3.05
N GLY A 96 11.61 -5.23 -3.60
CA GLY A 96 11.79 -5.17 -5.04
C GLY A 96 11.38 -3.83 -5.64
N GLY A 97 10.39 -3.20 -5.02
CA GLY A 97 9.88 -1.94 -5.51
C GLY A 97 10.11 -0.80 -4.54
N TYR A 98 9.86 0.40 -4.99
CA TYR A 98 9.96 1.57 -4.15
C TYR A 98 8.65 2.32 -4.15
N VAL A 99 8.10 2.53 -2.96
CA VAL A 99 6.95 3.40 -2.83
C VAL A 99 7.44 4.84 -2.91
N ILE A 100 7.10 5.50 -4.00
CA ILE A 100 7.72 6.75 -4.37
C ILE A 100 6.69 7.82 -4.65
N LYS A 101 7.09 9.06 -4.44
CA LYS A 101 6.24 10.19 -4.77
C LYS A 101 6.92 11.04 -5.84
N VAL A 102 6.44 10.91 -7.06
CA VAL A 102 6.99 11.63 -8.19
C VAL A 102 5.89 12.46 -8.84
N ASP A 103 6.22 13.68 -9.25
CA ASP A 103 5.28 14.57 -9.92
C ASP A 103 4.02 14.78 -9.07
N GLY A 104 4.22 14.74 -7.76
CA GLY A 104 3.11 14.97 -6.84
C GLY A 104 2.20 13.77 -6.70
N LYS A 105 2.66 12.61 -7.16
CA LYS A 105 1.87 11.39 -7.10
C LYS A 105 2.69 10.24 -6.57
N TYR A 106 2.02 9.34 -5.89
CA TYR A 106 2.67 8.18 -5.33
C TYR A 106 2.59 6.99 -6.28
N TYR A 107 3.71 6.32 -6.43
CA TYR A 107 3.80 5.14 -7.27
C TYR A 107 4.56 4.05 -6.53
N VAL A 108 4.60 2.89 -7.15
CA VAL A 108 5.42 1.80 -6.67
C VAL A 108 6.34 1.32 -7.78
N TYR A 109 7.58 1.72 -7.67
CA TYR A 109 8.62 1.47 -8.66
C TYR A 109 9.22 0.10 -8.53
N LEU A 110 8.98 -0.76 -9.50
CA LEU A 110 9.65 -2.02 -9.50
C LEU A 110 10.96 -1.98 -10.26
N LYS A 111 11.97 -2.62 -9.70
CA LYS A 111 13.27 -2.74 -10.36
C LYS A 111 13.32 -3.99 -11.24
N ASP A 112 12.43 -4.93 -10.97
CA ASP A 112 12.43 -6.19 -11.69
C ASP A 112 11.06 -6.82 -11.63
N ALA A 113 10.30 -6.65 -12.70
CA ALA A 113 8.92 -7.10 -12.75
C ALA A 113 8.81 -8.62 -12.60
N ALA A 114 9.91 -9.32 -12.86
CA ALA A 114 9.93 -10.77 -12.77
C ALA A 114 9.87 -11.21 -11.31
N HIS A 115 10.44 -10.39 -10.43
CA HIS A 115 10.44 -10.66 -9.00
C HIS A 115 9.11 -10.23 -8.40
N ALA A 116 8.29 -9.66 -9.27
CA ALA A 116 6.98 -9.12 -8.92
C ALA A 116 7.06 -7.86 -8.08
N ASP A 117 5.98 -7.11 -8.15
CA ASP A 117 5.91 -5.78 -7.59
C ASP A 117 5.05 -5.76 -6.35
N ASN A 118 4.86 -6.95 -5.75
CA ASN A 118 3.96 -7.09 -4.63
C ASN A 118 2.59 -6.60 -5.08
N ILE A 119 2.15 -7.06 -6.23
CA ILE A 119 0.92 -6.53 -6.79
C ILE A 119 -0.17 -7.55 -6.85
N ARG A 120 -1.33 -7.13 -6.38
CA ARG A 120 -2.57 -7.80 -6.70
C ARG A 120 -3.31 -6.91 -7.66
N THR A 121 -3.61 -7.42 -8.84
CA THR A 121 -4.29 -6.62 -9.84
C THR A 121 -5.66 -6.23 -9.34
N LYS A 122 -6.27 -5.20 -9.89
CA LYS A 122 -7.59 -4.81 -9.46
C LYS A 122 -8.57 -5.94 -9.70
N GLU A 123 -8.19 -6.81 -10.62
CA GLU A 123 -8.95 -8.01 -10.90
C GLU A 123 -8.65 -9.10 -9.87
N GLU A 124 -7.37 -9.26 -9.52
CA GLU A 124 -6.99 -10.24 -8.52
C GLU A 124 -7.43 -9.80 -7.14
N ILE A 125 -7.39 -8.50 -6.90
CA ILE A 125 -7.79 -7.95 -5.62
C ILE A 125 -9.15 -8.50 -5.23
N LYS A 126 -10.13 -8.30 -6.10
CA LYS A 126 -11.50 -8.77 -5.84
C LYS A 126 -11.49 -10.27 -5.52
N ARG A 127 -10.62 -10.99 -6.19
CA ARG A 127 -10.45 -12.43 -5.96
C ARG A 127 -9.81 -12.67 -4.58
N GLN A 128 -8.89 -11.79 -4.23
CA GLN A 128 -8.18 -11.86 -2.96
C GLN A 128 -9.06 -11.36 -1.81
N LYS A 129 -10.15 -10.66 -2.16
CA LYS A 129 -11.06 -10.06 -1.19
C LYS A 129 -12.16 -11.03 -0.79
N GLN A 130 -12.14 -12.22 -1.38
CA GLN A 130 -13.12 -13.24 -1.07
C GLN A 130 -12.88 -13.79 0.33
N GLU A 131 -12.00 -14.66 0.49
ZN ZN B . -8.26 -4.30 7.97
N SER A 12 1.78 6.92 12.32
CA SER A 12 2.92 7.47 13.09
C SER A 12 2.64 8.91 13.53
N TYR A 13 2.38 9.07 14.83
CA TYR A 13 2.18 10.37 15.43
C TYR A 13 0.98 11.10 14.83
N ILE A 14 -0.17 10.45 14.83
CA ILE A 14 -1.40 11.10 14.38
C ILE A 14 -2.32 11.37 15.57
N ASP A 15 -2.37 10.42 16.50
CA ASP A 15 -3.22 10.57 17.67
C ASP A 15 -2.49 11.35 18.76
N GLY A 16 -3.24 12.14 19.50
CA GLY A 16 -2.65 13.00 20.49
C GLY A 16 -2.88 14.45 20.16
N ASP A 17 -3.10 14.71 18.88
CA ASP A 17 -3.23 16.06 18.40
C ASP A 17 -4.61 16.27 17.79
N GLN A 18 -4.83 15.67 16.62
CA GLN A 18 -6.14 15.68 15.99
C GLN A 18 -6.58 14.25 15.70
N ALA A 19 -5.95 13.65 14.68
CA ALA A 19 -6.21 12.26 14.28
C ALA A 19 -7.66 12.02 13.88
N GLY A 20 -7.97 10.77 13.62
CA GLY A 20 -9.30 10.38 13.22
C GLY A 20 -9.41 8.88 13.09
N GLN A 21 -10.52 8.40 12.60
CA GLN A 21 -10.73 6.96 12.45
C GLN A 21 -10.04 6.45 11.20
N LYS A 22 -9.53 5.24 11.28
CA LYS A 22 -8.84 4.57 10.18
C LYS A 22 -7.56 5.32 9.81
N ALA A 23 -6.49 4.87 10.42
CA ALA A 23 -5.14 5.39 10.23
C ALA A 23 -4.22 4.70 11.22
N GLU A 24 -4.20 3.37 11.11
CA GLU A 24 -3.50 2.48 12.04
C GLU A 24 -2.17 3.04 12.54
N ASN A 25 -2.08 3.16 13.86
CA ASN A 25 -0.82 3.48 14.51
C ASN A 25 -0.07 2.19 14.78
N LEU A 26 -0.81 1.09 14.81
CA LEU A 26 -0.27 -0.22 15.10
C LEU A 26 0.49 -0.77 13.89
N THR A 27 1.19 -1.86 14.11
CA THR A 27 1.97 -2.51 13.06
C THR A 27 1.11 -3.49 12.27
N PRO A 28 1.43 -3.72 10.98
CA PRO A 28 0.56 -4.46 10.03
C PRO A 28 0.06 -5.80 10.57
N ASP A 29 0.94 -6.54 11.24
CA ASP A 29 0.58 -7.84 11.80
C ASP A 29 -0.43 -7.64 12.90
N GLU A 30 -0.05 -6.79 13.84
CA GLU A 30 -0.88 -6.43 14.97
C GLU A 30 -2.24 -5.96 14.50
N VAL A 31 -2.25 -5.28 13.37
CA VAL A 31 -3.48 -4.77 12.79
C VAL A 31 -4.37 -5.91 12.30
N SER A 32 -3.86 -6.69 11.35
CA SER A 32 -4.67 -7.68 10.66
C SER A 32 -5.07 -8.83 11.59
N LYS A 33 -4.21 -9.14 12.55
CA LYS A 33 -4.46 -10.22 13.48
C LYS A 33 -5.55 -9.86 14.47
N ARG A 34 -5.58 -8.60 14.90
CA ARG A 34 -6.59 -8.13 15.83
C ARG A 34 -7.97 -8.07 15.19
N GLU A 35 -8.03 -7.59 13.96
CA GLU A 35 -9.28 -7.50 13.22
C GLU A 35 -9.77 -8.89 12.82
N GLY A 36 -8.83 -9.78 12.51
CA GLY A 36 -9.19 -11.18 12.31
C GLY A 36 -8.95 -11.70 10.91
N ILE A 37 -8.84 -10.81 9.93
CA ILE A 37 -8.65 -11.26 8.55
C ILE A 37 -7.25 -11.84 8.32
N ASN A 38 -6.24 -11.19 8.90
CA ASN A 38 -4.85 -11.66 8.84
C ASN A 38 -4.26 -11.54 7.43
N ALA A 39 -5.11 -11.19 6.47
CA ALA A 39 -4.71 -11.10 5.07
C ALA A 39 -3.65 -10.03 4.84
N GLU A 40 -2.97 -10.12 3.70
CA GLU A 40 -1.94 -9.18 3.33
C GLU A 40 -2.51 -7.80 3.05
N GLN A 41 -1.77 -6.77 3.42
CA GLN A 41 -2.18 -5.41 3.16
C GLN A 41 -1.86 -5.01 1.73
N ILE A 42 -2.88 -4.80 0.93
CA ILE A 42 -2.68 -4.40 -0.46
C ILE A 42 -2.97 -2.91 -0.62
N VAL A 43 -1.92 -2.10 -0.62
CA VAL A 43 -2.05 -0.65 -0.65
C VAL A 43 -2.66 -0.19 -1.98
N ILE A 44 -3.88 0.34 -1.91
CA ILE A 44 -4.59 0.84 -3.08
C ILE A 44 -4.43 2.35 -3.20
N LYS A 45 -4.27 3.02 -2.08
CA LYS A 45 -3.95 4.45 -2.08
C LYS A 45 -2.66 4.68 -1.31
N ILE A 46 -1.82 5.53 -1.86
CA ILE A 46 -0.57 5.87 -1.21
C ILE A 46 -0.49 7.37 -0.97
N THR A 47 0.06 7.76 0.16
CA THR A 47 0.42 9.13 0.41
C THR A 47 1.73 9.14 1.19
N ASP A 48 2.28 10.30 1.46
CA ASP A 48 3.56 10.38 2.17
C ASP A 48 3.35 10.19 3.66
N GLN A 49 2.14 10.47 4.11
CA GLN A 49 1.81 10.41 5.53
C GLN A 49 1.10 9.10 5.88
N GLY A 50 0.78 8.30 4.88
CA GLY A 50 0.09 7.05 5.12
C GLY A 50 -0.38 6.40 3.83
N TYR A 51 -1.24 5.41 3.97
CA TYR A 51 -1.81 4.74 2.81
C TYR A 51 -3.16 4.15 3.15
N VAL A 52 -3.77 3.53 2.18
CA VAL A 52 -4.94 2.75 2.43
C VAL A 52 -4.84 1.43 1.68
N THR A 53 -5.14 0.33 2.35
CA THR A 53 -5.00 -0.98 1.75
C THR A 53 -6.35 -1.63 1.52
N SER A 54 -6.50 -2.27 0.38
CA SER A 54 -7.62 -3.17 0.15
C SER A 54 -7.18 -4.55 0.58
N HIS A 55 -7.40 -4.85 1.84
CA HIS A 55 -6.85 -6.05 2.42
C HIS A 55 -7.96 -6.85 3.08
N GLY A 56 -7.78 -8.17 3.14
CA GLY A 56 -8.78 -9.02 3.74
C GLY A 56 -10.07 -9.04 2.94
N ASP A 57 -11.00 -8.17 3.31
CA ASP A 57 -12.29 -8.09 2.64
C ASP A 57 -12.66 -6.63 2.34
N HIS A 58 -11.86 -5.70 2.85
CA HIS A 58 -12.25 -4.30 2.87
C HIS A 58 -11.08 -3.36 2.60
N TYR A 59 -11.39 -2.08 2.62
CA TYR A 59 -10.37 -1.05 2.56
C TYR A 59 -10.05 -0.60 3.97
N HIS A 60 -8.79 -0.60 4.30
CA HIS A 60 -8.36 -0.24 5.64
C HIS A 60 -7.32 0.87 5.55
N TYR A 61 -7.56 1.94 6.28
CA TYR A 61 -6.71 3.12 6.23
C TYR A 61 -5.64 3.03 7.30
N TYR A 62 -4.39 3.22 6.92
CA TYR A 62 -3.28 3.19 7.87
C TYR A 62 -2.52 4.51 7.80
N ASN A 63 -1.70 4.76 8.80
CA ASN A 63 -0.87 5.96 8.81
C ASN A 63 0.61 5.55 8.84
N GLY A 64 1.47 6.43 8.35
CA GLY A 64 2.88 6.13 8.30
C GLY A 64 3.31 5.63 6.93
N LYS A 65 4.51 5.10 6.83
CA LYS A 65 5.01 4.60 5.57
C LYS A 65 4.51 3.19 5.31
N VAL A 66 4.67 2.75 4.09
CA VAL A 66 4.33 1.38 3.71
C VAL A 66 5.43 0.45 4.20
N PRO A 67 5.08 -0.66 4.86
CA PRO A 67 6.07 -1.61 5.32
C PRO A 67 6.69 -2.36 4.16
N TYR A 68 7.92 -2.79 4.36
CA TYR A 68 8.77 -3.34 3.31
C TYR A 68 8.12 -4.56 2.68
N ASP A 69 7.33 -5.29 3.45
CA ASP A 69 6.75 -6.53 2.96
C ASP A 69 5.26 -6.36 2.62
N ALA A 70 4.79 -5.10 2.56
CA ALA A 70 3.40 -4.84 2.16
C ALA A 70 3.19 -5.15 0.70
N ILE A 71 1.92 -5.33 0.34
CA ILE A 71 1.53 -5.61 -1.03
C ILE A 71 0.88 -4.37 -1.65
N ILE A 72 1.11 -4.13 -2.94
CA ILE A 72 0.58 -2.94 -3.59
C ILE A 72 -0.40 -3.29 -4.71
N SER A 73 -1.34 -2.38 -4.94
CA SER A 73 -2.24 -2.47 -6.07
C SER A 73 -1.51 -2.09 -7.36
N GLU A 74 -1.84 -2.79 -8.43
CA GLU A 74 -1.22 -2.58 -9.73
C GLU A 74 -1.48 -1.16 -10.24
N GLU A 75 -2.57 -0.57 -9.77
CA GLU A 75 -2.97 0.78 -10.15
C GLU A 75 -1.85 1.78 -9.88
N LEU A 76 -1.15 1.56 -8.78
CA LEU A 76 -0.19 2.53 -8.28
C LEU A 76 1.21 2.30 -8.86
N LEU A 77 1.35 1.27 -9.69
CA LEU A 77 2.65 0.94 -10.25
C LEU A 77 3.25 2.09 -11.04
N MET A 78 4.56 2.18 -10.96
CA MET A 78 5.31 3.15 -11.73
C MET A 78 6.02 2.48 -12.88
N LYS A 79 5.60 2.79 -14.08
CA LYS A 79 6.38 2.46 -15.26
C LYS A 79 6.38 3.66 -16.19
N ASP A 80 7.49 4.37 -16.20
CA ASP A 80 7.62 5.54 -17.04
C ASP A 80 8.80 5.36 -17.98
N PRO A 81 8.62 5.64 -19.27
CA PRO A 81 9.67 5.45 -20.27
C PRO A 81 10.81 6.45 -20.12
N ASN A 82 10.56 7.53 -19.40
CA ASN A 82 11.57 8.56 -19.20
C ASN A 82 12.05 8.58 -17.76
N TYR A 83 11.29 7.95 -16.85
CA TYR A 83 11.59 8.01 -15.43
C TYR A 83 12.38 6.80 -14.95
N GLN A 84 13.43 7.08 -14.20
CA GLN A 84 14.14 6.08 -13.45
C GLN A 84 14.02 6.41 -11.97
N LEU A 85 14.05 5.37 -11.15
CA LEU A 85 13.81 5.47 -9.72
C LEU A 85 14.68 6.55 -9.06
N LYS A 86 14.05 7.65 -8.65
CA LYS A 86 14.75 8.76 -8.03
C LYS A 86 14.84 8.58 -6.54
N ASP A 87 16.06 8.70 -6.02
CA ASP A 87 16.31 8.57 -4.59
C ASP A 87 15.60 9.65 -3.80
N SER A 88 15.36 10.79 -4.45
CA SER A 88 14.72 11.92 -3.81
C SER A 88 13.19 11.80 -3.89
N ASP A 89 12.70 10.95 -4.79
CA ASP A 89 11.26 10.78 -4.94
C ASP A 89 10.76 9.70 -4.00
N ILE A 90 11.67 8.81 -3.63
CA ILE A 90 11.37 7.69 -2.77
C ILE A 90 10.73 8.12 -1.45
N VAL A 91 9.48 7.73 -1.27
CA VAL A 91 8.80 7.90 0.00
C VAL A 91 9.29 6.83 0.96
N ASN A 92 9.43 5.63 0.41
CA ASN A 92 9.91 4.46 1.15
C ASN A 92 10.22 3.33 0.17
N GLU A 93 10.89 2.30 0.65
CA GLU A 93 11.22 1.16 -0.18
C GLU A 93 10.50 -0.10 0.31
N ILE A 94 9.93 -0.83 -0.63
CA ILE A 94 9.27 -2.07 -0.32
C ILE A 94 9.94 -3.20 -1.07
N LYS A 95 9.41 -4.39 -0.96
CA LYS A 95 10.05 -5.55 -1.54
C LYS A 95 9.83 -5.59 -3.05
N GLY A 96 10.93 -5.44 -3.77
CA GLY A 96 10.90 -5.45 -5.21
C GLY A 96 10.51 -4.11 -5.80
N GLY A 97 9.66 -3.39 -5.10
CA GLY A 97 9.25 -2.08 -5.56
C GLY A 97 9.65 -0.96 -4.62
N TYR A 98 9.37 0.27 -5.04
CA TYR A 98 9.58 1.43 -4.20
C TYR A 98 8.32 2.27 -4.16
N VAL A 99 7.79 2.49 -2.97
CA VAL A 99 6.70 3.43 -2.82
C VAL A 99 7.27 4.84 -2.91
N ILE A 100 6.93 5.52 -4.00
CA ILE A 100 7.60 6.75 -4.35
C ILE A 100 6.62 7.87 -4.62
N LYS A 101 7.11 9.09 -4.51
CA LYS A 101 6.34 10.27 -4.86
C LYS A 101 7.09 11.05 -5.91
N VAL A 102 6.61 10.98 -7.14
CA VAL A 102 7.26 11.64 -8.24
C VAL A 102 6.31 12.65 -8.86
N ASP A 103 6.84 13.83 -9.15
CA ASP A 103 6.07 14.90 -9.76
C ASP A 103 4.85 15.26 -8.89
N GLY A 104 4.95 14.91 -7.60
CA GLY A 104 3.87 15.17 -6.68
C GLY A 104 2.98 13.96 -6.43
N LYS A 105 2.97 13.01 -7.35
CA LYS A 105 2.10 11.86 -7.25
C LYS A 105 2.78 10.65 -6.65
N TYR A 106 1.95 9.77 -6.12
CA TYR A 106 2.39 8.57 -5.46
C TYR A 106 2.35 7.37 -6.38
N TYR A 107 3.44 6.63 -6.41
CA TYR A 107 3.56 5.44 -7.25
C TYR A 107 4.33 4.36 -6.52
N VAL A 108 4.41 3.21 -7.15
CA VAL A 108 5.27 2.13 -6.70
C VAL A 108 6.13 1.65 -7.85
N TYR A 109 7.41 1.91 -7.73
CA TYR A 109 8.38 1.54 -8.75
C TYR A 109 8.70 0.09 -8.63
N LEU A 110 8.31 -0.65 -9.63
CA LEU A 110 8.51 -2.08 -9.60
C LEU A 110 9.73 -2.47 -10.42
N LYS A 111 10.60 -3.25 -9.80
CA LYS A 111 11.79 -3.74 -10.46
C LYS A 111 11.50 -5.01 -11.25
N ASP A 112 10.33 -5.59 -11.01
CA ASP A 112 9.85 -6.74 -11.76
C ASP A 112 8.35 -6.66 -11.94
N ALA A 113 7.93 -5.92 -12.94
CA ALA A 113 6.51 -5.69 -13.19
C ALA A 113 5.87 -6.87 -13.91
N ALA A 114 6.71 -7.73 -14.48
CA ALA A 114 6.21 -8.81 -15.33
C ALA A 114 5.74 -10.01 -14.51
N HIS A 115 6.50 -10.38 -13.49
CA HIS A 115 6.23 -11.62 -12.76
C HIS A 115 5.60 -11.35 -11.41
N ALA A 116 5.18 -10.10 -11.22
CA ALA A 116 4.56 -9.65 -9.97
C ALA A 116 5.52 -9.69 -8.80
N ASP A 117 5.83 -8.53 -8.31
CA ASP A 117 6.68 -8.39 -7.15
C ASP A 117 5.90 -7.69 -6.04
N ASN A 118 4.84 -8.37 -5.58
CA ASN A 118 3.94 -7.89 -4.51
C ASN A 118 2.88 -6.96 -5.09
N ILE A 119 2.64 -7.10 -6.37
CA ILE A 119 1.61 -6.30 -7.01
C ILE A 119 0.42 -7.16 -7.40
N ARG A 120 -0.73 -6.82 -6.85
CA ARG A 120 -1.96 -7.52 -7.17
C ARG A 120 -2.79 -6.64 -8.10
N THR A 121 -3.21 -7.19 -9.21
CA THR A 121 -4.03 -6.47 -10.17
C THR A 121 -5.39 -6.16 -9.56
N LYS A 122 -6.07 -5.15 -10.07
CA LYS A 122 -7.39 -4.82 -9.57
C LYS A 122 -8.30 -6.03 -9.60
N GLU A 123 -8.23 -6.78 -10.70
CA GLU A 123 -8.97 -8.02 -10.84
C GLU A 123 -8.57 -9.01 -9.76
N GLU A 124 -7.28 -9.10 -9.51
CA GLU A 124 -6.75 -10.02 -8.52
C GLU A 124 -7.07 -9.55 -7.11
N ILE A 125 -7.04 -8.25 -6.90
CA ILE A 125 -7.31 -7.69 -5.59
C ILE A 125 -8.67 -8.15 -5.08
N LYS A 126 -9.64 -8.18 -5.97
CA LYS A 126 -10.97 -8.67 -5.61
C LYS A 126 -10.95 -10.18 -5.37
N ARG A 127 -9.99 -10.86 -5.99
CA ARG A 127 -9.76 -12.28 -5.75
C ARG A 127 -9.06 -12.47 -4.40
N GLN A 128 -8.13 -11.57 -4.13
CA GLN A 128 -7.33 -11.60 -2.93
C GLN A 128 -8.17 -11.20 -1.71
N LYS A 129 -9.28 -10.53 -1.97
CA LYS A 129 -10.18 -10.11 -0.91
C LYS A 129 -11.25 -11.17 -0.65
N GLN A 130 -11.20 -12.26 -1.40
CA GLN A 130 -12.09 -13.38 -1.17
C GLN A 130 -11.56 -14.25 -0.04
N GLU A 131 -10.65 -15.08 -0.30
ZN ZN B . -8.66 -4.36 7.89
N SER A 12 -6.70 11.76 1.00
CA SER A 12 -5.91 12.36 2.10
C SER A 12 -6.63 12.20 3.44
N TYR A 13 -7.65 13.02 3.62
CA TYR A 13 -8.43 13.02 4.86
C TYR A 13 -9.81 13.60 4.59
N ILE A 14 -10.72 13.42 5.54
CA ILE A 14 -12.08 13.89 5.39
C ILE A 14 -12.21 15.35 5.84
N ASP A 15 -11.87 16.24 4.90
CA ASP A 15 -12.03 17.70 5.08
C ASP A 15 -11.02 18.28 6.06
N GLY A 16 -10.41 17.42 6.84
CA GLY A 16 -9.40 17.84 7.79
C GLY A 16 -9.93 17.91 9.20
N ASP A 17 -11.24 18.08 9.34
CA ASP A 17 -11.87 18.17 10.65
C ASP A 17 -12.37 16.82 11.10
N GLN A 18 -12.85 16.03 10.16
CA GLN A 18 -13.36 14.70 10.46
C GLN A 18 -12.23 13.67 10.41
N ALA A 19 -11.01 14.15 10.60
CA ALA A 19 -9.84 13.29 10.61
C ALA A 19 -9.48 12.91 12.03
N GLY A 20 -8.99 11.69 12.20
CA GLY A 20 -8.64 11.21 13.52
C GLY A 20 -8.76 9.70 13.60
N GLN A 21 -9.92 9.20 13.22
CA GLN A 21 -10.14 7.75 13.17
C GLN A 21 -9.38 7.14 12.00
N LYS A 22 -9.17 5.83 12.07
CA LYS A 22 -8.41 5.09 11.06
C LYS A 22 -6.96 5.51 11.06
N ALA A 23 -6.22 4.96 10.12
CA ALA A 23 -4.79 5.20 9.96
C ALA A 23 -4.00 4.55 11.09
N GLU A 24 -3.95 3.21 11.03
CA GLU A 24 -3.23 2.38 11.99
C GLU A 24 -1.86 2.94 12.32
N ASN A 25 -1.61 3.14 13.61
CA ASN A 25 -0.29 3.50 14.08
C ASN A 25 0.46 2.25 14.52
N LEU A 26 -0.30 1.18 14.77
CA LEU A 26 0.27 -0.11 15.09
C LEU A 26 1.00 -0.70 13.88
N THR A 27 1.86 -1.67 14.13
CA THR A 27 2.62 -2.32 13.09
C THR A 27 1.70 -3.19 12.23
N PRO A 28 1.99 -3.27 10.91
CA PRO A 28 1.07 -3.82 9.90
C PRO A 28 0.64 -5.26 10.17
N ASP A 29 1.51 -6.05 10.79
CA ASP A 29 1.16 -7.44 11.11
C ASP A 29 0.15 -7.44 12.24
N GLU A 30 0.49 -6.68 13.27
CA GLU A 30 -0.36 -6.47 14.42
C GLU A 30 -1.75 -6.00 14.00
N VAL A 31 -1.80 -5.22 12.93
CA VAL A 31 -3.07 -4.70 12.40
C VAL A 31 -4.01 -5.85 12.07
N SER A 32 -3.60 -6.67 11.12
CA SER A 32 -4.40 -7.72 10.60
C SER A 32 -4.74 -8.77 11.65
N LYS A 33 -3.71 -9.34 12.23
CA LYS A 33 -3.84 -10.39 13.23
C LYS A 33 -4.82 -10.01 14.35
N ARG A 34 -4.81 -8.73 14.74
CA ARG A 34 -5.65 -8.28 15.85
C ARG A 34 -7.08 -7.95 15.39
N GLU A 35 -7.27 -7.71 14.11
CA GLU A 35 -8.60 -7.36 13.60
C GLU A 35 -9.34 -8.60 13.11
N GLY A 36 -8.59 -9.64 12.80
CA GLY A 36 -9.21 -10.89 12.41
C GLY A 36 -8.71 -11.39 11.07
N ILE A 37 -8.86 -10.58 10.04
CA ILE A 37 -8.43 -10.95 8.70
C ILE A 37 -6.92 -10.91 8.59
N ASN A 38 -6.35 -11.95 8.03
CA ASN A 38 -4.91 -12.02 7.83
C ASN A 38 -4.57 -11.95 6.35
N ALA A 39 -5.55 -11.49 5.57
CA ALA A 39 -5.38 -11.35 4.13
C ALA A 39 -4.30 -10.31 3.80
N GLU A 40 -3.76 -10.40 2.59
CA GLU A 40 -2.66 -9.55 2.18
C GLU A 40 -3.10 -8.10 2.06
N GLN A 41 -2.31 -7.22 2.64
CA GLN A 41 -2.60 -5.80 2.67
C GLN A 41 -2.21 -5.14 1.36
N ILE A 42 -3.17 -5.04 0.45
CA ILE A 42 -2.93 -4.48 -0.88
C ILE A 42 -3.16 -2.97 -0.86
N VAL A 43 -2.06 -2.21 -0.78
CA VAL A 43 -2.15 -0.76 -0.81
C VAL A 43 -2.72 -0.29 -2.15
N ILE A 44 -3.95 0.21 -2.12
CA ILE A 44 -4.63 0.67 -3.33
C ILE A 44 -4.50 2.17 -3.48
N LYS A 45 -4.23 2.84 -2.36
CA LYS A 45 -4.02 4.29 -2.37
C LYS A 45 -2.90 4.65 -1.39
N ILE A 46 -2.12 5.67 -1.75
CA ILE A 46 -1.03 6.12 -0.89
C ILE A 46 -1.16 7.63 -0.68
N THR A 47 -0.85 8.09 0.52
CA THR A 47 -0.81 9.51 0.82
C THR A 47 0.32 9.79 1.78
N ASP A 48 0.46 11.02 2.23
CA ASP A 48 1.43 11.35 3.26
C ASP A 48 0.84 11.08 4.64
N GLN A 49 -0.42 10.65 4.68
CA GLN A 49 -1.04 10.19 5.92
C GLN A 49 -0.84 8.69 6.08
N GLY A 50 -0.16 8.09 5.11
CA GLY A 50 0.03 6.66 5.12
C GLY A 50 -0.45 6.03 3.83
N TYR A 51 -1.24 5.00 3.95
CA TYR A 51 -1.82 4.36 2.79
C TYR A 51 -3.15 3.73 3.13
N VAL A 52 -3.84 3.28 2.12
CA VAL A 52 -5.08 2.57 2.31
C VAL A 52 -5.00 1.24 1.58
N THR A 53 -5.13 0.15 2.31
CA THR A 53 -5.02 -1.18 1.72
C THR A 53 -6.38 -1.81 1.55
N SER A 54 -6.60 -2.41 0.39
CA SER A 54 -7.77 -3.21 0.17
C SER A 54 -7.46 -4.63 0.58
N HIS A 55 -7.69 -4.96 1.85
CA HIS A 55 -7.30 -6.26 2.35
C HIS A 55 -8.47 -6.97 3.01
N GLY A 56 -8.44 -8.30 2.94
CA GLY A 56 -9.51 -9.09 3.50
C GLY A 56 -10.79 -8.95 2.72
N ASP A 57 -11.59 -7.99 3.12
CA ASP A 57 -12.87 -7.70 2.47
C ASP A 57 -13.01 -6.21 2.20
N HIS A 58 -12.32 -5.41 2.99
CA HIS A 58 -12.59 -3.99 3.05
C HIS A 58 -11.36 -3.16 2.70
N TYR A 59 -11.54 -1.85 2.70
CA TYR A 59 -10.43 -0.93 2.57
C TYR A 59 -10.03 -0.48 3.96
N HIS A 60 -8.75 -0.57 4.25
CA HIS A 60 -8.26 -0.24 5.57
C HIS A 60 -7.20 0.83 5.48
N TYR A 61 -7.40 1.92 6.22
CA TYR A 61 -6.51 3.06 6.18
C TYR A 61 -5.43 2.93 7.26
N TYR A 62 -4.16 3.02 6.87
CA TYR A 62 -3.06 2.93 7.82
C TYR A 62 -2.29 4.26 7.84
N ASN A 63 -1.38 4.39 8.78
CA ASN A 63 -0.60 5.61 8.95
C ASN A 63 0.89 5.33 8.78
N GLY A 64 1.64 6.34 8.38
CA GLY A 64 3.09 6.21 8.29
C GLY A 64 3.56 5.77 6.92
N LYS A 65 4.71 5.12 6.91
CA LYS A 65 5.33 4.63 5.68
C LYS A 65 4.78 3.25 5.31
N VAL A 66 4.99 2.87 4.06
CA VAL A 66 4.66 1.54 3.60
C VAL A 66 5.74 0.57 4.09
N PRO A 67 5.35 -0.53 4.76
CA PRO A 67 6.32 -1.47 5.31
C PRO A 67 7.03 -2.24 4.22
N TYR A 68 8.21 -2.74 4.52
CA TYR A 68 9.06 -3.38 3.52
C TYR A 68 8.29 -4.45 2.75
N ASP A 69 7.49 -5.25 3.45
CA ASP A 69 6.85 -6.41 2.85
C ASP A 69 5.37 -6.15 2.50
N ALA A 70 4.99 -4.88 2.39
CA ALA A 70 3.61 -4.54 2.03
C ALA A 70 3.30 -4.88 0.57
N ILE A 71 2.03 -5.11 0.30
CA ILE A 71 1.56 -5.44 -1.04
C ILE A 71 0.91 -4.20 -1.67
N ILE A 72 1.09 -4.03 -2.97
CA ILE A 72 0.58 -2.86 -3.66
C ILE A 72 -0.41 -3.25 -4.76
N SER A 73 -1.32 -2.34 -5.06
CA SER A 73 -2.22 -2.47 -6.19
C SER A 73 -1.50 -2.06 -7.48
N GLU A 74 -1.89 -2.69 -8.58
CA GLU A 74 -1.29 -2.47 -9.88
C GLU A 74 -1.52 -1.04 -10.37
N GLU A 75 -2.43 -0.31 -9.71
CA GLU A 75 -2.70 1.07 -10.08
C GLU A 75 -1.64 2.01 -9.53
N LEU A 76 -0.97 1.59 -8.47
CA LEU A 76 -0.01 2.45 -7.80
C LEU A 76 1.41 2.17 -8.26
N LEU A 77 1.67 0.96 -8.71
CA LEU A 77 2.99 0.61 -9.15
C LEU A 77 3.39 1.46 -10.35
N MET A 78 4.67 1.75 -10.43
CA MET A 78 5.21 2.58 -11.47
C MET A 78 5.72 1.74 -12.62
N LYS A 79 4.87 1.54 -13.62
CA LYS A 79 5.34 0.96 -14.87
C LYS A 79 5.97 2.09 -15.67
N ASP A 80 7.29 2.06 -15.74
CA ASP A 80 8.05 3.18 -16.22
C ASP A 80 8.24 3.17 -17.73
N PRO A 81 7.60 4.10 -18.44
CA PRO A 81 7.86 4.29 -19.85
C PRO A 81 9.07 5.19 -20.08
N ASN A 82 9.06 6.35 -19.44
CA ASN A 82 10.19 7.26 -19.49
C ASN A 82 10.87 7.34 -18.14
N TYR A 83 10.18 6.85 -17.11
CA TYR A 83 10.60 7.09 -15.73
C TYR A 83 11.69 6.13 -15.29
N GLN A 84 12.56 6.63 -14.44
CA GLN A 84 13.54 5.81 -13.76
C GLN A 84 13.52 6.17 -12.28
N LEU A 85 13.84 5.21 -11.43
CA LEU A 85 13.69 5.37 -9.99
C LEU A 85 14.53 6.52 -9.46
N LYS A 86 13.86 7.63 -9.16
CA LYS A 86 14.54 8.82 -8.66
C LYS A 86 14.75 8.76 -7.16
N ASP A 87 15.99 8.96 -6.76
CA ASP A 87 16.35 8.91 -5.35
C ASP A 87 15.70 10.06 -4.59
N SER A 88 15.40 11.13 -5.30
CA SER A 88 14.75 12.28 -4.70
C SER A 88 13.25 12.03 -4.52
N ASP A 89 12.68 11.17 -5.37
CA ASP A 89 11.24 10.91 -5.30
C ASP A 89 10.94 9.82 -4.28
N ILE A 90 11.95 9.01 -4.02
CA ILE A 90 11.84 7.92 -3.05
C ILE A 90 11.54 8.43 -1.65
N VAL A 91 10.39 8.05 -1.12
CA VAL A 91 10.06 8.34 0.25
C VAL A 91 10.42 7.13 1.12
N ASN A 92 10.28 5.94 0.55
CA ASN A 92 10.59 4.69 1.25
C ASN A 92 10.79 3.56 0.26
N GLU A 93 11.37 2.47 0.72
CA GLU A 93 11.62 1.29 -0.10
C GLU A 93 10.89 0.09 0.45
N ILE A 94 10.29 -0.68 -0.45
CA ILE A 94 9.66 -1.93 -0.09
C ILE A 94 10.35 -3.06 -0.83
N LYS A 95 9.87 -4.27 -0.67
CA LYS A 95 10.53 -5.42 -1.25
C LYS A 95 10.36 -5.42 -2.76
N GLY A 96 11.46 -5.23 -3.45
CA GLY A 96 11.42 -5.21 -4.90
C GLY A 96 10.95 -3.89 -5.44
N GLY A 97 10.00 -3.27 -4.77
CA GLY A 97 9.50 -1.98 -5.23
C GLY A 97 9.91 -0.83 -4.36
N TYR A 98 9.70 0.38 -4.86
CA TYR A 98 9.95 1.58 -4.09
C TYR A 98 8.68 2.39 -4.00
N VAL A 99 8.21 2.65 -2.80
CA VAL A 99 7.10 3.53 -2.62
C VAL A 99 7.61 4.96 -2.72
N ILE A 100 7.24 5.62 -3.79
CA ILE A 100 7.86 6.86 -4.19
C ILE A 100 6.82 7.94 -4.42
N LYS A 101 7.23 9.18 -4.25
CA LYS A 101 6.36 10.28 -4.58
C LYS A 101 6.99 11.11 -5.69
N VAL A 102 6.46 10.95 -6.89
CA VAL A 102 6.99 11.63 -8.06
C VAL A 102 5.90 12.49 -8.67
N ASP A 103 6.27 13.71 -9.03
CA ASP A 103 5.37 14.63 -9.74
C ASP A 103 4.12 14.93 -8.89
N GLY A 104 4.27 14.83 -7.58
CA GLY A 104 3.19 15.15 -6.67
C GLY A 104 2.30 13.96 -6.38
N LYS A 105 2.68 12.79 -6.90
CA LYS A 105 1.87 11.59 -6.75
C LYS A 105 2.70 10.43 -6.24
N TYR A 106 2.05 9.53 -5.53
CA TYR A 106 2.72 8.37 -4.98
C TYR A 106 2.62 7.18 -5.91
N TYR A 107 3.75 6.50 -6.07
CA TYR A 107 3.83 5.32 -6.91
C TYR A 107 4.64 4.25 -6.21
N VAL A 108 4.66 3.08 -6.79
CA VAL A 108 5.51 2.02 -6.30
C VAL A 108 6.35 1.48 -7.45
N TYR A 109 7.62 1.81 -7.44
CA TYR A 109 8.52 1.44 -8.51
C TYR A 109 8.89 -0.02 -8.38
N LEU A 110 8.34 -0.81 -9.26
CA LEU A 110 8.57 -2.22 -9.23
C LEU A 110 9.77 -2.59 -10.07
N LYS A 111 10.70 -3.31 -9.46
CA LYS A 111 11.86 -3.79 -10.16
C LYS A 111 11.55 -5.12 -10.83
N ASP A 112 10.46 -5.76 -10.41
CA ASP A 112 10.07 -7.05 -10.94
C ASP A 112 8.56 -7.06 -11.17
N ALA A 113 8.12 -6.22 -12.08
CA ALA A 113 6.71 -6.11 -12.40
C ALA A 113 6.21 -7.36 -13.12
N ALA A 114 7.11 -8.01 -13.83
CA ALA A 114 6.76 -9.15 -14.66
C ALA A 114 6.35 -10.37 -13.84
N HIS A 115 7.10 -10.66 -12.79
CA HIS A 115 6.87 -11.89 -12.02
C HIS A 115 6.16 -11.57 -10.71
N ALA A 116 5.56 -10.38 -10.66
CA ALA A 116 4.87 -9.88 -9.47
C ALA A 116 5.83 -9.63 -8.33
N ASP A 117 5.90 -8.38 -7.96
CA ASP A 117 6.71 -7.95 -6.84
C ASP A 117 5.82 -7.25 -5.84
N ASN A 118 4.90 -8.04 -5.27
CA ASN A 118 3.96 -7.58 -4.24
C ASN A 118 2.78 -6.89 -4.89
N ILE A 119 2.33 -7.40 -6.02
CA ILE A 119 1.25 -6.75 -6.75
C ILE A 119 0.10 -7.70 -6.99
N ARG A 120 -1.05 -7.32 -6.50
CA ARG A 120 -2.28 -8.02 -6.82
C ARG A 120 -3.08 -7.10 -7.73
N THR A 121 -3.40 -7.58 -8.93
CA THR A 121 -4.06 -6.74 -9.92
C THR A 121 -5.43 -6.32 -9.43
N LYS A 122 -6.00 -5.26 -9.99
CA LYS A 122 -7.36 -4.85 -9.60
C LYS A 122 -8.32 -5.99 -9.82
N GLU A 123 -8.00 -6.80 -10.81
CA GLU A 123 -8.78 -7.97 -11.12
C GLU A 123 -8.65 -9.01 -10.03
N GLU A 124 -7.43 -9.19 -9.54
CA GLU A 124 -7.18 -10.12 -8.47
C GLU A 124 -7.55 -9.52 -7.12
N ILE A 125 -7.53 -8.20 -7.01
CA ILE A 125 -7.96 -7.53 -5.79
C ILE A 125 -9.32 -8.04 -5.36
N LYS A 126 -10.29 -7.98 -6.27
CA LYS A 126 -11.65 -8.44 -5.95
C LYS A 126 -11.66 -9.93 -5.60
N ARG A 127 -10.68 -10.67 -6.13
CA ARG A 127 -10.51 -12.09 -5.80
C ARG A 127 -9.91 -12.23 -4.41
N GLN A 128 -8.97 -11.36 -4.11
CA GLN A 128 -8.28 -11.34 -2.84
C GLN A 128 -9.22 -10.85 -1.73
N LYS A 129 -10.29 -10.18 -2.13
CA LYS A 129 -11.30 -9.65 -1.21
C LYS A 129 -12.28 -10.74 -0.81
N GLN A 130 -12.12 -11.92 -1.40
CA GLN A 130 -12.98 -13.04 -1.11
C GLN A 130 -12.36 -13.88 0.01
N GLU A 131 -11.34 -14.55 -0.23
ZN ZN B . -8.65 -4.37 7.86
N SER A 12 -10.19 19.55 19.61
CA SER A 12 -9.91 18.73 18.41
C SER A 12 -10.34 17.29 18.65
N TYR A 13 -10.69 16.58 17.58
CA TYR A 13 -11.22 15.22 17.70
C TYR A 13 -10.46 14.24 16.83
N ILE A 14 -9.18 14.51 16.61
CA ILE A 14 -8.31 13.64 15.81
C ILE A 14 -8.65 13.72 14.32
N ASP A 15 -9.83 13.23 13.96
CA ASP A 15 -10.25 13.19 12.57
C ASP A 15 -11.58 13.90 12.37
N GLY A 16 -12.39 13.90 13.42
CA GLY A 16 -13.66 14.58 13.39
C GLY A 16 -14.76 13.81 12.68
N ASP A 17 -14.38 12.93 11.77
CA ASP A 17 -15.36 12.10 11.07
C ASP A 17 -15.42 10.71 11.71
N GLN A 18 -14.27 10.04 11.71
CA GLN A 18 -14.16 8.75 12.36
C GLN A 18 -13.56 8.93 13.74
N ALA A 19 -12.69 9.93 13.84
CA ALA A 19 -12.12 10.40 15.09
C ALA A 19 -11.40 9.30 15.87
N GLY A 20 -10.75 8.40 15.15
CA GLY A 20 -10.03 7.33 15.78
C GLY A 20 -9.93 6.11 14.88
N GLN A 21 -8.75 5.48 14.90
CA GLN A 21 -8.48 4.32 14.06
C GLN A 21 -8.58 4.68 12.58
N LYS A 22 -8.51 3.67 11.71
CA LYS A 22 -8.54 3.88 10.27
C LYS A 22 -7.43 4.82 9.85
N ALA A 23 -6.26 4.46 10.34
CA ALA A 23 -5.00 5.13 10.09
C ALA A 23 -3.96 4.48 10.97
N GLU A 24 -3.97 3.15 10.91
CA GLU A 24 -3.18 2.30 11.81
C GLU A 24 -1.77 2.80 12.00
N ASN A 25 -1.43 3.04 13.24
CA ASN A 25 -0.08 3.41 13.61
C ASN A 25 0.71 2.13 13.89
N LEU A 26 -0.03 1.06 14.15
CA LEU A 26 0.53 -0.24 14.44
C LEU A 26 1.14 -0.88 13.19
N THR A 27 1.96 -1.89 13.41
CA THR A 27 2.61 -2.61 12.33
C THR A 27 1.63 -3.59 11.67
N PRO A 28 1.79 -3.81 10.35
CA PRO A 28 0.79 -4.49 9.50
C PRO A 28 0.37 -5.86 10.00
N ASP A 29 1.28 -6.59 10.61
CA ASP A 29 0.98 -7.93 11.11
C ASP A 29 0.10 -7.81 12.34
N GLU A 30 0.54 -6.95 13.24
CA GLU A 30 -0.19 -6.59 14.44
C GLU A 30 -1.61 -6.17 14.10
N VAL A 31 -1.75 -5.40 13.04
CA VAL A 31 -3.06 -4.89 12.61
C VAL A 31 -4.03 -6.05 12.37
N SER A 32 -3.68 -6.86 11.40
CA SER A 32 -4.51 -7.95 10.96
C SER A 32 -4.83 -8.93 12.07
N LYS A 33 -3.78 -9.49 12.64
CA LYS A 33 -3.90 -10.47 13.71
C LYS A 33 -4.77 -9.98 14.87
N ARG A 34 -4.78 -8.68 15.11
CA ARG A 34 -5.59 -8.12 16.18
C ARG A 34 -7.02 -7.84 15.74
N GLU A 35 -7.20 -7.42 14.49
CA GLU A 35 -8.53 -7.10 13.99
C GLU A 35 -9.34 -8.35 13.68
N GLY A 36 -8.68 -9.35 13.12
CA GLY A 36 -9.36 -10.58 12.80
C GLY A 36 -8.82 -11.23 11.54
N ILE A 37 -8.94 -10.54 10.42
CA ILE A 37 -8.50 -11.09 9.14
C ILE A 37 -6.98 -11.11 9.06
N ASN A 38 -6.44 -12.11 8.40
CA ASN A 38 -4.99 -12.26 8.30
C ASN A 38 -4.53 -12.07 6.87
N ALA A 39 -5.44 -11.63 6.01
CA ALA A 39 -5.13 -11.43 4.60
C ALA A 39 -4.14 -10.29 4.41
N GLU A 40 -3.37 -10.37 3.33
CA GLU A 40 -2.30 -9.41 3.05
C GLU A 40 -2.83 -8.02 2.76
N GLN A 41 -2.13 -7.00 3.23
CA GLN A 41 -2.52 -5.62 3.01
C GLN A 41 -2.11 -5.16 1.62
N ILE A 42 -3.10 -4.90 0.79
CA ILE A 42 -2.87 -4.44 -0.57
C ILE A 42 -3.17 -2.95 -0.68
N VAL A 43 -2.12 -2.13 -0.64
CA VAL A 43 -2.28 -0.69 -0.67
C VAL A 43 -2.89 -0.22 -2.00
N ILE A 44 -4.11 0.30 -1.92
CA ILE A 44 -4.81 0.83 -3.08
C ILE A 44 -4.67 2.34 -3.16
N LYS A 45 -4.48 2.98 -2.01
CA LYS A 45 -4.31 4.42 -1.94
C LYS A 45 -3.02 4.78 -1.23
N ILE A 46 -2.34 5.81 -1.69
CA ILE A 46 -1.14 6.30 -1.00
C ILE A 46 -1.24 7.81 -0.77
N THR A 47 -0.70 8.25 0.35
CA THR A 47 -0.54 9.66 0.65
C THR A 47 0.81 9.88 1.35
N ASP A 48 1.11 11.09 1.75
CA ASP A 48 2.29 11.34 2.55
C ASP A 48 1.97 11.12 4.02
N GLN A 49 0.68 11.02 4.32
CA GLN A 49 0.21 10.79 5.68
C GLN A 49 0.14 9.29 5.97
N GLY A 50 -0.06 8.52 4.92
CA GLY A 50 -0.15 7.08 5.04
C GLY A 50 -0.67 6.45 3.78
N TYR A 51 -1.41 5.37 3.91
CA TYR A 51 -2.00 4.71 2.76
C TYR A 51 -3.32 4.08 3.13
N VAL A 52 -3.95 3.48 2.15
CA VAL A 52 -5.12 2.70 2.42
C VAL A 52 -5.03 1.39 1.65
N THR A 53 -5.39 0.31 2.30
CA THR A 53 -5.26 -1.01 1.71
C THR A 53 -6.62 -1.64 1.45
N SER A 54 -6.66 -2.55 0.50
CA SER A 54 -7.81 -3.41 0.31
C SER A 54 -7.41 -4.81 0.73
N HIS A 55 -7.61 -5.13 2.00
CA HIS A 55 -7.14 -6.39 2.53
C HIS A 55 -8.29 -7.15 3.17
N GLY A 56 -8.15 -8.47 3.23
CA GLY A 56 -9.21 -9.31 3.75
C GLY A 56 -10.43 -9.26 2.88
N ASP A 57 -11.38 -8.41 3.26
CA ASP A 57 -12.59 -8.23 2.49
C ASP A 57 -12.90 -6.74 2.33
N HIS A 58 -12.14 -5.89 3.00
CA HIS A 58 -12.49 -4.48 3.11
C HIS A 58 -11.31 -3.56 2.84
N TYR A 59 -11.59 -2.28 2.94
CA TYR A 59 -10.56 -1.26 2.83
C TYR A 59 -10.12 -0.84 4.22
N HIS A 60 -8.82 -0.84 4.44
CA HIS A 60 -8.30 -0.49 5.74
C HIS A 60 -7.23 0.58 5.59
N TYR A 61 -7.46 1.70 6.25
CA TYR A 61 -6.61 2.87 6.18
C TYR A 61 -5.48 2.78 7.21
N TYR A 62 -4.24 3.02 6.79
CA TYR A 62 -3.11 2.99 7.72
C TYR A 62 -2.31 4.29 7.60
N ASN A 63 -1.61 4.66 8.66
CA ASN A 63 -0.81 5.87 8.67
C ASN A 63 0.66 5.57 8.54
N GLY A 64 1.40 6.52 8.01
CA GLY A 64 2.83 6.41 7.97
C GLY A 64 3.36 5.90 6.65
N LYS A 65 4.48 5.21 6.71
CA LYS A 65 5.10 4.64 5.53
C LYS A 65 4.52 3.27 5.23
N VAL A 66 4.73 2.82 4.01
CA VAL A 66 4.37 1.48 3.62
C VAL A 66 5.48 0.53 4.07
N PRO A 67 5.13 -0.54 4.81
CA PRO A 67 6.13 -1.47 5.30
C PRO A 67 6.77 -2.26 4.19
N TYR A 68 8.00 -2.71 4.40
CA TYR A 68 8.77 -3.37 3.36
C TYR A 68 7.96 -4.50 2.71
N ASP A 69 7.28 -5.28 3.53
CA ASP A 69 6.61 -6.49 3.06
C ASP A 69 5.13 -6.26 2.75
N ALA A 70 4.71 -5.00 2.67
CA ALA A 70 3.33 -4.69 2.28
C ALA A 70 3.12 -4.97 0.80
N ILE A 71 1.87 -5.22 0.43
CA ILE A 71 1.50 -5.50 -0.93
C ILE A 71 0.85 -4.27 -1.56
N ILE A 72 1.10 -4.02 -2.83
CA ILE A 72 0.56 -2.85 -3.51
C ILE A 72 -0.39 -3.24 -4.62
N SER A 73 -1.35 -2.37 -4.90
CA SER A 73 -2.25 -2.53 -6.01
C SER A 73 -1.61 -2.03 -7.30
N GLU A 74 -1.88 -2.73 -8.39
CA GLU A 74 -1.30 -2.43 -9.70
C GLU A 74 -1.64 -1.03 -10.16
N GLU A 75 -2.76 -0.51 -9.65
CA GLU A 75 -3.20 0.84 -9.98
C GLU A 75 -2.17 1.88 -9.58
N LEU A 76 -1.35 1.54 -8.60
CA LEU A 76 -0.36 2.47 -8.07
C LEU A 76 1.02 2.21 -8.64
N LEU A 77 1.11 1.32 -9.62
CA LEU A 77 2.37 1.05 -10.28
C LEU A 77 2.87 2.28 -11.01
N MET A 78 4.18 2.43 -10.99
CA MET A 78 4.85 3.51 -11.67
C MET A 78 4.73 3.37 -13.18
N LYS A 79 4.77 4.51 -13.85
CA LYS A 79 4.80 4.61 -15.28
C LYS A 79 6.11 4.03 -15.81
N ASP A 80 6.12 3.79 -17.11
CA ASP A 80 7.14 3.03 -17.84
C ASP A 80 8.52 3.01 -17.20
N PRO A 81 9.21 1.86 -17.32
CA PRO A 81 10.54 1.64 -16.75
C PRO A 81 11.59 2.51 -17.40
N ASN A 82 11.15 3.29 -18.40
CA ASN A 82 11.99 4.33 -18.98
C ASN A 82 12.24 5.40 -17.93
N TYR A 83 11.34 5.44 -16.95
CA TYR A 83 11.57 6.21 -15.74
C TYR A 83 12.59 5.49 -14.90
N GLN A 84 13.53 6.25 -14.37
CA GLN A 84 14.52 5.66 -13.49
C GLN A 84 14.28 6.09 -12.05
N LEU A 85 14.34 5.10 -11.16
CA LEU A 85 14.06 5.31 -9.75
C LEU A 85 14.95 6.41 -9.18
N LYS A 86 14.33 7.53 -8.85
CA LYS A 86 15.07 8.69 -8.37
C LYS A 86 15.08 8.71 -6.85
N ASP A 87 16.26 8.77 -6.28
CA ASP A 87 16.44 8.74 -4.83
C ASP A 87 15.84 9.97 -4.18
N SER A 88 15.56 10.96 -4.99
CA SER A 88 14.98 12.21 -4.52
C SER A 88 13.44 12.10 -4.49
N ASP A 89 12.92 11.09 -5.19
CA ASP A 89 11.48 10.89 -5.24
C ASP A 89 11.09 9.73 -4.34
N ILE A 90 12.07 8.92 -3.97
CA ILE A 90 11.85 7.81 -3.06
C ILE A 90 11.52 8.32 -1.67
N VAL A 91 10.35 7.93 -1.19
CA VAL A 91 9.97 8.22 0.17
C VAL A 91 10.27 7.02 1.05
N ASN A 92 10.14 5.83 0.45
CA ASN A 92 10.39 4.57 1.15
C ASN A 92 10.55 3.43 0.15
N GLU A 93 11.05 2.30 0.62
CA GLU A 93 11.26 1.13 -0.22
C GLU A 93 10.48 -0.06 0.30
N ILE A 94 9.90 -0.82 -0.61
CA ILE A 94 9.18 -2.03 -0.28
C ILE A 94 9.78 -3.20 -1.05
N LYS A 95 9.20 -4.37 -0.92
CA LYS A 95 9.75 -5.55 -1.54
C LYS A 95 9.56 -5.53 -3.05
N GLY A 96 10.68 -5.43 -3.77
CA GLY A 96 10.62 -5.44 -5.21
C GLY A 96 10.28 -4.08 -5.79
N GLY A 97 9.48 -3.33 -5.08
CA GLY A 97 9.10 -2.01 -5.52
C GLY A 97 9.57 -0.92 -4.60
N TYR A 98 9.46 0.31 -5.05
CA TYR A 98 9.71 1.46 -4.21
C TYR A 98 8.46 2.30 -4.15
N VAL A 99 7.95 2.52 -2.95
CA VAL A 99 6.85 3.45 -2.81
C VAL A 99 7.42 4.86 -2.88
N ILE A 100 7.12 5.53 -3.97
CA ILE A 100 7.80 6.74 -4.33
C ILE A 100 6.83 7.86 -4.62
N LYS A 101 7.27 9.08 -4.38
CA LYS A 101 6.48 10.24 -4.72
C LYS A 101 7.24 11.06 -5.74
N VAL A 102 6.80 10.97 -6.98
CA VAL A 102 7.44 11.67 -8.06
C VAL A 102 6.46 12.65 -8.69
N ASP A 103 6.93 13.86 -8.94
CA ASP A 103 6.12 14.89 -9.57
C ASP A 103 4.86 15.19 -8.74
N GLY A 104 5.01 15.05 -7.43
CA GLY A 104 3.92 15.34 -6.52
C GLY A 104 2.92 14.20 -6.40
N LYS A 105 3.22 13.08 -7.04
CA LYS A 105 2.32 11.94 -7.06
C LYS A 105 3.01 10.68 -6.58
N TYR A 106 2.23 9.78 -6.01
CA TYR A 106 2.77 8.57 -5.44
C TYR A 106 2.62 7.39 -6.38
N TYR A 107 3.69 6.64 -6.52
CA TYR A 107 3.73 5.45 -7.35
C TYR A 107 4.50 4.37 -6.63
N VAL A 108 4.46 3.18 -7.19
CA VAL A 108 5.29 2.10 -6.71
C VAL A 108 6.16 1.59 -7.85
N TYR A 109 7.45 1.84 -7.71
CA TYR A 109 8.44 1.48 -8.70
C TYR A 109 8.78 0.02 -8.58
N LEU A 110 8.27 -0.77 -9.48
CA LEU A 110 8.53 -2.17 -9.45
C LEU A 110 9.74 -2.52 -10.29
N LYS A 111 10.70 -3.16 -9.66
CA LYS A 111 11.92 -3.59 -10.33
C LYS A 111 11.64 -4.84 -11.15
N ASP A 112 10.57 -5.54 -10.80
CA ASP A 112 10.14 -6.71 -11.56
C ASP A 112 8.65 -6.62 -11.83
N ALA A 113 8.31 -5.89 -12.90
CA ALA A 113 6.92 -5.70 -13.28
C ALA A 113 6.40 -6.91 -14.04
N ALA A 114 7.30 -7.85 -14.32
CA ALA A 114 6.97 -9.00 -15.15
C ALA A 114 6.25 -10.09 -14.39
N HIS A 115 6.74 -10.43 -13.20
CA HIS A 115 6.20 -11.58 -12.47
C HIS A 115 5.56 -11.19 -11.15
N ALA A 116 5.17 -9.92 -11.04
CA ALA A 116 4.51 -9.37 -9.86
C ALA A 116 5.36 -9.50 -8.60
N ASP A 117 5.94 -8.40 -8.20
CA ASP A 117 6.72 -8.34 -6.98
C ASP A 117 5.92 -7.64 -5.91
N ASN A 118 4.79 -8.27 -5.55
CA ASN A 118 3.84 -7.79 -4.52
C ASN A 118 2.83 -6.81 -5.12
N ILE A 119 2.63 -6.91 -6.42
CA ILE A 119 1.61 -6.10 -7.07
C ILE A 119 0.38 -6.94 -7.41
N ARG A 120 -0.74 -6.53 -6.84
CA ARG A 120 -2.02 -7.18 -7.08
C ARG A 120 -2.80 -6.38 -8.11
N THR A 121 -3.16 -7.03 -9.21
CA THR A 121 -3.98 -6.40 -10.22
C THR A 121 -5.36 -6.12 -9.67
N LYS A 122 -6.12 -5.26 -10.31
CA LYS A 122 -7.49 -5.02 -9.87
C LYS A 122 -8.27 -6.33 -9.88
N GLU A 123 -7.89 -7.22 -10.79
CA GLU A 123 -8.40 -8.57 -10.79
C GLU A 123 -7.97 -9.31 -9.52
N GLU A 124 -6.66 -9.33 -9.28
CA GLU A 124 -6.11 -10.10 -8.18
C GLU A 124 -6.40 -9.44 -6.83
N ILE A 125 -6.70 -8.14 -6.82
CA ILE A 125 -7.16 -7.47 -5.62
C ILE A 125 -8.42 -8.14 -5.11
N LYS A 126 -9.34 -8.41 -6.01
CA LYS A 126 -10.57 -9.10 -5.66
C LYS A 126 -10.30 -10.58 -5.40
N ARG A 127 -9.28 -11.10 -6.07
CA ARG A 127 -8.85 -12.48 -5.88
C ARG A 127 -8.22 -12.67 -4.49
N GLN A 128 -7.36 -11.73 -4.11
CA GLN A 128 -6.71 -11.77 -2.82
C GLN A 128 -7.70 -11.52 -1.69
N LYS A 129 -8.80 -10.84 -2.00
CA LYS A 129 -9.81 -10.55 -0.98
C LYS A 129 -10.81 -11.69 -0.87
N GLN A 130 -10.62 -12.72 -1.68
CA GLN A 130 -11.43 -13.93 -1.58
C GLN A 130 -11.01 -14.75 -0.37
N GLU A 131 -10.00 -15.48 -0.46
ZN ZN B . -8.71 -4.61 8.04
N SER A 12 -12.56 2.29 21.37
CA SER A 12 -13.61 3.34 21.40
C SER A 12 -14.79 2.87 20.56
N TYR A 13 -15.87 3.65 20.56
CA TYR A 13 -17.07 3.27 19.82
C TYR A 13 -17.52 4.41 18.92
N ILE A 14 -16.94 4.49 17.72
CA ILE A 14 -17.35 5.50 16.74
C ILE A 14 -18.78 5.23 16.27
N ASP A 15 -19.18 3.97 16.31
CA ASP A 15 -20.52 3.56 15.91
C ASP A 15 -20.94 2.32 16.66
N GLY A 16 -20.01 1.38 16.73
CA GLY A 16 -20.25 0.15 17.46
C GLY A 16 -20.23 -1.07 16.57
N ASP A 17 -20.40 -0.86 15.26
CA ASP A 17 -20.37 -1.97 14.31
C ASP A 17 -18.96 -2.52 14.19
N GLN A 18 -18.01 -1.63 13.96
CA GLN A 18 -16.60 -2.00 13.93
C GLN A 18 -15.87 -1.24 15.03
N ALA A 19 -15.99 0.09 14.97
CA ALA A 19 -15.42 0.99 15.98
C ALA A 19 -13.94 0.71 16.22
N GLY A 20 -13.14 0.84 15.18
CA GLY A 20 -11.72 0.70 15.32
C GLY A 20 -11.03 2.04 15.22
N GLN A 21 -9.87 2.06 14.60
CA GLN A 21 -9.18 3.32 14.35
C GLN A 21 -9.06 3.56 12.86
N LYS A 22 -8.72 4.78 12.48
CA LYS A 22 -8.54 5.12 11.09
C LYS A 22 -7.12 5.64 10.90
N ALA A 23 -6.50 5.19 9.82
CA ALA A 23 -5.09 5.47 9.56
C ALA A 23 -4.24 4.81 10.63
N GLU A 24 -4.11 3.50 10.50
CA GLU A 24 -3.42 2.66 11.47
C GLU A 24 -2.09 3.26 11.93
N ASN A 25 -2.06 3.69 13.18
CA ASN A 25 -0.87 4.29 13.76
C ASN A 25 0.19 3.22 14.02
N LEU A 26 -0.27 1.99 14.19
CA LEU A 26 0.62 0.87 14.45
C LEU A 26 1.03 0.18 13.14
N THR A 27 1.81 -0.86 13.28
CA THR A 27 2.41 -1.55 12.15
C THR A 27 1.45 -2.60 11.57
N PRO A 28 1.67 -3.03 10.31
CA PRO A 28 0.75 -3.88 9.55
C PRO A 28 0.22 -5.10 10.32
N ASP A 29 1.12 -5.83 10.97
CA ASP A 29 0.71 -7.05 11.68
C ASP A 29 -0.09 -6.67 12.90
N GLU A 30 0.40 -5.66 13.60
CA GLU A 30 -0.28 -5.08 14.74
C GLU A 30 -1.69 -4.69 14.35
N VAL A 31 -1.85 -4.24 13.11
CA VAL A 31 -3.17 -3.85 12.59
C VAL A 31 -4.09 -5.04 12.46
N SER A 32 -3.68 -5.94 11.58
CA SER A 32 -4.55 -6.99 11.09
C SER A 32 -4.91 -8.00 12.18
N LYS A 33 -3.93 -8.36 12.99
CA LYS A 33 -4.13 -9.36 14.02
C LYS A 33 -5.10 -8.87 15.09
N ARG A 34 -5.18 -7.56 15.25
CA ARG A 34 -6.13 -6.95 16.17
C ARG A 34 -7.55 -6.93 15.59
N GLU A 35 -7.67 -6.49 14.33
CA GLU A 35 -8.98 -6.44 13.69
C GLU A 35 -9.56 -7.84 13.48
N GLY A 36 -8.71 -8.78 13.11
CA GLY A 36 -9.15 -10.14 12.95
C GLY A 36 -8.55 -10.83 11.73
N ILE A 37 -8.70 -10.20 10.58
CA ILE A 37 -8.18 -10.74 9.33
C ILE A 37 -6.66 -10.69 9.31
N ASN A 38 -6.03 -11.74 8.81
CA ASN A 38 -4.58 -11.80 8.74
C ASN A 38 -4.14 -11.68 7.28
N ALA A 39 -5.05 -11.18 6.46
CA ALA A 39 -4.81 -11.02 5.02
C ALA A 39 -3.71 -9.99 4.75
N GLU A 40 -3.09 -10.11 3.58
CA GLU A 40 -2.05 -9.18 3.17
C GLU A 40 -2.65 -7.81 2.90
N GLN A 41 -1.94 -6.78 3.34
CA GLN A 41 -2.43 -5.42 3.20
C GLN A 41 -2.05 -4.85 1.85
N ILE A 42 -3.04 -4.75 0.98
CA ILE A 42 -2.84 -4.31 -0.39
C ILE A 42 -3.12 -2.81 -0.50
N VAL A 43 -2.08 -2.01 -0.48
CA VAL A 43 -2.22 -0.56 -0.58
C VAL A 43 -2.77 -0.19 -1.96
N ILE A 44 -4.04 0.20 -1.99
CA ILE A 44 -4.72 0.54 -3.25
C ILE A 44 -4.72 2.03 -3.46
N LYS A 45 -4.47 2.77 -2.40
CA LYS A 45 -4.36 4.20 -2.48
C LYS A 45 -3.20 4.68 -1.63
N ILE A 46 -2.43 5.60 -2.17
CA ILE A 46 -1.28 6.13 -1.47
C ILE A 46 -1.33 7.65 -1.49
N THR A 47 -1.14 8.27 -0.33
CA THR A 47 -1.08 9.72 -0.27
C THR A 47 0.08 10.15 0.63
N ASP A 48 0.23 11.45 0.84
CA ASP A 48 1.35 11.95 1.62
C ASP A 48 1.14 11.74 3.11
N GLN A 49 -0.08 11.98 3.57
CA GLN A 49 -0.40 11.90 4.99
C GLN A 49 -0.59 10.46 5.44
N GLY A 50 -0.83 9.57 4.48
CA GLY A 50 -1.02 8.16 4.78
C GLY A 50 -1.43 7.39 3.54
N TYR A 51 -1.84 6.15 3.70
CA TYR A 51 -2.29 5.36 2.56
C TYR A 51 -3.56 4.61 2.93
N VAL A 52 -4.16 3.95 1.94
CA VAL A 52 -5.36 3.16 2.17
C VAL A 52 -5.19 1.79 1.55
N THR A 53 -5.35 0.76 2.36
CA THR A 53 -5.13 -0.61 1.92
C THR A 53 -6.45 -1.34 1.73
N SER A 54 -6.55 -2.12 0.67
CA SER A 54 -7.70 -2.98 0.47
C SER A 54 -7.31 -4.39 0.88
N HIS A 55 -7.58 -4.73 2.13
CA HIS A 55 -7.14 -6.01 2.64
C HIS A 55 -8.30 -6.77 3.28
N GLY A 56 -8.16 -8.08 3.34
CA GLY A 56 -9.22 -8.91 3.88
C GLY A 56 -10.47 -8.84 3.05
N ASP A 57 -11.39 -7.97 3.43
CA ASP A 57 -12.66 -7.82 2.73
C ASP A 57 -12.96 -6.36 2.46
N HIS A 58 -12.15 -5.48 3.02
CA HIS A 58 -12.51 -4.07 3.06
C HIS A 58 -11.37 -3.15 2.73
N TYR A 59 -11.68 -1.87 2.73
CA TYR A 59 -10.67 -0.85 2.58
C TYR A 59 -10.32 -0.32 3.96
N HIS A 60 -9.06 -0.30 4.28
CA HIS A 60 -8.62 0.09 5.59
C HIS A 60 -7.64 1.24 5.47
N TYR A 61 -7.84 2.27 6.27
CA TYR A 61 -6.99 3.45 6.17
C TYR A 61 -5.75 3.25 7.02
N TYR A 62 -4.59 3.52 6.45
CA TYR A 62 -3.34 3.16 7.06
C TYR A 62 -2.40 4.36 7.17
N ASN A 63 -1.69 4.41 8.27
CA ASN A 63 -0.79 5.52 8.55
C ASN A 63 0.65 5.01 8.63
N GLY A 64 1.60 5.91 8.51
CA GLY A 64 3.00 5.53 8.63
C GLY A 64 3.64 5.32 7.29
N LYS A 65 4.53 4.34 7.22
CA LYS A 65 5.23 4.02 6.00
C LYS A 65 4.93 2.59 5.57
N VAL A 66 4.73 2.40 4.27
CA VAL A 66 4.50 1.07 3.72
C VAL A 66 5.65 0.16 4.11
N PRO A 67 5.35 -0.98 4.74
CA PRO A 67 6.38 -1.92 5.14
C PRO A 67 6.96 -2.64 3.94
N TYR A 68 8.18 -3.10 4.13
CA TYR A 68 9.01 -3.66 3.08
C TYR A 68 8.31 -4.80 2.33
N ASP A 69 7.43 -5.51 3.01
CA ASP A 69 6.80 -6.67 2.40
C ASP A 69 5.30 -6.42 2.13
N ALA A 70 4.86 -5.17 2.20
CA ALA A 70 3.46 -4.84 1.94
C ALA A 70 3.15 -4.96 0.45
N ILE A 71 1.89 -5.27 0.16
CA ILE A 71 1.44 -5.46 -1.19
C ILE A 71 0.75 -4.20 -1.72
N ILE A 72 0.96 -3.91 -2.99
CA ILE A 72 0.43 -2.71 -3.62
C ILE A 72 -0.55 -3.09 -4.74
N SER A 73 -1.43 -2.17 -5.08
CA SER A 73 -2.29 -2.30 -6.24
C SER A 73 -1.52 -1.99 -7.52
N GLU A 74 -1.80 -2.76 -8.57
CA GLU A 74 -1.11 -2.66 -9.85
C GLU A 74 -1.29 -1.28 -10.48
N GLU A 75 -2.37 -0.60 -10.10
CA GLU A 75 -2.62 0.74 -10.62
C GLU A 75 -1.59 1.73 -10.10
N LEU A 76 -1.00 1.42 -8.96
CA LEU A 76 -0.11 2.35 -8.28
C LEU A 76 1.34 2.14 -8.66
N LEU A 77 1.71 0.92 -9.01
CA LEU A 77 3.09 0.63 -9.32
C LEU A 77 3.57 1.45 -10.51
N MET A 78 4.86 1.69 -10.56
CA MET A 78 5.46 2.55 -11.55
C MET A 78 6.23 1.75 -12.59
N LYS A 79 5.63 1.55 -13.74
CA LYS A 79 6.38 1.15 -14.91
C LYS A 79 6.24 2.25 -15.93
N ASP A 80 7.28 3.08 -16.01
CA ASP A 80 7.27 4.23 -16.89
C ASP A 80 8.46 4.16 -17.83
N PRO A 81 8.27 4.46 -19.12
CA PRO A 81 9.36 4.45 -20.09
C PRO A 81 10.23 5.70 -20.03
N ASN A 82 9.76 6.73 -19.33
CA ASN A 82 10.52 7.97 -19.21
C ASN A 82 11.05 8.15 -17.78
N TYR A 83 10.43 7.46 -16.83
CA TYR A 83 10.79 7.65 -15.43
C TYR A 83 11.80 6.61 -14.97
N GLN A 84 12.79 7.11 -14.25
CA GLN A 84 13.74 6.27 -13.56
C GLN A 84 13.74 6.62 -12.09
N LEU A 85 13.91 5.61 -11.24
CA LEU A 85 13.77 5.76 -9.80
C LEU A 85 14.62 6.91 -9.26
N LYS A 86 13.94 7.95 -8.80
CA LYS A 86 14.60 9.14 -8.30
C LYS A 86 14.66 9.13 -6.78
N ASP A 87 15.85 9.29 -6.25
CA ASP A 87 16.07 9.23 -4.81
C ASP A 87 15.43 10.41 -4.10
N SER A 88 15.08 11.42 -4.89
CA SER A 88 14.45 12.61 -4.36
C SER A 88 12.94 12.41 -4.25
N ASP A 89 12.44 11.36 -4.90
CA ASP A 89 11.02 11.07 -4.90
C ASP A 89 10.73 9.84 -4.07
N ILE A 90 11.75 9.05 -3.83
CA ILE A 90 11.65 7.89 -2.96
C ILE A 90 11.28 8.30 -1.55
N VAL A 91 10.15 7.80 -1.09
CA VAL A 91 9.76 8.00 0.29
C VAL A 91 10.15 6.76 1.11
N ASN A 92 9.94 5.58 0.51
CA ASN A 92 10.25 4.33 1.18
C ASN A 92 10.56 3.23 0.14
N GLU A 93 11.13 2.12 0.61
CA GLU A 93 11.49 1.01 -0.25
C GLU A 93 10.77 -0.26 0.17
N ILE A 94 10.27 -1.00 -0.80
CA ILE A 94 9.64 -2.28 -0.53
C ILE A 94 10.39 -3.37 -1.29
N LYS A 95 9.91 -4.59 -1.20
CA LYS A 95 10.63 -5.72 -1.74
C LYS A 95 10.65 -5.70 -3.26
N GLY A 96 11.82 -5.47 -3.82
CA GLY A 96 11.97 -5.42 -5.26
C GLY A 96 11.62 -4.08 -5.84
N GLY A 97 10.62 -3.43 -5.26
CA GLY A 97 10.18 -2.14 -5.75
C GLY A 97 10.39 -1.02 -4.75
N TYR A 98 9.87 0.14 -5.09
CA TYR A 98 9.98 1.32 -4.25
C TYR A 98 8.66 2.06 -4.20
N VAL A 99 8.10 2.23 -3.02
CA VAL A 99 6.94 3.08 -2.88
C VAL A 99 7.41 4.53 -2.91
N ILE A 100 7.05 5.22 -3.97
CA ILE A 100 7.67 6.49 -4.31
C ILE A 100 6.62 7.56 -4.54
N LYS A 101 6.99 8.79 -4.27
CA LYS A 101 6.14 9.93 -4.56
C LYS A 101 6.83 10.83 -5.57
N VAL A 102 6.37 10.77 -6.81
CA VAL A 102 7.01 11.49 -7.89
C VAL A 102 6.03 12.46 -8.49
N ASP A 103 6.51 13.68 -8.73
CA ASP A 103 5.67 14.74 -9.28
C ASP A 103 4.44 14.94 -8.40
N GLY A 104 4.61 14.65 -7.11
CA GLY A 104 3.53 14.84 -6.14
C GLY A 104 2.67 13.61 -5.95
N LYS A 105 2.63 12.73 -6.94
CA LYS A 105 1.81 11.54 -6.87
C LYS A 105 2.60 10.33 -6.42
N TYR A 106 1.90 9.37 -5.86
CA TYR A 106 2.55 8.18 -5.33
C TYR A 106 2.47 7.02 -6.31
N TYR A 107 3.56 6.29 -6.37
CA TYR A 107 3.68 5.13 -7.23
C TYR A 107 4.49 4.07 -6.52
N VAL A 108 4.71 2.95 -7.18
CA VAL A 108 5.53 1.88 -6.64
C VAL A 108 6.45 1.31 -7.73
N TYR A 109 7.70 1.72 -7.68
CA TYR A 109 8.68 1.44 -8.71
C TYR A 109 9.26 0.07 -8.59
N LEU A 110 8.91 -0.79 -9.52
CA LEU A 110 9.50 -2.09 -9.56
C LEU A 110 10.78 -2.09 -10.39
N LYS A 111 11.82 -2.70 -9.84
CA LYS A 111 13.09 -2.81 -10.54
C LYS A 111 13.10 -4.01 -11.48
N ASP A 112 12.14 -4.91 -11.29
CA ASP A 112 12.00 -6.06 -12.16
C ASP A 112 10.56 -6.55 -12.15
N ALA A 113 9.82 -6.22 -13.20
CA ALA A 113 8.39 -6.53 -13.28
C ALA A 113 8.13 -8.05 -13.26
N ALA A 114 9.16 -8.83 -13.54
CA ALA A 114 9.01 -10.27 -13.63
C ALA A 114 8.75 -10.89 -12.26
N HIS A 115 9.36 -10.30 -11.21
CA HIS A 115 9.17 -10.80 -9.86
C HIS A 115 7.88 -10.29 -9.25
N ALA A 116 7.32 -9.26 -9.89
CA ALA A 116 6.15 -8.54 -9.39
C ALA A 116 6.49 -7.72 -8.15
N ASP A 117 5.95 -6.52 -8.09
CA ASP A 117 6.28 -5.60 -7.01
C ASP A 117 5.29 -5.75 -5.89
N ASN A 118 5.05 -6.99 -5.48
CA ASN A 118 4.13 -7.22 -4.39
C ASN A 118 2.80 -6.64 -4.83
N ILE A 119 2.32 -7.11 -5.97
CA ILE A 119 1.22 -6.45 -6.64
C ILE A 119 0.02 -7.36 -6.82
N ARG A 120 -1.12 -6.82 -6.46
CA ARG A 120 -2.38 -7.44 -6.79
C ARG A 120 -3.05 -6.59 -7.86
N THR A 121 -3.35 -7.20 -8.99
CA THR A 121 -4.07 -6.51 -10.05
C THR A 121 -5.45 -6.15 -9.57
N LYS A 122 -6.13 -5.22 -10.23
CA LYS A 122 -7.47 -4.86 -9.83
C LYS A 122 -8.37 -6.08 -9.86
N GLU A 123 -8.10 -6.99 -10.78
CA GLU A 123 -8.81 -8.25 -10.83
C GLU A 123 -8.43 -9.12 -9.64
N GLU A 124 -7.14 -9.14 -9.30
CA GLU A 124 -6.66 -9.96 -8.20
C GLU A 124 -7.07 -9.38 -6.86
N ILE A 125 -7.16 -8.07 -6.78
CA ILE A 125 -7.55 -7.43 -5.55
C ILE A 125 -8.88 -7.99 -5.07
N LYS A 126 -9.82 -8.11 -6.00
CA LYS A 126 -11.13 -8.69 -5.70
C LYS A 126 -10.99 -10.20 -5.44
N ARG A 127 -10.05 -10.83 -6.13
CA ARG A 127 -9.72 -12.23 -5.90
C ARG A 127 -9.20 -12.44 -4.48
N GLN A 128 -8.29 -11.58 -4.08
CA GLN A 128 -7.62 -11.67 -2.79
C GLN A 128 -8.53 -11.27 -1.63
N LYS A 129 -9.54 -10.45 -1.92
CA LYS A 129 -10.43 -9.96 -0.89
C LYS A 129 -11.54 -10.98 -0.56
N GLN A 130 -11.53 -12.11 -1.24
CA GLN A 130 -12.49 -13.15 -0.97
C GLN A 130 -12.02 -14.02 0.19
N GLU A 131 -12.60 -13.90 1.29
ZN ZN B . -8.73 -3.99 8.02
N SER A 12 -6.07 5.89 18.09
CA SER A 12 -5.35 5.35 19.26
C SER A 12 -5.97 4.04 19.71
N TYR A 13 -5.13 3.06 20.06
CA TYR A 13 -5.60 1.74 20.46
C TYR A 13 -5.71 1.64 21.97
N ILE A 14 -6.39 2.60 22.57
CA ILE A 14 -6.51 2.69 24.01
C ILE A 14 -7.55 1.69 24.53
N ASP A 15 -8.78 1.86 24.08
CA ASP A 15 -9.89 1.07 24.59
C ASP A 15 -10.28 -0.05 23.64
N GLY A 16 -10.51 0.31 22.41
CA GLY A 16 -10.92 -0.64 21.39
C GLY A 16 -12.31 -0.34 20.87
N ASP A 17 -13.12 0.30 21.70
CA ASP A 17 -14.41 0.81 21.27
C ASP A 17 -14.32 2.32 21.16
N GLN A 18 -13.56 2.91 22.07
CA GLN A 18 -13.24 4.33 22.02
C GLN A 18 -12.04 4.56 21.11
N ALA A 19 -11.68 3.52 20.36
CA ALA A 19 -10.53 3.57 19.48
C ALA A 19 -10.97 3.91 18.06
N GLY A 20 -10.27 4.84 17.43
CA GLY A 20 -10.63 5.26 16.11
C GLY A 20 -9.89 4.49 15.04
N GLN A 21 -10.17 4.85 13.81
CA GLN A 21 -9.60 4.18 12.66
C GLN A 21 -9.49 5.17 11.50
N LYS A 22 -9.51 4.66 10.26
CA LYS A 22 -9.40 5.48 9.07
C LYS A 22 -8.02 6.11 9.00
N ALA A 23 -7.08 5.28 9.48
CA ALA A 23 -5.64 5.56 9.58
C ALA A 23 -5.15 4.88 10.84
N GLU A 24 -4.81 3.60 10.72
CA GLU A 24 -4.36 2.82 11.85
C GLU A 24 -3.10 3.45 12.47
N ASN A 25 -2.87 3.18 13.75
CA ASN A 25 -1.66 3.67 14.41
C ASN A 25 -0.92 2.52 15.07
N LEU A 26 -1.39 1.32 14.81
CA LEU A 26 -0.74 0.10 15.24
C LEU A 26 0.40 -0.24 14.28
N THR A 27 1.05 -1.34 14.52
CA THR A 27 2.03 -1.84 13.57
C THR A 27 1.34 -2.75 12.56
N PRO A 28 1.81 -2.76 11.30
CA PRO A 28 1.09 -3.38 10.16
C PRO A 28 0.63 -4.81 10.42
N ASP A 29 1.45 -5.60 11.11
CA ASP A 29 1.15 -7.00 11.32
C ASP A 29 0.10 -7.14 12.42
N GLU A 30 0.28 -6.35 13.46
CA GLU A 30 -0.66 -6.23 14.56
C GLU A 30 -2.04 -5.86 14.03
N VAL A 31 -2.07 -4.99 13.03
CA VAL A 31 -3.31 -4.58 12.39
C VAL A 31 -4.13 -5.79 11.98
N SER A 32 -3.53 -6.58 11.12
CA SER A 32 -4.16 -7.72 10.52
C SER A 32 -4.59 -8.77 11.56
N LYS A 33 -3.65 -9.15 12.40
CA LYS A 33 -3.91 -10.16 13.43
C LYS A 33 -5.07 -9.77 14.34
N ARG A 34 -5.10 -8.51 14.77
CA ARG A 34 -6.15 -8.06 15.69
C ARG A 34 -7.51 -8.04 15.02
N GLU A 35 -7.57 -7.57 13.78
CA GLU A 35 -8.84 -7.50 13.05
C GLU A 35 -9.32 -8.90 12.68
N GLY A 36 -8.39 -9.80 12.36
CA GLY A 36 -8.76 -11.19 12.20
C GLY A 36 -8.57 -11.72 10.78
N ILE A 37 -8.73 -10.86 9.77
CA ILE A 37 -8.66 -11.34 8.39
C ILE A 37 -7.27 -11.82 8.01
N ASN A 38 -6.25 -11.10 8.49
CA ASN A 38 -4.84 -11.45 8.24
C ASN A 38 -4.49 -11.43 6.77
N ALA A 39 -5.39 -10.94 5.92
CA ALA A 39 -5.17 -10.91 4.49
C ALA A 39 -4.07 -9.91 4.13
N GLU A 40 -3.52 -10.06 2.93
CA GLU A 40 -2.43 -9.22 2.47
C GLU A 40 -2.88 -7.78 2.30
N GLN A 41 -2.18 -6.87 2.95
CA GLN A 41 -2.52 -5.47 2.91
C GLN A 41 -2.14 -4.85 1.57
N ILE A 42 -3.06 -4.94 0.61
CA ILE A 42 -2.84 -4.41 -0.73
C ILE A 42 -3.05 -2.90 -0.76
N VAL A 43 -1.97 -2.15 -0.70
CA VAL A 43 -2.05 -0.70 -0.77
C VAL A 43 -2.60 -0.26 -2.11
N ILE A 44 -3.84 0.23 -2.11
CA ILE A 44 -4.50 0.69 -3.33
C ILE A 44 -4.38 2.20 -3.46
N LYS A 45 -4.20 2.86 -2.33
CA LYS A 45 -4.02 4.30 -2.30
C LYS A 45 -2.81 4.65 -1.46
N ILE A 46 -2.06 5.65 -1.87
CA ILE A 46 -0.98 6.16 -1.04
C ILE A 46 -1.12 7.66 -0.89
N THR A 47 -0.69 8.19 0.25
CA THR A 47 -0.66 9.62 0.50
C THR A 47 0.57 9.98 1.33
N ASP A 48 0.67 11.24 1.71
CA ASP A 48 1.72 11.66 2.63
C ASP A 48 1.31 11.37 4.06
N GLN A 49 0.03 11.04 4.25
CA GLN A 49 -0.50 10.71 5.56
C GLN A 49 -0.56 9.19 5.74
N GLY A 50 0.14 8.49 4.87
CA GLY A 50 0.13 7.05 4.91
C GLY A 50 -0.43 6.46 3.64
N TYR A 51 -1.27 5.46 3.77
CA TYR A 51 -1.90 4.87 2.60
C TYR A 51 -3.20 4.19 2.95
N VAL A 52 -3.84 3.63 1.93
CA VAL A 52 -5.04 2.85 2.13
C VAL A 52 -4.89 1.52 1.43
N THR A 53 -5.16 0.44 2.15
CA THR A 53 -5.08 -0.89 1.59
C THR A 53 -6.46 -1.45 1.30
N SER A 54 -6.55 -2.34 0.33
CA SER A 54 -7.74 -3.11 0.11
C SER A 54 -7.44 -4.56 0.43
N HIS A 55 -7.65 -4.94 1.66
CA HIS A 55 -7.24 -6.26 2.10
C HIS A 55 -8.39 -6.99 2.78
N GLY A 56 -8.39 -8.31 2.67
CA GLY A 56 -9.42 -9.10 3.27
C GLY A 56 -10.73 -8.93 2.55
N ASP A 57 -11.51 -7.97 3.00
CA ASP A 57 -12.81 -7.69 2.41
C ASP A 57 -12.99 -6.19 2.18
N HIS A 58 -12.20 -5.38 2.87
CA HIS A 58 -12.46 -3.96 2.96
C HIS A 58 -11.26 -3.11 2.59
N TYR A 59 -11.46 -1.81 2.70
CA TYR A 59 -10.37 -0.87 2.57
C TYR A 59 -9.93 -0.46 3.97
N HIS A 60 -8.65 -0.55 4.22
CA HIS A 60 -8.12 -0.23 5.53
C HIS A 60 -7.17 0.93 5.42
N TYR A 61 -7.40 1.97 6.20
CA TYR A 61 -6.64 3.19 6.09
C TYR A 61 -5.50 3.13 7.10
N TYR A 62 -4.33 3.58 6.68
CA TYR A 62 -3.11 3.31 7.39
C TYR A 62 -2.21 4.53 7.40
N ASN A 63 -1.57 4.76 8.53
CA ASN A 63 -0.77 5.97 8.74
C ASN A 63 0.71 5.63 8.79
N GLY A 64 1.53 6.58 8.37
CA GLY A 64 2.97 6.39 8.41
C GLY A 64 3.53 5.82 7.12
N LYS A 65 4.70 5.19 7.23
CA LYS A 65 5.40 4.64 6.09
C LYS A 65 4.90 3.24 5.75
N VAL A 66 5.10 2.86 4.49
CA VAL A 66 4.73 1.53 4.03
C VAL A 66 5.74 0.51 4.53
N PRO A 67 5.28 -0.62 5.08
CA PRO A 67 6.18 -1.69 5.49
C PRO A 67 6.82 -2.34 4.28
N TYR A 68 8.04 -2.79 4.49
CA TYR A 68 8.91 -3.26 3.42
C TYR A 68 8.26 -4.38 2.61
N ASP A 69 7.44 -5.17 3.24
CA ASP A 69 6.86 -6.33 2.56
C ASP A 69 5.35 -6.14 2.34
N ALA A 70 4.90 -4.88 2.39
CA ALA A 70 3.52 -4.55 2.06
C ALA A 70 3.21 -4.90 0.61
N ILE A 71 1.98 -5.28 0.36
CA ILE A 71 1.51 -5.64 -0.95
C ILE A 71 0.88 -4.43 -1.63
N ILE A 72 1.17 -4.22 -2.90
CA ILE A 72 0.69 -3.03 -3.59
C ILE A 72 -0.31 -3.34 -4.69
N SER A 73 -1.22 -2.42 -4.92
CA SER A 73 -2.15 -2.49 -6.03
C SER A 73 -1.43 -2.14 -7.34
N GLU A 74 -1.84 -2.83 -8.39
CA GLU A 74 -1.23 -2.69 -9.70
C GLU A 74 -1.44 -1.29 -10.27
N GLU A 75 -2.43 -0.56 -9.75
CA GLU A 75 -2.71 0.79 -10.23
C GLU A 75 -1.60 1.76 -9.84
N LEU A 76 -0.85 1.41 -8.81
CA LEU A 76 0.17 2.31 -8.29
C LEU A 76 1.53 2.03 -8.91
N LEU A 77 1.59 1.05 -9.80
CA LEU A 77 2.84 0.72 -10.46
C LEU A 77 3.31 1.85 -11.35
N MET A 78 4.57 2.19 -11.20
CA MET A 78 5.17 3.23 -12.00
C MET A 78 5.75 2.66 -13.28
N LYS A 79 5.08 2.89 -14.39
CA LYS A 79 5.69 2.69 -15.68
C LYS A 79 5.54 3.98 -16.48
N ASP A 80 6.63 4.72 -16.51
CA ASP A 80 6.70 5.95 -17.24
C ASP A 80 7.83 5.89 -18.24
N PRO A 81 7.64 6.40 -19.46
CA PRO A 81 8.71 6.43 -20.46
C PRO A 81 9.78 7.46 -20.12
N ASN A 82 9.43 8.40 -19.26
CA ASN A 82 10.34 9.47 -18.87
C ASN A 82 10.80 9.32 -17.41
N TYR A 83 10.20 8.40 -16.66
CA TYR A 83 10.53 8.26 -15.25
C TYR A 83 11.32 7.00 -14.96
N GLN A 84 12.45 7.20 -14.34
CA GLN A 84 13.20 6.13 -13.71
C GLN A 84 13.21 6.40 -12.22
N LEU A 85 13.43 5.36 -11.44
CA LEU A 85 13.35 5.45 -9.99
C LEU A 85 14.22 6.59 -9.46
N LYS A 86 13.58 7.64 -8.98
CA LYS A 86 14.28 8.82 -8.49
C LYS A 86 14.60 8.71 -7.03
N ASP A 87 15.87 8.84 -6.70
CA ASP A 87 16.35 8.70 -5.34
C ASP A 87 15.77 9.78 -4.43
N SER A 88 15.45 10.91 -5.03
CA SER A 88 14.86 12.02 -4.29
C SER A 88 13.36 11.82 -4.11
N ASP A 89 12.75 11.05 -5.00
CA ASP A 89 11.30 10.85 -4.97
C ASP A 89 10.95 9.67 -4.08
N ILE A 90 11.95 8.85 -3.81
CA ILE A 90 11.80 7.71 -2.91
C ILE A 90 11.51 8.17 -1.50
N VAL A 91 10.34 7.84 -1.01
CA VAL A 91 10.00 8.11 0.37
C VAL A 91 10.30 6.87 1.22
N ASN A 92 10.20 5.70 0.59
CA ASN A 92 10.49 4.43 1.25
C ASN A 92 10.70 3.33 0.23
N GLU A 93 11.33 2.26 0.66
CA GLU A 93 11.60 1.12 -0.19
C GLU A 93 10.87 -0.11 0.35
N ILE A 94 10.23 -0.83 -0.56
CA ILE A 94 9.57 -2.05 -0.21
C ILE A 94 10.17 -3.18 -1.02
N LYS A 95 9.65 -4.38 -0.87
CA LYS A 95 10.19 -5.51 -1.58
C LYS A 95 9.86 -5.45 -3.05
N GLY A 96 10.89 -5.55 -3.85
CA GLY A 96 10.76 -5.50 -5.29
C GLY A 96 10.47 -4.11 -5.81
N GLY A 97 9.66 -3.36 -5.09
CA GLY A 97 9.27 -2.04 -5.52
C GLY A 97 9.73 -0.94 -4.60
N TYR A 98 9.54 0.30 -5.06
CA TYR A 98 9.82 1.46 -4.25
C TYR A 98 8.56 2.30 -4.14
N VAL A 99 8.10 2.52 -2.94
CA VAL A 99 6.97 3.40 -2.74
C VAL A 99 7.47 4.84 -2.82
N ILE A 100 7.08 5.52 -3.88
CA ILE A 100 7.73 6.75 -4.26
C ILE A 100 6.72 7.88 -4.45
N LYS A 101 7.15 9.08 -4.16
CA LYS A 101 6.33 10.25 -4.41
C LYS A 101 6.96 11.06 -5.54
N VAL A 102 6.35 10.97 -6.71
CA VAL A 102 6.87 11.65 -7.87
C VAL A 102 5.80 12.56 -8.45
N ASP A 103 6.20 13.78 -8.77
CA ASP A 103 5.31 14.74 -9.43
C ASP A 103 4.10 15.04 -8.54
N GLY A 104 4.29 14.91 -7.24
CA GLY A 104 3.23 15.20 -6.30
C GLY A 104 2.32 14.00 -6.06
N LYS A 105 2.59 12.91 -6.75
CA LYS A 105 1.77 11.72 -6.67
C LYS A 105 2.58 10.53 -6.21
N TYR A 106 1.91 9.60 -5.59
CA TYR A 106 2.57 8.41 -5.05
C TYR A 106 2.44 7.23 -6.00
N TYR A 107 3.53 6.50 -6.15
CA TYR A 107 3.57 5.32 -6.99
C TYR A 107 4.43 4.26 -6.31
N VAL A 108 4.49 3.11 -6.94
CA VAL A 108 5.38 2.04 -6.51
C VAL A 108 6.18 1.53 -7.69
N TYR A 109 7.47 1.79 -7.63
CA TYR A 109 8.39 1.37 -8.68
C TYR A 109 8.78 -0.06 -8.51
N LEU A 110 8.20 -0.91 -9.33
CA LEU A 110 8.51 -2.31 -9.24
C LEU A 110 9.59 -2.67 -10.23
N LYS A 111 10.63 -3.30 -9.70
CA LYS A 111 11.76 -3.71 -10.50
C LYS A 111 11.46 -5.01 -11.26
N ASP A 112 10.39 -5.68 -10.84
CA ASP A 112 9.99 -6.94 -11.42
C ASP A 112 8.49 -6.95 -11.69
N ALA A 113 8.05 -5.97 -12.47
CA ALA A 113 6.63 -5.75 -12.72
C ALA A 113 6.00 -6.87 -13.54
N ALA A 114 6.81 -7.60 -14.29
CA ALA A 114 6.30 -8.64 -15.15
C ALA A 114 6.32 -10.01 -14.46
N HIS A 115 6.97 -10.08 -13.31
CA HIS A 115 7.10 -11.34 -12.59
C HIS A 115 6.25 -11.33 -11.33
N ALA A 116 5.64 -10.17 -11.07
CA ALA A 116 4.87 -9.92 -9.85
C ALA A 116 5.75 -9.94 -8.62
N ASP A 117 5.94 -8.77 -8.06
CA ASP A 117 6.71 -8.62 -6.85
C ASP A 117 5.84 -7.92 -5.82
N ASN A 118 4.76 -8.62 -5.40
CA ASN A 118 3.82 -8.13 -4.37
C ASN A 118 2.74 -7.25 -4.98
N ILE A 119 2.66 -7.24 -6.29
CA ILE A 119 1.63 -6.46 -6.94
C ILE A 119 0.41 -7.31 -7.22
N ARG A 120 -0.69 -6.93 -6.60
CA ARG A 120 -1.96 -7.58 -6.84
C ARG A 120 -2.73 -6.78 -7.86
N THR A 121 -3.12 -7.42 -8.94
CA THR A 121 -3.90 -6.75 -9.95
C THR A 121 -5.25 -6.35 -9.38
N LYS A 122 -5.87 -5.33 -9.94
CA LYS A 122 -7.20 -4.94 -9.47
C LYS A 122 -8.14 -6.12 -9.58
N GLU A 123 -7.85 -6.97 -10.55
CA GLU A 123 -8.56 -8.20 -10.74
C GLU A 123 -8.32 -9.15 -9.56
N GLU A 124 -7.06 -9.33 -9.19
CA GLU A 124 -6.69 -10.24 -8.13
C GLU A 124 -7.03 -9.65 -6.76
N ILE A 125 -7.04 -8.33 -6.65
CA ILE A 125 -7.46 -7.68 -5.42
C ILE A 125 -8.86 -8.14 -5.05
N LYS A 126 -9.76 -8.07 -6.03
CA LYS A 126 -11.12 -8.55 -5.83
C LYS A 126 -11.14 -10.07 -5.76
N ARG A 127 -10.29 -10.68 -6.55
CA ARG A 127 -10.15 -12.14 -6.62
C ARG A 127 -9.83 -12.74 -5.25
N GLN A 128 -8.86 -12.15 -4.55
CA GLN A 128 -8.46 -12.68 -3.26
C GLN A 128 -9.36 -12.16 -2.13
N LYS A 129 -9.99 -11.01 -2.34
CA LYS A 129 -10.86 -10.44 -1.31
C LYS A 129 -12.18 -11.21 -1.24
N GLN A 130 -12.57 -11.81 -2.35
CA GLN A 130 -13.75 -12.64 -2.40
C GLN A 130 -13.35 -14.11 -2.51
N GLU A 131 -12.88 -14.67 -1.50
ZN ZN B . -8.37 -4.38 7.66
N SER A 12 -16.45 17.39 14.74
CA SER A 12 -15.32 16.50 15.04
C SER A 12 -14.00 17.26 15.03
N TYR A 13 -13.70 17.86 13.88
CA TYR A 13 -12.49 18.68 13.72
C TYR A 13 -11.22 17.89 14.02
N ILE A 14 -10.92 16.96 13.12
CA ILE A 14 -9.73 16.13 13.24
C ILE A 14 -9.80 15.22 14.47
N ASP A 15 -10.51 14.11 14.31
CA ASP A 15 -10.59 13.08 15.34
C ASP A 15 -11.64 12.05 14.97
N GLY A 16 -11.18 10.92 14.43
CA GLY A 16 -12.10 9.89 14.00
C GLY A 16 -12.06 9.65 12.50
N ASP A 17 -11.27 10.45 11.80
CA ASP A 17 -11.12 10.31 10.36
C ASP A 17 -9.67 10.02 9.98
N GLN A 18 -8.76 10.79 10.55
CA GLN A 18 -7.35 10.61 10.33
C GLN A 18 -6.60 10.52 11.66
N ALA A 19 -7.03 11.33 12.61
CA ALA A 19 -6.42 11.34 13.93
C ALA A 19 -7.32 10.63 14.94
N GLY A 20 -6.72 9.87 15.85
CA GLY A 20 -7.49 9.17 16.86
C GLY A 20 -8.07 7.87 16.33
N GLN A 21 -8.87 7.97 15.28
CA GLN A 21 -9.44 6.80 14.63
C GLN A 21 -9.15 6.86 13.14
N LYS A 22 -8.87 5.68 12.56
CA LYS A 22 -8.47 5.56 11.16
C LYS A 22 -7.05 6.08 10.96
N ALA A 23 -6.45 5.68 9.85
CA ALA A 23 -5.06 6.00 9.57
C ALA A 23 -4.17 5.45 10.68
N GLU A 24 -4.17 4.13 10.78
CA GLU A 24 -3.46 3.39 11.82
C GLU A 24 -2.04 3.91 12.04
N ASN A 25 -1.78 4.37 13.25
CA ASN A 25 -0.43 4.73 13.65
C ASN A 25 0.32 3.47 14.08
N LEU A 26 -0.45 2.43 14.38
CA LEU A 26 0.10 1.13 14.73
C LEU A 26 0.80 0.51 13.53
N THR A 27 1.61 -0.50 13.78
CA THR A 27 2.34 -1.15 12.70
C THR A 27 1.46 -2.15 11.98
N PRO A 28 1.69 -2.39 10.68
CA PRO A 28 0.85 -3.26 9.85
C PRO A 28 0.48 -4.58 10.53
N ASP A 29 1.43 -5.16 11.24
CA ASP A 29 1.25 -6.46 11.88
C ASP A 29 0.22 -6.34 12.99
N GLU A 30 0.43 -5.34 13.83
CA GLU A 30 -0.48 -5.06 14.93
C GLU A 30 -1.88 -4.83 14.39
N VAL A 31 -1.94 -4.13 13.26
CA VAL A 31 -3.22 -3.80 12.64
C VAL A 31 -4.02 -5.05 12.32
N SER A 32 -3.46 -5.88 11.45
CA SER A 32 -4.16 -7.02 10.91
C SER A 32 -4.51 -8.05 11.99
N LYS A 33 -3.62 -8.21 12.96
CA LYS A 33 -3.84 -9.15 14.04
C LYS A 33 -5.00 -8.73 14.93
N ARG A 34 -5.08 -7.44 15.24
CA ARG A 34 -6.10 -6.93 16.13
C ARG A 34 -7.48 -6.92 15.48
N GLU A 35 -7.52 -6.78 14.15
CA GLU A 35 -8.78 -6.78 13.43
C GLU A 35 -9.27 -8.20 13.14
N GLY A 36 -8.36 -9.10 12.83
CA GLY A 36 -8.73 -10.50 12.68
C GLY A 36 -8.43 -11.07 11.31
N ILE A 37 -8.83 -10.36 10.25
CA ILE A 37 -8.68 -10.87 8.89
C ILE A 37 -7.25 -11.31 8.59
N ASN A 38 -6.30 -10.45 8.93
CA ASN A 38 -4.86 -10.76 8.83
C ASN A 38 -4.41 -10.92 7.37
N ALA A 39 -5.35 -10.76 6.44
CA ALA A 39 -5.05 -10.87 5.02
C ALA A 39 -4.02 -9.83 4.58
N GLU A 40 -3.37 -10.08 3.45
CA GLU A 40 -2.29 -9.22 2.99
C GLU A 40 -2.79 -7.83 2.63
N GLN A 41 -2.05 -6.84 3.10
CA GLN A 41 -2.45 -5.46 2.95
C GLN A 41 -2.07 -4.92 1.58
N ILE A 42 -3.06 -4.81 0.72
CA ILE A 42 -2.84 -4.39 -0.65
C ILE A 42 -3.13 -2.89 -0.80
N VAL A 43 -2.07 -2.10 -0.78
CA VAL A 43 -2.19 -0.65 -0.87
C VAL A 43 -2.78 -0.25 -2.22
N ILE A 44 -4.03 0.21 -2.19
CA ILE A 44 -4.72 0.65 -3.38
C ILE A 44 -4.62 2.16 -3.53
N LYS A 45 -4.40 2.82 -2.40
CA LYS A 45 -4.23 4.26 -2.38
C LYS A 45 -3.01 4.62 -1.57
N ILE A 46 -2.25 5.60 -2.04
CA ILE A 46 -1.12 6.08 -1.28
C ILE A 46 -1.20 7.59 -1.12
N THR A 47 -0.83 8.06 0.05
CA THR A 47 -0.77 9.48 0.32
C THR A 47 0.55 9.83 1.01
N ASP A 48 0.80 11.10 1.25
CA ASP A 48 2.06 11.52 1.83
C ASP A 48 2.22 10.95 3.24
N GLN A 49 1.15 11.04 4.02
CA GLN A 49 1.19 10.66 5.43
C GLN A 49 0.84 9.19 5.66
N GLY A 50 0.36 8.50 4.64
CA GLY A 50 -0.03 7.10 4.81
C GLY A 50 -0.59 6.50 3.54
N TYR A 51 -1.35 5.42 3.68
CA TYR A 51 -1.94 4.75 2.52
C TYR A 51 -3.27 4.13 2.87
N VAL A 52 -3.93 3.59 1.86
CA VAL A 52 -5.15 2.85 2.06
C VAL A 52 -5.04 1.50 1.36
N THR A 53 -5.22 0.43 2.12
CA THR A 53 -5.10 -0.91 1.56
C THR A 53 -6.48 -1.55 1.40
N SER A 54 -6.68 -2.27 0.32
CA SER A 54 -7.85 -3.11 0.18
C SER A 54 -7.45 -4.51 0.61
N HIS A 55 -7.60 -4.79 1.89
CA HIS A 55 -7.11 -6.05 2.42
C HIS A 55 -8.23 -6.77 3.15
N GLY A 56 -8.10 -8.08 3.26
CA GLY A 56 -9.14 -8.87 3.87
C GLY A 56 -10.41 -8.83 3.07
N ASP A 57 -11.30 -7.92 3.44
CA ASP A 57 -12.56 -7.75 2.73
C ASP A 57 -12.86 -6.27 2.49
N HIS A 58 -12.05 -5.40 3.07
CA HIS A 58 -12.39 -3.98 3.12
C HIS A 58 -11.24 -3.07 2.75
N TYR A 59 -11.51 -1.78 2.78
CA TYR A 59 -10.48 -0.77 2.60
C TYR A 59 -10.04 -0.31 3.98
N HIS A 60 -8.75 -0.28 4.21
CA HIS A 60 -8.23 0.09 5.50
C HIS A 60 -7.18 1.19 5.34
N TYR A 61 -7.38 2.30 6.03
CA TYR A 61 -6.52 3.47 5.91
C TYR A 61 -5.48 3.46 7.03
N TYR A 62 -4.21 3.59 6.67
CA TYR A 62 -3.13 3.59 7.66
C TYR A 62 -2.33 4.89 7.58
N ASN A 63 -1.50 5.12 8.59
CA ASN A 63 -0.62 6.28 8.63
C ASN A 63 0.82 5.82 8.83
N GLY A 64 1.76 6.64 8.40
CA GLY A 64 3.16 6.30 8.55
C GLY A 64 3.80 5.92 7.22
N LYS A 65 4.80 5.06 7.28
CA LYS A 65 5.48 4.59 6.08
C LYS A 65 4.89 3.25 5.65
N VAL A 66 5.18 2.87 4.41
CA VAL A 66 4.73 1.60 3.87
C VAL A 66 5.70 0.51 4.30
N PRO A 67 5.20 -0.62 4.81
CA PRO A 67 6.04 -1.73 5.21
C PRO A 67 6.77 -2.33 4.02
N TYR A 68 7.90 -2.96 4.30
CA TYR A 68 8.77 -3.49 3.28
C TYR A 68 8.10 -4.62 2.51
N ASP A 69 7.31 -5.42 3.20
CA ASP A 69 6.64 -6.55 2.55
C ASP A 69 5.22 -6.19 2.12
N ALA A 70 4.89 -4.90 2.20
CA ALA A 70 3.57 -4.43 1.81
C ALA A 70 3.23 -4.78 0.38
N ILE A 71 1.97 -5.09 0.16
CA ILE A 71 1.49 -5.43 -1.17
C ILE A 71 0.81 -4.22 -1.78
N ILE A 72 0.98 -4.02 -3.07
CA ILE A 72 0.43 -2.86 -3.74
C ILE A 72 -0.54 -3.27 -4.83
N SER A 73 -1.50 -2.39 -5.09
CA SER A 73 -2.39 -2.54 -6.22
C SER A 73 -1.66 -2.19 -7.50
N GLU A 74 -1.94 -2.95 -8.56
CA GLU A 74 -1.30 -2.73 -9.84
C GLU A 74 -1.70 -1.37 -10.42
N GLU A 75 -2.77 -0.80 -9.88
CA GLU A 75 -3.25 0.51 -10.31
C GLU A 75 -2.20 1.57 -10.03
N LEU A 76 -1.35 1.30 -9.04
CA LEU A 76 -0.37 2.28 -8.60
C LEU A 76 1.02 2.00 -9.16
N LEU A 77 1.11 1.02 -10.05
CA LEU A 77 2.37 0.68 -10.69
C LEU A 77 2.95 1.86 -11.43
N MET A 78 4.25 2.01 -11.32
CA MET A 78 4.95 3.06 -12.00
C MET A 78 5.67 2.53 -13.23
N LYS A 79 5.12 2.79 -14.40
CA LYS A 79 5.85 2.57 -15.63
C LYS A 79 5.65 3.77 -16.55
N ASP A 80 6.66 4.61 -16.58
CA ASP A 80 6.63 5.81 -17.39
C ASP A 80 7.82 5.79 -18.34
N PRO A 81 7.62 6.20 -19.60
CA PRO A 81 8.68 6.18 -20.61
C PRO A 81 9.81 7.15 -20.28
N ASN A 82 9.51 8.11 -19.41
CA ASN A 82 10.50 9.09 -18.98
C ASN A 82 10.90 8.85 -17.52
N TYR A 83 10.31 7.82 -16.90
CA TYR A 83 10.52 7.55 -15.49
C TYR A 83 11.85 6.89 -15.21
N GLN A 84 12.52 7.41 -14.20
CA GLN A 84 13.61 6.72 -13.57
C GLN A 84 13.57 6.94 -12.07
N LEU A 85 13.78 5.86 -11.32
CA LEU A 85 13.73 5.88 -9.87
C LEU A 85 14.66 6.95 -9.32
N LYS A 86 14.07 7.98 -8.73
CA LYS A 86 14.83 9.09 -8.19
C LYS A 86 14.88 8.98 -6.68
N ASP A 87 16.08 9.05 -6.15
CA ASP A 87 16.32 8.93 -4.72
C ASP A 87 15.59 10.04 -3.95
N SER A 88 15.28 11.12 -4.65
CA SER A 88 14.61 12.26 -4.07
C SER A 88 13.10 12.05 -4.07
N ASP A 89 12.62 11.13 -4.88
CA ASP A 89 11.20 10.84 -4.96
C ASP A 89 10.87 9.69 -4.04
N ILE A 90 11.86 8.84 -3.81
CA ILE A 90 11.74 7.72 -2.92
C ILE A 90 11.43 8.16 -1.50
N VAL A 91 10.25 7.79 -1.03
CA VAL A 91 9.88 8.03 0.35
C VAL A 91 10.23 6.81 1.18
N ASN A 92 10.14 5.64 0.54
CA ASN A 92 10.42 4.36 1.19
C ASN A 92 10.63 3.28 0.14
N GLU A 93 11.19 2.16 0.56
CA GLU A 93 11.44 1.04 -0.34
C GLU A 93 10.71 -0.20 0.16
N ILE A 94 10.08 -0.90 -0.76
CA ILE A 94 9.44 -2.16 -0.43
C ILE A 94 10.20 -3.29 -1.11
N LYS A 95 9.73 -4.51 -0.95
CA LYS A 95 10.45 -5.65 -1.45
C LYS A 95 10.36 -5.72 -2.96
N GLY A 96 11.50 -5.52 -3.61
CA GLY A 96 11.54 -5.54 -5.05
C GLY A 96 11.10 -4.23 -5.66
N GLY A 97 10.21 -3.52 -4.98
CA GLY A 97 9.74 -2.25 -5.47
C GLY A 97 10.11 -1.07 -4.61
N TYR A 98 9.67 0.11 -5.02
CA TYR A 98 9.85 1.33 -4.26
C TYR A 98 8.53 2.08 -4.18
N VAL A 99 8.07 2.34 -2.99
CA VAL A 99 6.91 3.20 -2.84
C VAL A 99 7.40 4.64 -2.90
N ILE A 100 7.05 5.33 -3.97
CA ILE A 100 7.68 6.58 -4.31
C ILE A 100 6.67 7.69 -4.51
N LYS A 101 7.10 8.89 -4.22
CA LYS A 101 6.29 10.06 -4.48
C LYS A 101 7.00 10.94 -5.48
N VAL A 102 6.54 10.92 -6.71
CA VAL A 102 7.15 11.70 -7.76
C VAL A 102 6.15 12.71 -8.28
N ASP A 103 6.60 13.95 -8.41
CA ASP A 103 5.79 15.03 -8.95
C ASP A 103 4.52 15.25 -8.09
N GLY A 104 4.65 14.95 -6.80
CA GLY A 104 3.56 15.17 -5.87
C GLY A 104 2.58 14.00 -5.82
N LYS A 105 2.88 12.96 -6.58
CA LYS A 105 2.00 11.79 -6.65
C LYS A 105 2.73 10.54 -6.23
N TYR A 106 2.01 9.61 -5.66
CA TYR A 106 2.60 8.37 -5.19
C TYR A 106 2.44 7.26 -6.20
N TYR A 107 3.50 6.50 -6.37
CA TYR A 107 3.52 5.35 -7.26
C TYR A 107 4.33 4.25 -6.62
N VAL A 108 4.25 3.08 -7.20
CA VAL A 108 5.09 1.99 -6.76
C VAL A 108 5.95 1.49 -7.89
N TYR A 109 7.24 1.64 -7.68
CA TYR A 109 8.26 1.19 -8.60
C TYR A 109 8.42 -0.29 -8.44
N LEU A 110 8.43 -0.99 -9.54
CA LEU A 110 8.72 -2.39 -9.49
C LEU A 110 9.93 -2.75 -10.32
N LYS A 111 10.88 -3.40 -9.69
CA LYS A 111 12.06 -3.87 -10.38
C LYS A 111 11.75 -5.16 -11.12
N ASP A 112 10.65 -5.78 -10.76
CA ASP A 112 10.23 -7.03 -11.37
C ASP A 112 8.72 -7.05 -11.54
N ALA A 113 8.25 -6.42 -12.61
CA ALA A 113 6.82 -6.36 -12.87
C ALA A 113 6.30 -7.68 -13.41
N ALA A 114 7.21 -8.55 -13.84
CA ALA A 114 6.84 -9.80 -14.48
C ALA A 114 6.54 -10.89 -13.45
N HIS A 115 7.40 -11.01 -12.45
CA HIS A 115 7.30 -12.12 -11.51
C HIS A 115 6.50 -11.73 -10.28
N ALA A 116 5.91 -10.53 -10.34
CA ALA A 116 5.13 -9.96 -9.25
C ALA A 116 5.96 -9.74 -8.00
N ASP A 117 6.22 -8.50 -7.73
CA ASP A 117 6.91 -8.09 -6.53
C ASP A 117 5.98 -7.28 -5.67
N ASN A 118 4.96 -7.99 -5.16
CA ASN A 118 4.00 -7.46 -4.21
C ASN A 118 2.87 -6.75 -4.94
N ILE A 119 2.45 -7.29 -6.06
CA ILE A 119 1.44 -6.62 -6.86
C ILE A 119 0.22 -7.49 -7.09
N ARG A 120 -0.91 -6.99 -6.63
CA ARG A 120 -2.19 -7.61 -6.90
C ARG A 120 -2.92 -6.77 -7.92
N THR A 121 -3.27 -7.39 -9.03
CA THR A 121 -4.00 -6.70 -10.07
C THR A 121 -5.38 -6.30 -9.59
N LYS A 122 -6.05 -5.40 -10.26
CA LYS A 122 -7.41 -5.03 -9.88
C LYS A 122 -8.30 -6.26 -9.86
N GLU A 123 -7.94 -7.22 -10.71
CA GLU A 123 -8.61 -8.51 -10.73
C GLU A 123 -8.21 -9.33 -9.51
N GLU A 124 -6.90 -9.41 -9.26
CA GLU A 124 -6.38 -10.24 -8.17
C GLU A 124 -6.72 -9.66 -6.82
N ILE A 125 -6.84 -8.35 -6.76
CA ILE A 125 -7.22 -7.70 -5.52
C ILE A 125 -8.55 -8.25 -5.04
N LYS A 126 -9.51 -8.28 -5.95
CA LYS A 126 -10.83 -8.83 -5.64
C LYS A 126 -10.74 -10.33 -5.38
N ARG A 127 -9.74 -10.98 -5.98
CA ARG A 127 -9.46 -12.38 -5.73
C ARG A 127 -8.86 -12.57 -4.34
N GLN A 128 -7.93 -11.68 -3.99
CA GLN A 128 -7.27 -11.71 -2.70
C GLN A 128 -8.23 -11.39 -1.56
N LYS A 129 -9.22 -10.56 -1.86
CA LYS A 129 -10.16 -10.11 -0.84
C LYS A 129 -11.24 -11.17 -0.57
N GLN A 130 -11.16 -12.29 -1.26
CA GLN A 130 -12.05 -13.40 -1.01
C GLN A 130 -11.58 -14.18 0.22
N GLU A 131 -10.68 -15.03 0.07
ZN ZN B . -8.45 -4.00 7.89
#